data_3Q6D
#
_entry.id   3Q6D
#
_cell.length_a   59.502
_cell.length_b   107.912
_cell.length_c   252.850
_cell.angle_alpha   90.00
_cell.angle_beta   90.00
_cell.angle_gamma   90.00
#
_symmetry.space_group_name_H-M   'P 21 21 21'
#
loop_
_entity.id
_entity.type
_entity.pdbx_description
1 polymer 'Proline dipeptidase'
2 non-polymer GLYCEROL
3 non-polymer 'CALCIUM ION'
4 water water
#
_entity_poly.entity_id   1
_entity_poly.type   'polypeptide(L)'
_entity_poly.pdbx_seq_one_letter_code
;SNAMEKIERLRSAFDEAGIDGILLTNEHSRRYMANFTGTAGVVLISKKRAQFITDFRYVEQASKQAVGYEIVQHAGLIID
EVAKQVKELGIQKLGFEQDTLTYSSYSAHKEAIDAEFIPTSGLVEKLRLIKTDSEIKILKEAAQIADAAFEHILSFIRPG
VSEIEVSNELEFFMRKQGATSSSFDIIVASGLRSALPHGVASEKVIETGDFVTLDFGAYYKGYCSDITRTIAVGEPSDKL
KEIYNIVLEAQLRGVNGIKAGLTGREADALTRDYITEKGYGEYFGHSTGHGIGLEIHEAPGLAFRSDTVLEPGMAVTVEP
GIYIPGIGGVRIEDDIIVTSEGNEVITKSPKELIIL
;
_entity_poly.pdbx_strand_id   A,B,C,D
#
# COMPACT_ATOMS: atom_id res chain seq x y z
N ASN A 2 30.66 -1.85 23.30
CA ASN A 2 29.85 -1.34 22.15
C ASN A 2 28.95 -2.35 21.40
N ALA A 3 29.20 -3.66 21.45
CA ALA A 3 28.08 -4.57 21.16
C ALA A 3 26.98 -4.22 22.22
N MET A 4 27.44 -3.93 23.45
CA MET A 4 26.60 -3.33 24.50
C MET A 4 25.72 -2.17 24.05
N GLU A 5 26.27 -1.30 23.21
CA GLU A 5 25.61 -0.06 22.85
C GLU A 5 24.57 -0.30 21.77
N LYS A 6 24.85 -1.21 20.83
CA LYS A 6 23.82 -1.58 19.84
C LYS A 6 22.60 -2.19 20.52
N ILE A 7 22.86 -3.08 21.46
CA ILE A 7 21.79 -3.73 22.19
C ILE A 7 20.99 -2.64 22.93
N GLU A 8 21.67 -1.67 23.53
CA GLU A 8 20.93 -0.59 24.20
C GLU A 8 20.06 0.22 23.25
N ARG A 9 20.57 0.49 22.06
CA ARG A 9 19.83 1.28 21.08
C ARG A 9 18.67 0.50 20.49
N LEU A 10 18.86 -0.81 20.30
CA LEU A 10 17.75 -1.68 19.83
C LEU A 10 16.66 -1.70 20.91
N ARG A 11 17.06 -1.87 22.15
CA ARG A 11 16.09 -1.94 23.25
C ARG A 11 15.21 -0.65 23.27
N SER A 12 15.79 0.49 22.92
CA SER A 12 15.05 1.75 22.92
C SER A 12 13.85 1.75 21.95
N ALA A 13 13.84 0.84 20.98
CA ALA A 13 12.78 0.73 20.00
C ALA A 13 11.60 -0.09 20.44
N PHE A 14 11.74 -0.81 21.53
CA PHE A 14 10.81 -1.87 21.94
C PHE A 14 9.38 -1.37 22.21
N ASP A 15 9.29 -0.33 23.03
CA ASP A 15 7.99 0.21 23.42
C ASP A 15 7.18 0.61 22.21
N GLU A 16 7.74 1.43 21.35
CA GLU A 16 7.10 1.72 20.05
C GLU A 16 6.66 0.47 19.30
N ALA A 17 7.51 -0.58 19.29
CA ALA A 17 7.19 -1.79 18.53
C ALA A 17 6.15 -2.62 19.27
N GLY A 18 5.98 -2.34 20.55
CA GLY A 18 4.97 -3.02 21.34
C GLY A 18 5.46 -4.34 21.86
N ILE A 19 6.76 -4.41 22.21
CA ILE A 19 7.39 -5.62 22.70
C ILE A 19 8.27 -5.37 23.92
N ASP A 20 8.56 -6.44 24.65
CA ASP A 20 9.59 -6.41 25.68
C ASP A 20 10.75 -7.38 25.39
N GLY A 21 10.80 -7.93 24.17
CA GLY A 21 11.92 -8.75 23.82
C GLY A 21 11.88 -8.96 22.32
N ILE A 22 13.00 -9.38 21.75
CA ILE A 22 13.07 -9.58 20.34
C ILE A 22 13.89 -10.81 20.08
N LEU A 23 13.35 -11.60 19.17
CA LEU A 23 14.02 -12.79 18.63
C LEU A 23 14.52 -12.45 17.22
N LEU A 24 15.82 -12.46 17.05
CA LEU A 24 16.47 -12.10 15.76
C LEU A 24 16.93 -13.37 15.06
N THR A 25 16.36 -13.63 13.89
CA THR A 25 16.65 -14.82 13.10
C THR A 25 17.31 -14.51 11.76
N ASN A 26 17.23 -13.27 11.31
CA ASN A 26 17.79 -12.85 10.03
C ASN A 26 19.34 -12.90 10.10
N GLU A 27 20.01 -13.51 9.15
CA GLU A 27 21.47 -13.65 9.18
C GLU A 27 22.17 -12.29 9.27
N HIS A 28 21.66 -11.29 8.60
CA HIS A 28 22.25 -9.98 8.64
C HIS A 28 22.08 -9.32 10.05
N SER A 29 20.92 -9.48 10.66
CA SER A 29 20.74 -8.99 12.03
C SER A 29 21.65 -9.70 13.03
N ARG A 30 21.78 -11.01 12.85
CA ARG A 30 22.62 -11.84 13.69
C ARG A 30 24.07 -11.37 13.54
N ARG A 31 24.51 -11.18 12.30
CA ARG A 31 25.87 -10.72 12.10
C ARG A 31 26.05 -9.32 12.63
N TYR A 32 25.07 -8.44 12.34
CA TYR A 32 25.21 -7.10 12.83
C TYR A 32 25.23 -6.96 14.38
N MET A 33 24.27 -7.56 15.07
CA MET A 33 24.21 -7.38 16.54
C MET A 33 25.24 -8.19 17.28
N ALA A 34 25.55 -9.39 16.79
CA ALA A 34 26.38 -10.32 17.54
C ALA A 34 27.75 -10.53 16.88
N ASN A 35 28.04 -9.81 15.79
CA ASN A 35 29.31 -9.99 15.07
C ASN A 35 29.61 -11.43 14.79
N PHE A 36 28.57 -12.22 14.66
CA PHE A 36 28.67 -13.65 14.41
C PHE A 36 28.72 -13.90 12.92
N THR A 37 29.82 -14.46 12.44
CA THR A 37 30.01 -14.70 11.01
C THR A 37 29.51 -16.08 10.62
N GLY A 38 29.06 -16.84 11.59
CA GLY A 38 28.66 -18.22 11.30
C GLY A 38 27.30 -18.37 10.66
N THR A 39 26.90 -19.62 10.60
CA THR A 39 25.80 -20.09 9.79
CA THR A 39 25.77 -20.03 9.79
C THR A 39 24.52 -20.29 10.62
N ALA A 40 24.69 -20.67 11.88
CA ALA A 40 23.56 -21.09 12.73
C ALA A 40 23.39 -20.16 13.92
N GLY A 41 22.26 -20.28 14.60
CA GLY A 41 22.01 -19.58 15.86
C GLY A 41 21.04 -18.43 15.80
N VAL A 42 20.50 -18.06 16.94
CA VAL A 42 19.57 -16.97 17.04
C VAL A 42 19.98 -16.06 18.21
N VAL A 43 19.58 -14.78 18.15
CA VAL A 43 19.77 -13.82 19.23
C VAL A 43 18.44 -13.48 19.91
N LEU A 44 18.39 -13.54 21.23
CA LEU A 44 17.21 -13.23 22.01
C LEU A 44 17.61 -12.17 23.04
N ILE A 45 16.97 -11.03 22.94
CA ILE A 45 17.33 -9.83 23.75
C ILE A 45 16.09 -9.33 24.47
N SER A 46 16.18 -9.27 25.80
CA SER A 46 15.15 -8.67 26.65
C SER A 46 15.55 -7.21 26.94
N LYS A 47 14.82 -6.54 27.83
CA LYS A 47 15.21 -5.21 28.33
C LYS A 47 16.44 -5.31 29.25
N LYS A 48 16.68 -6.49 29.79
CA LYS A 48 17.71 -6.71 30.77
C LYS A 48 18.81 -7.68 30.42
N ARG A 49 18.56 -8.60 29.51
CA ARG A 49 19.55 -9.60 29.16
C ARG A 49 19.61 -9.84 27.63
N ALA A 50 20.72 -10.45 27.23
CA ALA A 50 21.00 -10.69 25.82
C ALA A 50 21.68 -12.04 25.65
N GLN A 51 21.15 -12.83 24.71
CA GLN A 51 21.59 -14.20 24.53
C GLN A 51 21.88 -14.51 23.10
N PHE A 52 22.87 -15.36 22.90
CA PHE A 52 23.09 -15.99 21.61
C PHE A 52 22.82 -17.45 21.81
N ILE A 53 21.77 -17.97 21.21
CA ILE A 53 21.49 -19.36 21.35
C ILE A 53 21.96 -20.16 20.12
N THR A 54 22.75 -21.21 20.33
CA THR A 54 23.25 -22.03 19.18
C THR A 54 23.54 -23.49 19.54
N ASP A 55 23.95 -24.27 18.51
CA ASP A 55 24.23 -25.72 18.68
CA ASP A 55 24.23 -25.71 18.65
C ASP A 55 25.69 -25.98 19.08
N PHE A 56 25.99 -27.18 19.58
CA PHE A 56 27.34 -27.53 20.07
C PHE A 56 28.48 -27.06 19.16
N ARG A 57 28.35 -27.24 17.85
CA ARG A 57 29.42 -26.85 16.91
C ARG A 57 29.93 -25.44 17.13
N TYR A 58 28.99 -24.49 17.20
CA TYR A 58 29.32 -23.07 17.12
CA TYR A 58 29.33 -23.07 17.13
C TYR A 58 29.65 -22.43 18.48
N VAL A 59 29.55 -23.21 19.56
CA VAL A 59 29.72 -22.62 20.89
C VAL A 59 31.07 -21.89 21.05
N GLU A 60 32.14 -22.42 20.47
CA GLU A 60 33.42 -21.76 20.64
C GLU A 60 33.49 -20.45 19.88
N GLN A 61 33.19 -20.50 18.58
CA GLN A 61 33.06 -19.29 17.77
C GLN A 61 32.15 -18.23 18.45
N ALA A 62 30.94 -18.64 18.84
CA ALA A 62 29.96 -17.71 19.43
C ALA A 62 30.53 -17.03 20.64
N SER A 63 31.16 -17.81 21.51
CA SER A 63 31.74 -17.26 22.73
C SER A 63 32.83 -16.23 22.43
N LYS A 64 33.52 -16.39 21.30
CA LYS A 64 34.58 -15.44 20.92
C LYS A 64 33.99 -14.19 20.23
N GLN A 65 33.10 -14.40 19.26
CA GLN A 65 32.54 -13.27 18.47
C GLN A 65 31.42 -12.56 19.14
N ALA A 66 30.46 -13.34 19.66
CA ALA A 66 29.27 -12.77 20.32
C ALA A 66 29.61 -12.22 21.67
N VAL A 67 30.49 -11.25 21.68
CA VAL A 67 30.88 -10.57 22.91
C VAL A 67 29.72 -9.66 23.35
N GLY A 68 29.38 -9.74 24.63
CA GLY A 68 28.21 -9.07 25.19
C GLY A 68 26.99 -9.96 25.38
N TYR A 69 27.06 -11.19 24.89
CA TYR A 69 25.94 -12.14 24.96
C TYR A 69 26.25 -13.32 25.86
N GLU A 70 25.21 -13.79 26.55
CA GLU A 70 25.21 -15.08 27.23
C GLU A 70 25.17 -16.09 26.14
N ILE A 71 26.11 -17.03 26.14
CA ILE A 71 26.11 -18.06 25.12
C ILE A 71 25.32 -19.22 25.70
N VAL A 72 24.22 -19.56 25.03
CA VAL A 72 23.35 -20.63 25.44
C VAL A 72 23.43 -21.74 24.40
N GLN A 73 23.72 -22.96 24.85
CA GLN A 73 23.80 -24.12 23.97
C GLN A 73 22.54 -24.94 24.09
N HIS A 74 21.87 -25.24 22.99
CA HIS A 74 20.63 -26.00 23.04
C HIS A 74 20.93 -27.47 22.75
N ALA A 75 20.15 -28.36 23.37
CA ALA A 75 20.38 -29.80 23.29
C ALA A 75 19.55 -30.43 22.18
N GLY A 76 19.63 -29.88 20.96
CA GLY A 76 18.96 -30.46 19.78
C GLY A 76 17.93 -29.58 19.04
N LEU A 77 17.01 -29.00 19.79
CA LEU A 77 15.88 -28.30 19.20
C LEU A 77 15.90 -26.83 19.60
N ILE A 78 16.34 -26.00 18.69
CA ILE A 78 16.50 -24.59 18.97
C ILE A 78 15.22 -23.91 19.48
N ILE A 79 14.07 -24.19 18.87
CA ILE A 79 12.78 -23.60 19.26
C ILE A 79 12.45 -23.88 20.72
N ASP A 80 12.76 -25.10 21.15
CA ASP A 80 12.49 -25.50 22.51
C ASP A 80 13.38 -24.71 23.48
N GLU A 81 14.64 -24.56 23.13
CA GLU A 81 15.53 -23.71 23.87
C GLU A 81 15.12 -22.24 23.90
N VAL A 82 14.61 -21.72 22.79
CA VAL A 82 14.13 -20.33 22.75
C VAL A 82 12.98 -20.17 23.67
N ALA A 83 12.03 -21.09 23.62
CA ALA A 83 10.93 -21.07 24.52
C ALA A 83 11.35 -21.12 25.99
N LYS A 84 12.31 -21.99 26.33
CA LYS A 84 12.88 -22.06 27.69
C LYS A 84 13.39 -20.69 28.10
N GLN A 85 14.14 -20.03 27.22
CA GLN A 85 14.80 -18.80 27.60
C GLN A 85 13.88 -17.61 27.63
N VAL A 86 12.80 -17.63 26.83
CA VAL A 86 11.83 -16.57 26.86
C VAL A 86 11.25 -16.51 28.29
N LYS A 87 10.93 -17.67 28.86
CA LYS A 87 10.40 -17.76 30.19
C LYS A 87 11.49 -17.30 31.22
N GLU A 88 12.74 -17.73 31.07
CA GLU A 88 13.81 -17.27 31.97
C GLU A 88 14.00 -15.78 31.96
N LEU A 89 13.88 -15.15 30.78
CA LEU A 89 14.05 -13.68 30.60
C LEU A 89 12.82 -12.88 31.00
N GLY A 90 11.73 -13.56 31.29
CA GLY A 90 10.51 -12.86 31.69
C GLY A 90 9.80 -12.20 30.54
N ILE A 91 10.15 -12.54 29.30
CA ILE A 91 9.52 -11.87 28.18
C ILE A 91 8.02 -12.21 28.04
N GLN A 92 7.16 -11.19 27.96
CA GLN A 92 5.73 -11.40 27.83
C GLN A 92 5.24 -11.12 26.40
N LYS A 93 5.99 -10.28 25.64
CA LYS A 93 5.59 -9.85 24.30
C LYS A 93 6.82 -9.86 23.40
N LEU A 94 6.98 -10.96 22.67
CA LEU A 94 8.23 -11.26 22.01
C LEU A 94 8.10 -10.90 20.55
N GLY A 95 8.97 -10.01 20.11
CA GLY A 95 9.12 -9.61 18.74
C GLY A 95 9.83 -10.63 17.89
N PHE A 96 9.40 -10.73 16.64
CA PHE A 96 10.15 -11.49 15.65
C PHE A 96 10.22 -10.69 14.36
N GLU A 97 11.16 -11.09 13.47
CA GLU A 97 11.36 -10.41 12.20
C GLU A 97 10.48 -10.96 11.10
N GLN A 98 9.32 -10.35 10.94
CA GLN A 98 8.32 -10.86 10.03
C GLN A 98 8.74 -10.89 8.59
N ASP A 99 9.73 -10.09 8.19
CA ASP A 99 10.08 -10.06 6.81
C ASP A 99 11.03 -11.19 6.45
N THR A 100 11.49 -11.96 7.44
CA THR A 100 12.35 -13.13 7.24
C THR A 100 11.77 -14.46 7.71
N LEU A 101 11.18 -14.46 8.89
CA LEU A 101 10.63 -15.63 9.50
C LEU A 101 9.56 -16.25 8.59
N THR A 102 9.78 -17.54 8.28
CA THR A 102 8.86 -18.28 7.45
C THR A 102 7.59 -18.60 8.23
N TYR A 103 6.51 -18.85 7.50
CA TYR A 103 5.27 -19.15 8.12
C TYR A 103 5.41 -20.39 8.99
N SER A 104 6.09 -21.40 8.46
CA SER A 104 6.36 -22.63 9.19
CA SER A 104 6.34 -22.64 9.20
C SER A 104 7.02 -22.40 10.55
N SER A 105 8.01 -21.54 10.57
CA SER A 105 8.81 -21.27 11.78
C SER A 105 8.03 -20.36 12.69
N TYR A 106 7.25 -19.44 12.11
CA TYR A 106 6.27 -18.72 12.88
C TYR A 106 5.34 -19.65 13.63
N SER A 107 4.77 -20.66 12.98
CA SER A 107 3.80 -21.53 13.69
C SER A 107 4.47 -22.35 14.78
N ALA A 108 5.62 -22.90 14.43
CA ALA A 108 6.43 -23.68 15.37
C ALA A 108 6.79 -22.81 16.61
N HIS A 109 7.23 -21.57 16.41
CA HIS A 109 7.60 -20.70 17.55
C HIS A 109 6.41 -20.34 18.39
N LYS A 110 5.34 -19.95 17.72
CA LYS A 110 4.15 -19.54 18.43
C LYS A 110 3.57 -20.65 19.36
N GLU A 111 3.53 -21.88 18.83
CA GLU A 111 3.06 -23.03 19.58
C GLU A 111 3.94 -23.25 20.83
N ALA A 112 5.24 -23.12 20.67
CA ALA A 112 6.21 -23.44 21.73
C ALA A 112 6.35 -22.41 22.84
N ILE A 113 6.26 -21.15 22.46
CA ILE A 113 6.51 -20.01 23.32
C ILE A 113 5.22 -19.49 23.98
N ASP A 114 5.34 -19.16 25.24
CA ASP A 114 4.22 -18.71 26.07
C ASP A 114 3.88 -17.22 25.86
N ALA A 115 4.82 -16.41 25.47
CA ALA A 115 4.58 -15.01 25.38
C ALA A 115 3.71 -14.75 24.15
N GLU A 116 3.25 -13.51 24.02
CA GLU A 116 2.65 -13.01 22.78
C GLU A 116 3.80 -12.99 21.74
N PHE A 117 3.50 -13.29 20.48
CA PHE A 117 4.54 -13.39 19.47
C PHE A 117 4.15 -12.33 18.44
N ILE A 118 4.92 -11.26 18.40
CA ILE A 118 4.49 -10.01 17.78
C ILE A 118 5.36 -9.74 16.56
N PRO A 119 4.74 -9.53 15.37
CA PRO A 119 5.49 -9.27 14.16
C PRO A 119 6.17 -7.90 14.23
N THR A 120 7.42 -7.83 13.80
CA THR A 120 8.06 -6.54 13.73
C THR A 120 8.84 -6.44 12.43
N SER A 121 9.11 -5.20 12.03
N SER A 121 9.09 -5.19 12.02
CA SER A 121 9.93 -4.91 10.89
CA SER A 121 9.88 -4.89 10.85
C SER A 121 10.74 -3.69 11.18
C SER A 121 10.72 -3.67 11.15
N GLY A 122 11.97 -3.71 10.71
CA GLY A 122 12.78 -2.52 10.60
C GLY A 122 13.65 -2.20 11.81
N LEU A 123 13.65 -3.03 12.83
CA LEU A 123 14.29 -2.62 14.16
C LEU A 123 15.83 -2.56 14.11
N VAL A 124 16.48 -3.65 13.75
CA VAL A 124 17.92 -3.66 13.50
C VAL A 124 18.28 -2.88 12.24
N GLU A 125 17.35 -2.80 11.29
CA GLU A 125 17.60 -1.96 10.11
C GLU A 125 17.80 -0.48 10.41
N LYS A 126 17.09 0.07 11.36
CA LYS A 126 17.35 1.46 11.84
C LYS A 126 18.79 1.61 12.31
N LEU A 127 19.34 0.59 12.94
CA LEU A 127 20.70 0.74 13.48
C LEU A 127 21.72 0.66 12.32
N ARG A 128 21.52 -0.28 11.40
CA ARG A 128 22.41 -0.50 10.26
C ARG A 128 22.43 0.65 9.25
N LEU A 129 21.37 1.46 9.26
CA LEU A 129 21.22 2.64 8.37
C LEU A 129 22.37 3.62 8.44
N ILE A 130 22.88 3.85 9.66
CA ILE A 130 24.02 4.73 9.89
C ILE A 130 25.29 3.91 10.14
N LYS A 131 26.23 4.08 9.24
CA LYS A 131 27.44 3.34 9.25
C LYS A 131 28.40 3.95 10.21
N THR A 132 29.06 3.12 11.01
CA THR A 132 30.11 3.59 11.91
C THR A 132 31.38 3.89 11.10
N ASP A 133 32.37 4.50 11.72
CA ASP A 133 33.60 4.81 11.00
C ASP A 133 34.27 3.52 10.57
N SER A 134 34.23 2.51 11.43
CA SER A 134 34.80 1.20 11.07
C SER A 134 34.11 0.59 9.84
N GLU A 135 32.78 0.71 9.77
CA GLU A 135 32.07 0.20 8.62
C GLU A 135 32.45 0.97 7.37
N ILE A 136 32.63 2.29 7.53
CA ILE A 136 33.02 3.16 6.42
C ILE A 136 34.39 2.77 5.84
N LYS A 137 35.36 2.52 6.71
CA LYS A 137 36.68 2.04 6.29
C LYS A 137 36.57 0.78 5.42
N ILE A 138 35.79 -0.20 5.87
CA ILE A 138 35.61 -1.48 5.13
C ILE A 138 34.93 -1.22 3.79
N LEU A 139 33.89 -0.38 3.79
CA LEU A 139 33.19 -0.10 2.54
C LEU A 139 34.12 0.61 1.57
N LYS A 140 34.96 1.47 2.09
CA LYS A 140 35.96 2.10 1.24
C LYS A 140 36.91 1.05 0.64
N GLU A 141 37.26 0.04 1.43
CA GLU A 141 38.15 -1.04 0.95
C GLU A 141 37.44 -1.84 -0.14
N ALA A 142 36.19 -2.19 0.10
CA ALA A 142 35.44 -2.91 -0.90
C ALA A 142 35.33 -2.10 -2.20
N ALA A 143 35.17 -0.77 -2.12
CA ALA A 143 35.10 0.04 -3.35
C ALA A 143 36.44 0.07 -4.07
N GLN A 144 37.50 0.17 -3.31
CA GLN A 144 38.85 0.17 -3.83
C GLN A 144 39.12 -1.13 -4.63
N ILE A 145 38.71 -2.27 -4.08
CA ILE A 145 38.89 -3.54 -4.78
C ILE A 145 38.07 -3.56 -6.08
N ALA A 146 36.84 -3.03 -6.06
CA ALA A 146 36.02 -2.93 -7.28
C ALA A 146 36.69 -2.01 -8.29
N ASP A 147 37.15 -0.84 -7.88
CA ASP A 147 37.89 0.05 -8.80
C ASP A 147 39.07 -0.67 -9.47
N ALA A 148 39.82 -1.45 -8.68
CA ALA A 148 41.00 -2.16 -9.17
C ALA A 148 40.57 -3.14 -10.24
N ALA A 149 39.44 -3.81 -10.03
CA ALA A 149 38.94 -4.74 -11.01
C ALA A 149 38.49 -4.09 -12.30
N PHE A 150 37.92 -2.88 -12.21
CA PHE A 150 37.51 -2.13 -13.41
C PHE A 150 38.75 -1.80 -14.21
N GLU A 151 39.74 -1.19 -13.57
CA GLU A 151 40.98 -0.88 -14.25
C GLU A 151 41.56 -2.15 -14.88
N HIS A 152 41.60 -3.24 -14.12
CA HIS A 152 42.01 -4.51 -14.69
C HIS A 152 41.21 -4.95 -15.91
N ILE A 153 39.88 -4.91 -15.86
CA ILE A 153 39.04 -5.56 -16.87
C ILE A 153 39.14 -4.85 -18.24
N LEU A 154 39.48 -3.57 -18.21
CA LEU A 154 39.74 -2.81 -19.44
C LEU A 154 40.78 -3.40 -20.39
N SER A 155 41.77 -4.16 -19.86
CA SER A 155 42.79 -4.82 -20.64
C SER A 155 42.32 -6.18 -21.03
N PHE A 156 41.13 -6.56 -20.61
CA PHE A 156 40.56 -7.86 -20.93
C PHE A 156 39.47 -7.86 -22.02
N ILE A 157 38.66 -6.79 -22.12
CA ILE A 157 37.49 -6.76 -23.00
C ILE A 157 37.90 -6.44 -24.42
N ARG A 158 37.57 -7.31 -25.38
CA ARG A 158 37.80 -7.10 -26.85
C ARG A 158 36.70 -7.85 -27.59
N PRO A 159 36.56 -7.64 -28.90
CA PRO A 159 35.61 -8.47 -29.66
C PRO A 159 35.90 -9.94 -29.57
N GLY A 160 34.87 -10.77 -29.45
CA GLY A 160 35.04 -12.24 -29.36
C GLY A 160 35.03 -12.87 -27.98
N VAL A 161 35.35 -12.08 -26.95
CA VAL A 161 35.15 -12.52 -25.58
C VAL A 161 33.65 -12.52 -25.27
N SER A 162 33.20 -13.47 -24.43
CA SER A 162 31.79 -13.57 -24.11
C SER A 162 31.51 -12.83 -22.82
N GLU A 163 30.25 -12.55 -22.55
CA GLU A 163 29.91 -11.78 -21.34
C GLU A 163 30.26 -12.53 -20.05
N ILE A 164 29.99 -13.82 -20.00
CA ILE A 164 30.35 -14.67 -18.85
C ILE A 164 31.86 -14.71 -18.59
N GLU A 165 32.65 -14.77 -19.65
CA GLU A 165 34.09 -14.70 -19.58
C GLU A 165 34.56 -13.46 -18.87
N VAL A 166 33.93 -12.33 -19.17
CA VAL A 166 34.24 -11.06 -18.49
C VAL A 166 33.81 -11.15 -17.02
N SER A 167 32.64 -11.74 -16.75
CA SER A 167 32.16 -11.88 -15.39
C SER A 167 33.14 -12.75 -14.57
N ASN A 168 33.60 -13.83 -15.19
CA ASN A 168 34.54 -14.74 -14.55
C ASN A 168 35.87 -14.06 -14.20
N GLU A 169 36.38 -13.22 -15.11
CA GLU A 169 37.65 -12.51 -14.86
C GLU A 169 37.47 -11.44 -13.77
N LEU A 170 36.31 -10.80 -13.73
CA LEU A 170 36.04 -9.79 -12.69
C LEU A 170 35.98 -10.51 -11.34
N GLU A 171 35.30 -11.64 -11.34
CA GLU A 171 35.22 -12.43 -10.10
C GLU A 171 36.61 -12.85 -9.59
N PHE A 172 37.40 -13.42 -10.49
CA PHE A 172 38.78 -13.84 -10.21
C PHE A 172 39.63 -12.68 -9.64
N PHE A 173 39.58 -11.52 -10.30
CA PHE A 173 40.45 -10.42 -9.91
C PHE A 173 40.07 -9.82 -8.54
N MET A 174 38.80 -9.66 -8.26
CA MET A 174 38.38 -9.12 -6.95
C MET A 174 38.81 -10.10 -5.83
N ARG A 175 38.65 -11.41 -6.08
CA ARG A 175 39.12 -12.39 -5.10
C ARG A 175 40.62 -12.30 -4.91
N LYS A 176 41.39 -12.21 -6.00
CA LYS A 176 42.83 -12.05 -5.89
C LYS A 176 43.22 -10.85 -5.01
N GLN A 177 42.42 -9.80 -5.02
CA GLN A 177 42.66 -8.60 -4.24
C GLN A 177 42.11 -8.70 -2.80
N GLY A 178 41.50 -9.81 -2.47
CA GLY A 178 41.05 -10.04 -1.11
C GLY A 178 39.54 -10.02 -0.87
N ALA A 179 38.72 -9.81 -1.90
CA ALA A 179 37.28 -9.96 -1.73
C ALA A 179 36.90 -11.42 -1.48
N THR A 180 35.94 -11.68 -0.62
CA THR A 180 35.43 -13.06 -0.43
C THR A 180 34.91 -13.56 -1.79
N SER A 181 34.26 -12.66 -2.50
CA SER A 181 33.59 -12.96 -3.76
C SER A 181 33.01 -11.65 -4.27
N SER A 182 32.34 -11.72 -5.42
CA SER A 182 31.46 -10.63 -5.84
C SER A 182 30.25 -10.50 -4.92
N SER A 183 29.63 -9.33 -4.93
CA SER A 183 28.60 -9.06 -3.96
C SER A 183 27.18 -9.33 -4.52
N PHE A 184 27.07 -9.73 -5.78
CA PHE A 184 25.78 -10.12 -6.40
C PHE A 184 26.13 -10.74 -7.77
N ASP A 185 25.17 -11.35 -8.46
CA ASP A 185 25.44 -11.95 -9.81
CA ASP A 185 25.38 -11.96 -9.80
C ASP A 185 25.77 -10.90 -10.85
N ILE A 186 27.01 -10.95 -11.31
CA ILE A 186 27.55 -9.84 -12.10
C ILE A 186 26.79 -9.61 -13.39
N ILE A 187 26.58 -8.32 -13.70
CA ILE A 187 25.99 -7.87 -14.95
C ILE A 187 27.10 -7.46 -15.91
N VAL A 188 27.17 -8.15 -17.03
CA VAL A 188 27.94 -7.70 -18.18
C VAL A 188 26.97 -7.75 -19.37
N ALA A 189 26.59 -6.59 -19.90
CA ALA A 189 25.42 -6.46 -20.80
C ALA A 189 25.86 -5.60 -21.96
N SER A 190 26.02 -6.27 -23.09
CA SER A 190 26.72 -5.72 -24.24
C SER A 190 25.77 -5.58 -25.44
N GLY A 191 26.00 -4.60 -26.29
CA GLY A 191 25.16 -4.45 -27.47
C GLY A 191 23.72 -4.24 -27.09
N LEU A 192 22.80 -4.90 -27.78
CA LEU A 192 21.39 -4.70 -27.49
C LEU A 192 21.02 -5.06 -26.06
N ARG A 193 21.75 -5.98 -25.44
CA ARG A 193 21.47 -6.32 -24.02
C ARG A 193 21.76 -5.14 -23.07
N SER A 194 22.49 -4.15 -23.52
CA SER A 194 22.81 -2.98 -22.71
C SER A 194 21.54 -2.16 -22.44
N ALA A 195 20.47 -2.48 -23.18
CA ALA A 195 19.12 -2.00 -22.87
C ALA A 195 18.46 -2.75 -21.65
N LEU A 196 19.10 -3.80 -21.15
CA LEU A 196 18.54 -4.55 -20.01
C LEU A 196 19.20 -4.13 -18.66
N PRO A 197 18.49 -3.32 -17.85
CA PRO A 197 19.03 -2.91 -16.53
C PRO A 197 19.50 -4.07 -15.66
N HIS A 198 18.89 -5.23 -15.84
CA HIS A 198 19.22 -6.41 -15.05
C HIS A 198 19.90 -7.49 -15.88
N GLY A 199 20.76 -7.10 -16.79
CA GLY A 199 21.34 -8.02 -17.79
C GLY A 199 22.53 -8.81 -17.32
N VAL A 200 22.25 -9.82 -16.51
CA VAL A 200 23.28 -10.65 -15.93
C VAL A 200 24.09 -11.23 -17.09
N ALA A 201 25.40 -11.35 -16.89
CA ALA A 201 26.33 -11.82 -17.89
C ALA A 201 25.77 -13.09 -18.57
N SER A 202 25.83 -13.15 -19.90
CA SER A 202 25.34 -14.32 -20.66
C SER A 202 26.38 -14.90 -21.62
N GLU A 203 25.96 -15.88 -22.43
CA GLU A 203 26.85 -16.50 -23.43
C GLU A 203 27.12 -15.59 -24.63
N LYS A 204 26.40 -14.46 -24.75
CA LYS A 204 26.60 -13.52 -25.87
C LYS A 204 28.05 -13.08 -26.03
N VAL A 205 28.51 -13.10 -27.29
CA VAL A 205 29.85 -12.61 -27.63
C VAL A 205 29.85 -11.11 -27.88
N ILE A 206 30.81 -10.44 -27.28
CA ILE A 206 30.97 -9.00 -27.41
C ILE A 206 31.50 -8.67 -28.82
N GLU A 207 30.89 -7.68 -29.46
CA GLU A 207 31.26 -7.29 -30.81
C GLU A 207 31.61 -5.83 -30.84
N THR A 208 32.32 -5.44 -31.89
CA THR A 208 32.74 -4.07 -32.13
C THR A 208 31.51 -3.19 -32.28
N GLY A 209 31.62 -1.94 -31.86
CA GLY A 209 30.48 -1.07 -31.74
C GLY A 209 29.62 -1.28 -30.50
N ASP A 210 29.82 -2.36 -29.75
CA ASP A 210 29.02 -2.63 -28.52
C ASP A 210 29.29 -1.62 -27.39
N PHE A 211 28.22 -1.08 -26.80
CA PHE A 211 28.32 -0.58 -25.43
C PHE A 211 28.28 -1.83 -24.57
N VAL A 212 29.09 -1.83 -23.51
CA VAL A 212 29.13 -2.91 -22.51
C VAL A 212 28.96 -2.29 -21.11
N THR A 213 27.82 -2.54 -20.49
CA THR A 213 27.63 -2.14 -19.07
C THR A 213 28.18 -3.23 -18.11
N LEU A 214 29.10 -2.79 -17.23
CA LEU A 214 29.78 -3.61 -16.26
C LEU A 214 29.24 -3.20 -14.86
N ASP A 215 28.48 -4.07 -14.21
CA ASP A 215 27.82 -3.76 -12.92
C ASP A 215 28.19 -4.93 -12.02
N PHE A 216 29.01 -4.61 -11.02
CA PHE A 216 29.61 -5.60 -10.19
C PHE A 216 30.12 -4.90 -8.94
N GLY A 217 30.49 -5.70 -7.95
CA GLY A 217 31.04 -5.20 -6.68
C GLY A 217 31.70 -6.29 -5.91
N ALA A 218 32.34 -5.88 -4.81
CA ALA A 218 33.14 -6.72 -3.96
C ALA A 218 32.46 -6.99 -2.64
N TYR A 219 32.48 -8.23 -2.21
CA TYR A 219 31.93 -8.63 -0.94
C TYR A 219 33.18 -8.80 -0.12
N TYR A 220 33.41 -7.90 0.81
CA TYR A 220 34.67 -7.79 1.55
C TYR A 220 34.42 -7.60 3.04
N LYS A 221 34.96 -8.49 3.84
CA LYS A 221 34.73 -8.52 5.26
C LYS A 221 33.27 -8.30 5.62
N GLY A 222 32.38 -8.92 4.88
CA GLY A 222 30.96 -8.83 5.18
C GLY A 222 30.25 -7.63 4.64
N TYR A 223 30.96 -6.72 3.96
CA TYR A 223 30.31 -5.55 3.40
C TYR A 223 30.38 -5.52 1.90
N CYS A 224 29.44 -4.79 1.30
CA CYS A 224 29.23 -4.79 -0.14
C CYS A 224 29.59 -3.48 -0.83
N SER A 225 30.38 -3.54 -1.90
CA SER A 225 30.47 -2.38 -2.77
C SER A 225 29.67 -2.67 -4.05
N ASP A 226 29.45 -1.65 -4.89
CA ASP A 226 28.62 -1.79 -6.09
C ASP A 226 28.93 -0.71 -7.11
N ILE A 227 29.64 -1.04 -8.16
CA ILE A 227 30.02 -0.04 -9.14
C ILE A 227 29.41 -0.41 -10.49
N THR A 228 29.02 0.60 -11.29
CA THR A 228 28.70 0.37 -12.66
C THR A 228 29.42 1.39 -13.54
N ARG A 229 30.00 0.92 -14.63
CA ARG A 229 30.61 1.76 -15.68
C ARG A 229 30.20 1.15 -17.00
N THR A 230 29.91 2.00 -17.99
CA THR A 230 29.61 1.54 -19.33
C THR A 230 30.76 1.95 -20.27
N ILE A 231 31.40 0.97 -20.90
CA ILE A 231 32.49 1.23 -21.85
C ILE A 231 32.00 0.91 -23.26
N ALA A 232 32.76 1.34 -24.27
CA ALA A 232 32.45 1.05 -25.65
C ALA A 232 33.56 0.19 -26.20
N VAL A 233 33.22 -0.76 -27.07
CA VAL A 233 34.23 -1.62 -27.69
C VAL A 233 34.24 -1.19 -29.12
N GLY A 234 35.30 -0.49 -29.52
CA GLY A 234 35.30 0.25 -30.79
C GLY A 234 34.32 1.42 -30.80
N GLU A 235 34.10 1.97 -31.99
CA GLU A 235 33.32 3.22 -32.13
C GLU A 235 31.82 3.08 -31.98
N PRO A 236 31.26 3.74 -30.95
CA PRO A 236 29.82 3.63 -30.73
C PRO A 236 28.98 4.64 -31.57
N SER A 237 27.70 4.32 -31.80
CA SER A 237 26.76 5.22 -32.52
C SER A 237 26.59 6.58 -31.84
N ASP A 238 26.28 7.61 -32.64
CA ASP A 238 26.05 8.96 -32.13
C ASP A 238 24.96 8.92 -31.06
N LYS A 239 23.93 8.13 -31.31
CA LYS A 239 22.77 8.00 -30.45
C LYS A 239 23.17 7.36 -29.10
N LEU A 240 23.97 6.30 -29.13
CA LEU A 240 24.57 5.76 -27.88
C LEU A 240 25.49 6.77 -27.21
N LYS A 241 26.25 7.51 -27.99
CA LYS A 241 27.07 8.57 -27.39
C LYS A 241 26.22 9.67 -26.72
N GLU A 242 25.09 9.98 -27.35
CA GLU A 242 24.20 11.00 -26.86
C GLU A 242 23.70 10.64 -25.47
N ILE A 243 23.18 9.43 -25.34
CA ILE A 243 22.61 8.89 -24.10
CA ILE A 243 22.59 9.02 -24.07
C ILE A 243 23.67 8.84 -23.00
N TYR A 244 24.87 8.41 -23.37
CA TYR A 244 26.00 8.36 -22.41
C TYR A 244 26.26 9.72 -21.75
N ASN A 245 26.41 10.73 -22.58
CA ASN A 245 26.61 12.10 -22.13
C ASN A 245 25.52 12.59 -21.14
N ILE A 246 24.27 12.21 -21.40
CA ILE A 246 23.17 12.62 -20.56
C ILE A 246 23.22 11.93 -19.21
N VAL A 247 23.54 10.64 -19.22
CA VAL A 247 23.63 9.85 -17.99
C VAL A 247 24.78 10.38 -17.14
N LEU A 248 25.94 10.60 -17.76
CA LEU A 248 27.12 11.10 -17.06
C LEU A 248 26.76 12.39 -16.38
N GLU A 249 26.20 13.34 -17.12
CA GLU A 249 25.88 14.64 -16.57
C GLU A 249 24.88 14.53 -15.42
N ALA A 250 23.85 13.72 -15.61
CA ALA A 250 22.87 13.46 -14.55
C ALA A 250 23.50 12.85 -13.31
N GLN A 251 24.38 11.89 -13.52
CA GLN A 251 25.09 11.24 -12.43
C GLN A 251 25.95 12.24 -11.65
N LEU A 252 26.63 13.17 -12.34
CA LEU A 252 27.47 14.16 -11.62
C LEU A 252 26.59 15.10 -10.82
N ARG A 253 25.44 15.44 -11.35
CA ARG A 253 24.53 16.27 -10.61
C ARG A 253 24.11 15.57 -9.34
N GLY A 254 23.93 14.25 -9.40
CA GLY A 254 23.60 13.49 -8.21
C GLY A 254 24.72 13.52 -7.19
N VAL A 255 25.93 13.19 -7.61
CA VAL A 255 27.06 13.14 -6.69
CA VAL A 255 27.02 13.11 -6.65
C VAL A 255 27.35 14.52 -6.12
N ASN A 256 27.20 15.54 -6.95
CA ASN A 256 27.50 16.90 -6.53
C ASN A 256 26.42 17.51 -5.58
N GLY A 257 25.17 17.05 -5.70
CA GLY A 257 24.06 17.64 -5.00
C GLY A 257 23.57 16.85 -3.79
N ILE A 258 23.89 15.56 -3.71
CA ILE A 258 23.44 14.76 -2.55
C ILE A 258 24.11 15.22 -1.28
N LYS A 259 23.31 15.45 -0.24
CA LYS A 259 23.82 15.85 1.08
C LYS A 259 22.80 15.48 2.12
N ALA A 260 23.22 15.59 3.38
CA ALA A 260 22.31 15.32 4.49
C ALA A 260 21.14 16.27 4.42
N GLY A 261 19.96 15.80 4.74
CA GLY A 261 18.80 16.66 4.77
C GLY A 261 17.91 16.57 3.55
N LEU A 262 18.39 16.13 2.40
CA LEU A 262 17.45 15.84 1.29
C LEU A 262 16.64 14.58 1.57
N THR A 263 15.44 14.53 1.02
CA THR A 263 14.67 13.29 0.98
C THR A 263 15.13 12.47 -0.21
N GLY A 264 14.70 11.22 -0.23
CA GLY A 264 15.09 10.31 -1.24
C GLY A 264 14.59 10.81 -2.54
N ARG A 265 13.38 11.38 -2.54
CA ARG A 265 12.81 11.98 -3.72
C ARG A 265 13.65 13.12 -4.24
N GLU A 266 14.13 13.96 -3.35
CA GLU A 266 15.04 15.02 -3.76
C GLU A 266 16.32 14.55 -4.37
N ALA A 267 16.91 13.49 -3.79
CA ALA A 267 18.15 12.98 -4.22
C ALA A 267 17.94 12.36 -5.61
N ASP A 268 16.87 11.58 -5.77
CA ASP A 268 16.55 11.03 -7.09
C ASP A 268 16.27 12.16 -8.13
N ALA A 269 15.65 13.27 -7.72
CA ALA A 269 15.36 14.34 -8.67
C ALA A 269 16.61 15.00 -9.23
N LEU A 270 17.72 14.97 -8.50
CA LEU A 270 18.97 15.49 -9.06
C LEU A 270 19.34 14.81 -10.38
N THR A 271 19.12 13.49 -10.44
CA THR A 271 19.41 12.81 -11.68
C THR A 271 18.22 12.82 -12.62
N ARG A 272 17.01 12.54 -12.11
CA ARG A 272 15.85 12.37 -13.01
C ARG A 272 15.39 13.69 -13.67
N ASP A 273 15.54 14.85 -13.00
CA ASP A 273 15.26 16.18 -13.57
C ASP A 273 16.01 16.36 -14.92
N TYR A 274 17.29 16.01 -14.94
CA TYR A 274 18.13 16.23 -16.12
C TYR A 274 17.80 15.28 -17.26
N ILE A 275 17.63 14.00 -16.93
CA ILE A 275 17.28 13.01 -17.93
C ILE A 275 15.89 13.33 -18.52
N THR A 276 14.97 13.68 -17.66
CA THR A 276 13.61 14.10 -18.10
C THR A 276 13.62 15.36 -18.99
N GLU A 277 14.37 16.36 -18.57
CA GLU A 277 14.49 17.61 -19.30
C GLU A 277 14.99 17.31 -20.70
N LYS A 278 15.92 16.37 -20.81
CA LYS A 278 16.56 16.02 -22.10
C LYS A 278 15.71 15.06 -22.94
N GLY A 279 14.54 14.66 -22.41
CA GLY A 279 13.54 13.91 -23.17
C GLY A 279 13.51 12.39 -23.01
N TYR A 280 14.25 11.86 -22.03
CA TYR A 280 14.36 10.44 -21.87
C TYR A 280 13.76 9.89 -20.57
N GLY A 281 12.85 10.61 -19.93
CA GLY A 281 12.26 10.18 -18.66
C GLY A 281 11.61 8.80 -18.71
N GLU A 282 10.91 8.54 -19.80
CA GLU A 282 10.33 7.24 -20.17
CA GLU A 282 10.30 7.22 -20.00
C GLU A 282 11.31 6.07 -20.03
N TYR A 283 12.60 6.35 -20.21
CA TYR A 283 13.64 5.32 -20.36
C TYR A 283 14.52 5.09 -19.08
N PHE A 284 14.20 5.81 -18.02
CA PHE A 284 14.89 5.71 -16.75
C PHE A 284 13.93 4.97 -15.83
N GLY A 285 13.81 3.66 -16.03
CA GLY A 285 12.75 2.87 -15.37
C GLY A 285 13.09 2.29 -13.99
N HIS A 286 14.14 2.81 -13.36
CA HIS A 286 14.45 2.43 -11.99
C HIS A 286 14.84 3.66 -11.16
N SER A 287 15.09 3.46 -9.87
CA SER A 287 15.43 4.53 -8.92
CA SER A 287 15.42 4.54 -8.95
C SER A 287 16.88 4.98 -9.07
N THR A 288 17.22 6.09 -8.42
CA THR A 288 18.59 6.64 -8.50
C THR A 288 19.55 5.83 -7.64
N GLY A 289 19.04 5.15 -6.62
CA GLY A 289 19.90 4.27 -5.91
C GLY A 289 19.31 3.81 -4.59
N HIS A 290 20.14 3.12 -3.81
CA HIS A 290 19.71 2.52 -2.56
C HIS A 290 20.87 2.38 -1.63
N GLY A 291 20.58 2.06 -0.37
CA GLY A 291 21.63 1.78 0.60
C GLY A 291 22.41 0.51 0.30
N ILE A 292 23.64 0.46 0.80
CA ILE A 292 24.49 -0.72 0.71
C ILE A 292 25.13 -0.90 2.09
N GLY A 293 25.44 -2.11 2.50
CA GLY A 293 26.22 -2.38 3.69
C GLY A 293 26.47 -3.87 3.81
N LEU A 294 25.85 -4.53 4.76
CA LEU A 294 25.94 -5.99 4.86
C LEU A 294 25.25 -6.65 3.68
N GLU A 295 24.31 -5.92 3.06
CA GLU A 295 23.53 -6.39 1.97
C GLU A 295 23.75 -5.51 0.75
N ILE A 296 23.48 -6.06 -0.41
CA ILE A 296 23.72 -5.28 -1.61
C ILE A 296 22.61 -4.24 -1.78
N HIS A 297 21.41 -4.50 -1.26
CA HIS A 297 20.32 -3.54 -1.33
C HIS A 297 19.63 -3.39 0.04
N GLU A 298 19.74 -2.21 0.64
CA GLU A 298 19.20 -1.91 1.96
C GLU A 298 18.83 -0.45 2.04
N ALA A 299 18.27 -0.01 3.17
CA ALA A 299 17.76 1.35 3.26
C ALA A 299 18.87 2.38 3.22
N PRO A 300 18.55 3.56 2.69
CA PRO A 300 17.32 4.13 2.20
C PRO A 300 17.12 3.95 0.68
N GLY A 301 15.99 4.40 0.17
CA GLY A 301 15.77 4.38 -1.25
C GLY A 301 15.92 5.80 -1.76
N LEU A 302 16.80 6.03 -2.74
CA LEU A 302 16.85 7.31 -3.48
C LEU A 302 15.95 7.11 -4.69
N ALA A 303 14.67 7.37 -4.49
CA ALA A 303 13.62 6.97 -5.43
C ALA A 303 12.50 8.00 -5.40
N PHE A 304 11.76 8.18 -6.50
CA PHE A 304 10.77 9.24 -6.47
C PHE A 304 9.67 9.08 -5.40
N ARG A 305 9.48 7.89 -4.83
CA ARG A 305 8.46 7.72 -3.79
C ARG A 305 8.99 7.96 -2.39
N SER A 306 10.30 8.08 -2.24
CA SER A 306 10.91 8.08 -0.91
C SER A 306 10.79 9.45 -0.24
N ASP A 307 10.25 9.43 1.00
CA ASP A 307 10.31 10.57 1.89
C ASP A 307 11.45 10.48 2.97
N THR A 308 12.26 9.44 2.94
CA THR A 308 13.34 9.28 3.89
C THR A 308 14.39 10.40 3.82
N VAL A 309 14.70 11.00 4.97
CA VAL A 309 15.65 12.10 5.03
C VAL A 309 17.05 11.52 5.20
N LEU A 310 17.95 11.90 4.29
CA LEU A 310 19.30 11.37 4.30
C LEU A 310 20.06 12.00 5.48
N GLU A 311 20.87 11.20 6.18
CA GLU A 311 21.70 11.73 7.27
CA GLU A 311 21.67 11.61 7.34
C GLU A 311 23.15 11.28 7.10
N PRO A 312 24.09 11.93 7.83
CA PRO A 312 25.46 11.51 7.67
C PRO A 312 25.65 10.05 8.02
N GLY A 313 26.49 9.39 7.25
CA GLY A 313 26.91 8.02 7.58
C GLY A 313 26.07 6.99 6.87
N MET A 314 24.98 7.41 6.23
CA MET A 314 24.33 6.58 5.24
C MET A 314 25.27 6.29 4.06
N ALA A 315 25.22 5.05 3.59
CA ALA A 315 26.01 4.64 2.47
C ALA A 315 25.05 4.29 1.36
N VAL A 316 25.19 4.88 0.19
CA VAL A 316 24.19 4.75 -0.85
C VAL A 316 24.81 4.76 -2.25
N THR A 317 24.05 4.26 -3.21
CA THR A 317 24.45 4.25 -4.59
C THR A 317 23.80 5.41 -5.36
N VAL A 318 24.48 5.92 -6.38
CA VAL A 318 23.91 6.92 -7.29
C VAL A 318 24.13 6.40 -8.68
N GLU A 319 23.06 6.00 -9.39
CA GLU A 319 23.18 5.11 -10.53
C GLU A 319 22.05 5.29 -11.53
N PRO A 320 21.92 6.50 -12.11
CA PRO A 320 20.96 6.71 -13.17
C PRO A 320 21.34 6.01 -14.45
N GLY A 321 20.34 5.71 -15.27
CA GLY A 321 20.57 5.12 -16.57
C GLY A 321 19.42 5.40 -17.53
N ILE A 322 19.69 5.18 -18.81
CA ILE A 322 18.71 5.31 -19.86
C ILE A 322 18.82 4.02 -20.62
N TYR A 323 17.70 3.36 -20.92
CA TYR A 323 17.63 2.08 -21.59
C TYR A 323 16.56 2.19 -22.72
N ILE A 324 17.02 2.05 -23.96
CA ILE A 324 16.19 2.09 -25.15
C ILE A 324 16.21 0.75 -25.87
N PRO A 325 15.15 -0.04 -25.71
CA PRO A 325 15.13 -1.36 -26.29
C PRO A 325 15.37 -1.27 -27.79
N GLY A 326 16.19 -2.15 -28.35
CA GLY A 326 16.56 -2.03 -29.78
C GLY A 326 17.71 -1.10 -30.06
N ILE A 327 18.14 -0.31 -29.07
CA ILE A 327 19.26 0.61 -29.27
C ILE A 327 20.40 0.32 -28.31
N GLY A 328 20.06 0.14 -27.05
CA GLY A 328 21.08 -0.05 -26.04
C GLY A 328 20.82 0.83 -24.82
N GLY A 329 21.80 0.89 -23.94
CA GLY A 329 21.66 1.58 -22.69
C GLY A 329 22.94 1.91 -22.02
N VAL A 330 22.83 2.73 -21.00
CA VAL A 330 23.95 3.21 -20.24
C VAL A 330 23.55 3.34 -18.81
N ARG A 331 24.37 2.84 -17.88
CA ARG A 331 24.26 3.21 -16.49
C ARG A 331 25.65 3.47 -15.95
N ILE A 332 25.73 4.45 -15.07
CA ILE A 332 26.95 4.79 -14.40
C ILE A 332 26.63 4.89 -12.93
N GLU A 333 27.34 4.10 -12.10
CA GLU A 333 27.01 4.03 -10.68
C GLU A 333 28.19 4.28 -9.80
N ASP A 334 28.02 5.15 -8.80
CA ASP A 334 28.99 5.33 -7.72
C ASP A 334 28.42 4.91 -6.38
N ASP A 335 29.33 4.63 -5.46
CA ASP A 335 29.01 4.45 -4.06
C ASP A 335 29.48 5.69 -3.30
N ILE A 336 28.61 6.18 -2.42
CA ILE A 336 28.95 7.36 -1.63
C ILE A 336 28.59 7.20 -0.16
N ILE A 337 29.25 8.00 0.68
CA ILE A 337 28.90 8.12 2.08
C ILE A 337 28.38 9.53 2.32
N VAL A 338 27.15 9.60 2.81
CA VAL A 338 26.52 10.88 3.06
C VAL A 338 27.25 11.57 4.20
N THR A 339 27.50 12.87 4.05
CA THR A 339 28.08 13.71 5.10
C THR A 339 27.18 14.90 5.44
N SER A 340 27.53 15.65 6.47
CA SER A 340 26.80 16.87 6.79
C SER A 340 26.72 17.85 5.62
N GLU A 341 27.82 17.97 4.87
CA GLU A 341 27.98 19.01 3.85
CA GLU A 341 27.97 19.02 3.85
C GLU A 341 27.64 18.55 2.43
N GLY A 342 27.93 17.28 2.15
CA GLY A 342 27.72 16.75 0.84
C GLY A 342 27.81 15.26 0.95
N ASN A 343 28.79 14.69 0.27
CA ASN A 343 29.08 13.28 0.40
C ASN A 343 30.52 13.01 -0.03
N GLU A 344 30.93 11.77 0.15
CA GLU A 344 32.24 11.28 -0.26
C GLU A 344 32.00 10.22 -1.30
N VAL A 345 32.55 10.38 -2.49
CA VAL A 345 32.49 9.31 -3.49
C VAL A 345 33.59 8.34 -3.16
N ILE A 346 33.22 7.08 -2.93
CA ILE A 346 34.20 6.05 -2.58
C ILE A 346 34.53 5.15 -3.77
N THR A 347 33.80 5.27 -4.88
CA THR A 347 34.22 4.60 -6.12
C THR A 347 34.84 5.63 -7.05
N LYS A 348 36.09 5.43 -7.41
CA LYS A 348 36.79 6.49 -8.11
C LYS A 348 37.26 6.16 -9.51
N SER A 349 36.94 4.96 -9.99
CA SER A 349 37.14 4.68 -11.39
C SER A 349 36.62 5.84 -12.25
N PRO A 350 37.25 6.07 -13.42
CA PRO A 350 36.79 7.07 -14.39
C PRO A 350 35.39 6.89 -14.96
N LYS A 351 34.69 8.00 -15.11
CA LYS A 351 33.33 8.02 -15.59
C LYS A 351 33.23 8.56 -17.03
N GLU A 352 34.35 9.08 -17.55
CA GLU A 352 34.39 9.53 -18.94
CA GLU A 352 34.34 9.55 -18.93
C GLU A 352 34.15 8.31 -19.83
N LEU A 353 33.59 8.51 -21.02
CA LEU A 353 33.39 7.39 -21.97
C LEU A 353 34.78 6.85 -22.33
N ILE A 354 34.97 5.53 -22.22
CA ILE A 354 36.22 4.87 -22.61
C ILE A 354 35.91 3.96 -23.80
N ILE A 355 36.65 4.19 -24.90
CA ILE A 355 36.47 3.39 -26.11
C ILE A 355 37.67 2.45 -26.17
N LEU A 356 37.37 1.16 -26.20
CA LEU A 356 38.37 0.08 -26.17
C LEU A 356 38.61 -0.44 -27.58
N ASN B 2 7.71 -32.77 -20.32
CA ASN B 2 7.72 -33.11 -18.86
C ASN B 2 6.78 -32.15 -18.15
N ALA B 3 6.57 -30.97 -18.71
CA ALA B 3 5.77 -29.94 -18.05
C ALA B 3 4.35 -30.43 -17.76
N MET B 4 3.74 -31.09 -18.73
CA MET B 4 2.38 -31.61 -18.57
CA MET B 4 2.39 -31.56 -18.56
C MET B 4 2.39 -32.67 -17.47
N GLU B 5 3.36 -33.56 -17.52
CA GLU B 5 3.48 -34.64 -16.53
C GLU B 5 3.66 -34.09 -15.12
N LYS B 6 4.57 -33.14 -14.99
CA LYS B 6 4.86 -32.58 -13.67
C LYS B 6 3.60 -31.97 -13.10
N ILE B 7 2.91 -31.18 -13.90
CA ILE B 7 1.67 -30.56 -13.44
C ILE B 7 0.68 -31.62 -13.02
N GLU B 8 0.52 -32.68 -13.81
CA GLU B 8 -0.39 -33.77 -13.39
C GLU B 8 0.04 -34.41 -12.04
N ARG B 9 1.33 -34.70 -11.89
CA ARG B 9 1.79 -35.34 -10.66
C ARG B 9 1.47 -34.41 -9.48
N LEU B 10 1.73 -33.11 -9.65
CA LEU B 10 1.48 -32.17 -8.59
C LEU B 10 -0.01 -32.07 -8.23
N ARG B 11 -0.88 -32.02 -9.23
CA ARG B 11 -2.33 -32.02 -8.98
C ARG B 11 -2.82 -33.28 -8.22
N SER B 12 -2.17 -34.41 -8.47
CA SER B 12 -2.56 -35.67 -7.78
C SER B 12 -2.36 -35.62 -6.26
N ALA B 13 -1.46 -34.74 -5.77
CA ALA B 13 -1.30 -34.46 -4.33
C ALA B 13 -2.29 -33.43 -3.71
N PHE B 14 -3.10 -32.73 -4.51
CA PHE B 14 -4.00 -31.71 -3.96
C PHE B 14 -4.97 -32.24 -2.86
N ASP B 15 -5.73 -33.28 -3.19
CA ASP B 15 -6.70 -33.79 -2.23
C ASP B 15 -6.05 -34.08 -0.85
N GLU B 16 -4.94 -34.81 -0.80
CA GLU B 16 -4.37 -35.23 0.50
CA GLU B 16 -4.36 -35.22 0.50
C GLU B 16 -3.89 -34.00 1.30
N ALA B 17 -3.43 -32.97 0.58
CA ALA B 17 -2.97 -31.69 1.14
C ALA B 17 -4.11 -30.78 1.54
N GLY B 18 -5.32 -31.14 1.17
CA GLY B 18 -6.51 -30.34 1.50
C GLY B 18 -6.64 -29.07 0.68
N ILE B 19 -6.18 -29.11 -0.57
CA ILE B 19 -6.18 -27.93 -1.39
C ILE B 19 -6.83 -28.18 -2.72
N ASP B 20 -7.23 -27.12 -3.40
CA ASP B 20 -7.65 -27.27 -4.81
C ASP B 20 -6.84 -26.42 -5.74
N GLY B 21 -5.72 -25.94 -5.25
CA GLY B 21 -4.87 -25.09 -6.04
C GLY B 21 -3.64 -24.75 -5.24
N ILE B 22 -2.55 -24.45 -5.91
CA ILE B 22 -1.30 -24.14 -5.19
C ILE B 22 -0.60 -22.92 -5.76
N LEU B 23 -0.03 -22.12 -4.87
CA LEU B 23 0.75 -20.95 -5.26
C LEU B 23 2.19 -21.31 -4.94
N LEU B 24 3.07 -21.34 -5.94
CA LEU B 24 4.48 -21.68 -5.75
C LEU B 24 5.29 -20.40 -5.80
N THR B 25 5.95 -20.09 -4.68
CA THR B 25 6.75 -18.86 -4.54
C THR B 25 8.22 -19.20 -4.36
N ASN B 26 8.52 -20.42 -3.94
CA ASN B 26 9.89 -20.85 -3.73
C ASN B 26 10.64 -20.91 -5.09
N GLU B 27 11.87 -20.40 -5.12
CA GLU B 27 12.59 -20.25 -6.36
CA GLU B 27 12.59 -20.25 -6.36
C GLU B 27 12.92 -21.60 -7.00
N HIS B 28 13.13 -22.65 -6.20
CA HIS B 28 13.42 -23.97 -6.74
C HIS B 28 12.17 -24.59 -7.28
N SER B 29 11.06 -24.41 -6.59
CA SER B 29 9.78 -24.86 -7.12
C SER B 29 9.45 -24.22 -8.45
N ARG B 30 9.66 -22.92 -8.58
CA ARG B 30 9.41 -22.19 -9.83
C ARG B 30 10.27 -22.72 -10.98
N ARG B 31 11.56 -22.90 -10.73
CA ARG B 31 12.47 -23.39 -11.75
C ARG B 31 12.16 -24.84 -12.14
N TYR B 32 11.77 -25.64 -11.16
CA TYR B 32 11.51 -27.02 -11.42
C TYR B 32 10.19 -27.16 -12.19
N MET B 33 9.15 -26.43 -11.79
CA MET B 33 7.83 -26.68 -12.37
C MET B 33 7.72 -26.06 -13.75
N ALA B 34 8.20 -24.85 -13.87
CA ALA B 34 7.97 -24.02 -15.07
C ALA B 34 9.24 -23.87 -15.92
N ASN B 35 10.32 -24.59 -15.57
CA ASN B 35 11.62 -24.48 -16.22
C ASN B 35 12.14 -23.08 -16.35
N PHE B 36 11.74 -22.24 -15.41
CA PHE B 36 12.09 -20.85 -15.47
C PHE B 36 13.35 -20.52 -14.63
N THR B 37 14.22 -19.79 -15.30
CA THR B 37 15.58 -19.51 -14.92
C THR B 37 15.71 -18.15 -14.26
N GLY B 38 14.73 -17.27 -14.49
CA GLY B 38 14.77 -15.94 -13.92
C GLY B 38 14.63 -15.84 -12.44
N THR B 39 14.60 -14.62 -11.92
CA THR B 39 14.60 -14.35 -10.50
C THR B 39 13.25 -13.87 -9.93
N ALA B 40 12.25 -13.68 -10.76
CA ALA B 40 10.94 -13.16 -10.32
C ALA B 40 9.79 -13.94 -10.97
N GLY B 41 8.65 -13.93 -10.31
CA GLY B 41 7.50 -14.61 -10.74
C GLY B 41 6.99 -15.66 -9.77
N VAL B 42 5.71 -15.95 -9.87
CA VAL B 42 5.04 -17.04 -9.14
C VAL B 42 4.27 -17.96 -10.10
N VAL B 43 4.03 -19.19 -9.65
CA VAL B 43 3.31 -20.17 -10.40
C VAL B 43 1.98 -20.42 -9.70
N LEU B 44 0.85 -20.40 -10.46
CA LEU B 44 -0.43 -20.71 -9.83
C LEU B 44 -1.07 -21.87 -10.56
N ILE B 45 -1.36 -22.97 -9.85
CA ILE B 45 -1.89 -24.17 -10.49
C ILE B 45 -3.22 -24.54 -9.89
N SER B 46 -4.32 -24.59 -10.70
CA SER B 46 -5.59 -25.16 -10.21
C SER B 46 -5.64 -26.63 -10.74
N LYS B 47 -6.74 -27.33 -10.55
CA LYS B 47 -6.85 -28.67 -11.10
C LYS B 47 -6.96 -28.68 -12.60
N LYS B 48 -7.27 -27.54 -13.20
CA LYS B 48 -7.58 -27.44 -14.60
C LYS B 48 -6.75 -26.43 -15.39
N ARG B 49 -6.18 -25.43 -14.73
CA ARG B 49 -5.35 -24.41 -15.38
C ARG B 49 -3.98 -24.27 -14.67
N ALA B 50 -3.02 -23.68 -15.35
CA ALA B 50 -1.68 -23.46 -14.88
C ALA B 50 -1.25 -22.14 -15.49
N GLN B 51 -0.79 -21.23 -14.64
CA GLN B 51 -0.33 -19.88 -14.95
C GLN B 51 1.01 -19.58 -14.27
N PHE B 52 1.81 -18.81 -14.98
CA PHE B 52 3.04 -18.24 -14.56
C PHE B 52 2.80 -16.73 -14.56
N ILE B 53 2.84 -16.13 -13.38
CA ILE B 53 2.56 -14.74 -13.25
C ILE B 53 3.87 -14.01 -13.10
N THR B 54 4.15 -13.07 -13.97
CA THR B 54 5.41 -12.39 -13.87
C THR B 54 5.49 -10.95 -14.23
N ASP B 55 6.68 -10.42 -13.98
CA ASP B 55 7.03 -9.02 -14.11
C ASP B 55 7.24 -8.83 -15.58
N PHE B 56 6.80 -7.67 -16.08
CA PHE B 56 6.89 -7.34 -17.48
C PHE B 56 8.28 -7.64 -18.12
N ARG B 57 9.33 -7.33 -17.40
CA ARG B 57 10.71 -7.67 -17.77
C ARG B 57 10.96 -9.12 -18.22
N TYR B 58 10.23 -10.07 -17.62
CA TYR B 58 10.43 -11.50 -17.91
C TYR B 58 9.39 -12.12 -18.84
N VAL B 59 8.59 -11.31 -19.53
CA VAL B 59 7.41 -11.85 -20.21
C VAL B 59 7.77 -12.74 -21.40
N GLU B 60 8.74 -12.33 -22.22
CA GLU B 60 9.12 -13.14 -23.39
C GLU B 60 9.91 -14.40 -22.95
N GLN B 61 10.73 -14.28 -21.90
CA GLN B 61 11.47 -15.42 -21.41
C GLN B 61 10.49 -16.44 -20.89
N ALA B 62 9.53 -16.00 -20.08
CA ALA B 62 8.57 -16.91 -19.48
C ALA B 62 7.79 -17.60 -20.59
N SER B 63 7.47 -16.83 -21.61
CA SER B 63 6.74 -17.36 -22.74
CA SER B 63 6.74 -17.38 -22.74
C SER B 63 7.54 -18.53 -23.32
N LYS B 64 8.86 -18.35 -23.47
CA LYS B 64 9.72 -19.41 -23.96
C LYS B 64 10.01 -20.55 -23.00
N GLN B 65 10.27 -20.25 -21.75
CA GLN B 65 10.67 -21.30 -20.82
C GLN B 65 9.46 -22.08 -20.26
N ALA B 66 8.40 -21.34 -19.89
CA ALA B 66 7.22 -21.90 -19.15
C ALA B 66 6.18 -22.42 -20.06
N VAL B 67 6.60 -23.37 -20.89
CA VAL B 67 5.67 -24.00 -21.81
C VAL B 67 4.65 -24.79 -21.03
N GLY B 68 3.39 -24.80 -21.50
CA GLY B 68 2.30 -25.39 -20.70
C GLY B 68 1.67 -24.44 -19.64
N TYR B 69 2.18 -23.22 -19.52
CA TYR B 69 1.64 -22.23 -18.54
C TYR B 69 1.10 -21.02 -19.26
N GLU B 70 -0.09 -20.58 -18.88
CA GLU B 70 -0.62 -19.28 -19.30
C GLU B 70 0.29 -18.21 -18.68
N ILE B 71 0.83 -17.33 -19.49
CA ILE B 71 1.70 -16.24 -19.02
C ILE B 71 0.87 -15.00 -18.71
N VAL B 72 0.90 -14.63 -17.43
CA VAL B 72 0.14 -13.50 -16.90
C VAL B 72 1.08 -12.38 -16.49
N GLN B 73 0.83 -11.19 -17.00
CA GLN B 73 1.57 -9.97 -16.58
C GLN B 73 0.84 -9.29 -15.44
N HIS B 74 1.54 -8.76 -14.45
CA HIS B 74 0.90 -7.90 -13.44
C HIS B 74 1.19 -6.42 -13.77
N ALA B 75 0.14 -5.66 -13.94
CA ALA B 75 0.26 -4.22 -14.19
C ALA B 75 0.45 -3.46 -12.90
N GLY B 76 -0.04 -4.01 -11.81
CA GLY B 76 0.29 -3.41 -10.51
C GLY B 76 1.02 -4.41 -9.65
N LEU B 77 0.50 -4.63 -8.47
CA LEU B 77 1.22 -5.45 -7.49
C LEU B 77 0.97 -6.95 -7.80
N ILE B 78 2.01 -7.78 -7.69
CA ILE B 78 1.92 -9.25 -8.01
C ILE B 78 0.87 -9.91 -7.14
N ILE B 79 0.82 -9.54 -5.86
CA ILE B 79 -0.21 -10.09 -4.99
C ILE B 79 -1.64 -9.81 -5.46
N ASP B 80 -1.88 -8.59 -5.96
CA ASP B 80 -3.17 -8.23 -6.41
C ASP B 80 -3.53 -9.08 -7.66
N GLU B 81 -2.51 -9.39 -8.46
CA GLU B 81 -2.74 -10.14 -9.66
C GLU B 81 -3.06 -11.55 -9.25
N VAL B 82 -2.29 -12.05 -8.27
CA VAL B 82 -2.52 -13.39 -7.80
C VAL B 82 -3.97 -13.57 -7.27
N ALA B 83 -4.47 -12.59 -6.53
CA ALA B 83 -5.82 -12.65 -6.00
C ALA B 83 -6.89 -12.64 -7.11
N LYS B 84 -6.67 -11.80 -8.13
CA LYS B 84 -7.48 -11.81 -9.34
C LYS B 84 -7.57 -13.17 -10.03
N GLN B 85 -6.42 -13.84 -10.19
CA GLN B 85 -6.35 -15.12 -10.89
C GLN B 85 -6.84 -16.32 -10.06
N VAL B 86 -6.75 -16.20 -8.75
CA VAL B 86 -7.32 -17.21 -7.85
C VAL B 86 -8.82 -17.21 -8.04
N LYS B 87 -9.40 -16.01 -8.03
CA LYS B 87 -10.81 -15.86 -8.35
C LYS B 87 -11.10 -16.47 -9.72
N GLU B 88 -10.33 -16.10 -10.74
CA GLU B 88 -10.59 -16.52 -12.15
C GLU B 88 -10.50 -18.02 -12.28
N LEU B 89 -9.56 -18.63 -11.52
CA LEU B 89 -9.33 -20.09 -11.54
C LEU B 89 -10.31 -20.85 -10.68
N GLY B 90 -11.02 -20.11 -9.84
CA GLY B 90 -12.09 -20.63 -9.02
C GLY B 90 -11.60 -21.50 -7.89
N ILE B 91 -10.39 -21.19 -7.42
CA ILE B 91 -9.72 -21.95 -6.42
C ILE B 91 -10.34 -21.52 -5.08
N GLN B 92 -10.84 -22.47 -4.30
CA GLN B 92 -11.40 -22.18 -2.97
C GLN B 92 -10.47 -22.34 -1.81
N LYS B 93 -9.52 -23.24 -1.97
CA LYS B 93 -8.62 -23.66 -0.92
C LYS B 93 -7.24 -23.59 -1.53
N LEU B 94 -6.60 -22.43 -1.41
CA LEU B 94 -5.30 -22.21 -2.06
C LEU B 94 -4.12 -22.63 -1.15
N GLY B 95 -3.33 -23.61 -1.58
CA GLY B 95 -2.06 -23.96 -0.85
C GLY B 95 -0.93 -22.93 -1.05
N PHE B 96 -0.06 -22.83 -0.05
CA PHE B 96 1.17 -22.06 -0.19
C PHE B 96 2.32 -22.83 0.41
N GLU B 97 3.53 -22.40 0.07
CA GLU B 97 4.71 -23.08 0.52
C GLU B 97 5.20 -22.48 1.81
N GLN B 98 4.74 -23.02 2.91
CA GLN B 98 4.93 -22.38 4.21
C GLN B 98 6.38 -22.43 4.74
N ASP B 99 7.21 -23.33 4.19
CA ASP B 99 8.62 -23.42 4.60
C ASP B 99 9.47 -22.34 3.91
N THR B 100 8.90 -21.62 2.95
CA THR B 100 9.54 -20.48 2.28
C THR B 100 8.82 -19.16 2.50
N LEU B 101 7.51 -19.16 2.44
CA LEU B 101 6.80 -17.90 2.49
C LEU B 101 7.05 -17.23 3.86
N THR B 102 7.46 -15.97 3.81
CA THR B 102 7.68 -15.19 5.05
C THR B 102 6.37 -14.78 5.64
N TYR B 103 6.40 -14.50 6.94
CA TYR B 103 5.20 -14.12 7.65
C TYR B 103 4.59 -12.89 7.07
N SER B 104 5.43 -11.93 6.67
CA SER B 104 4.95 -10.73 6.00
CA SER B 104 4.91 -10.72 6.03
C SER B 104 4.15 -11.00 4.75
N SER B 105 4.71 -11.82 3.87
CA SER B 105 4.05 -12.17 2.62
C SER B 105 2.84 -13.02 2.85
N TYR B 106 2.88 -13.97 3.78
CA TYR B 106 1.66 -14.64 4.20
C TYR B 106 0.50 -13.68 4.53
N SER B 107 0.80 -12.64 5.30
CA SER B 107 -0.23 -11.73 5.72
C SER B 107 -0.80 -10.92 4.59
N ALA B 108 0.07 -10.51 3.68
CA ALA B 108 -0.35 -9.72 2.55
C ALA B 108 -1.14 -10.58 1.57
N HIS B 109 -0.78 -11.86 1.40
CA HIS B 109 -1.51 -12.73 0.50
C HIS B 109 -2.89 -13.04 1.07
N LYS B 110 -2.90 -13.33 2.37
CA LYS B 110 -4.11 -13.70 3.07
C LYS B 110 -5.13 -12.59 3.06
N GLU B 111 -4.65 -11.34 3.20
CA GLU B 111 -5.52 -10.16 3.18
CA GLU B 111 -5.48 -10.18 3.20
C GLU B 111 -6.13 -9.99 1.82
N ALA B 112 -5.35 -10.24 0.79
CA ALA B 112 -5.82 -9.93 -0.57
C ALA B 112 -6.64 -11.04 -1.23
N ILE B 113 -6.43 -12.29 -0.82
CA ILE B 113 -7.03 -13.43 -1.52
C ILE B 113 -8.29 -13.91 -0.86
N ASP B 114 -9.36 -14.11 -1.66
CA ASP B 114 -10.65 -14.47 -1.07
C ASP B 114 -10.65 -15.86 -0.40
N ALA B 115 -10.06 -16.78 -1.13
CA ALA B 115 -9.98 -18.18 -0.79
C ALA B 115 -9.32 -18.45 0.58
N GLU B 116 -9.55 -19.63 1.15
CA GLU B 116 -8.77 -20.13 2.30
C GLU B 116 -7.32 -20.27 1.85
N PHE B 117 -6.41 -19.98 2.74
CA PHE B 117 -5.03 -19.99 2.37
C PHE B 117 -4.36 -20.99 3.27
N ILE B 118 -3.92 -22.09 2.68
CA ILE B 118 -3.65 -23.34 3.38
C ILE B 118 -2.15 -23.67 3.34
N PRO B 119 -1.55 -23.82 4.51
CA PRO B 119 -0.17 -24.16 4.50
C PRO B 119 0.10 -25.59 3.98
N THR B 120 1.10 -25.70 3.12
CA THR B 120 1.57 -26.98 2.63
C THR B 120 3.09 -27.07 2.71
N SER B 121 3.59 -28.29 2.69
CA SER B 121 5.02 -28.58 2.67
C SER B 121 5.27 -29.84 1.84
N GLY B 122 6.41 -29.87 1.15
CA GLY B 122 6.85 -31.07 0.46
C GLY B 122 6.19 -31.44 -0.84
N LEU B 123 5.27 -30.63 -1.38
CA LEU B 123 4.56 -31.10 -2.59
C LEU B 123 5.49 -31.17 -3.83
N VAL B 124 6.12 -30.06 -4.14
CA VAL B 124 7.10 -30.04 -5.22
C VAL B 124 8.33 -30.90 -4.90
N GLU B 125 8.75 -30.92 -3.62
CA GLU B 125 9.84 -31.74 -3.19
C GLU B 125 9.64 -33.21 -3.50
N LYS B 126 8.43 -33.72 -3.41
CA LYS B 126 8.23 -35.12 -3.66
C LYS B 126 8.59 -35.43 -5.12
N LEU B 127 8.36 -34.47 -6.03
CA LEU B 127 8.70 -34.64 -7.45
C LEU B 127 10.22 -34.57 -7.64
N ARG B 128 10.87 -33.58 -7.01
CA ARG B 128 12.31 -33.34 -7.19
C ARG B 128 13.13 -34.49 -6.63
N LEU B 129 12.50 -35.24 -5.76
CA LEU B 129 13.16 -36.35 -5.07
C LEU B 129 13.79 -37.38 -6.02
N ILE B 130 13.05 -37.70 -7.09
CA ILE B 130 13.45 -38.69 -8.07
C ILE B 130 13.88 -37.98 -9.37
N LYS B 131 15.15 -38.10 -9.72
CA LYS B 131 15.74 -37.33 -10.80
C LYS B 131 15.43 -37.98 -12.16
N THR B 132 15.14 -37.17 -13.18
CA THR B 132 14.95 -37.64 -14.56
C THR B 132 16.28 -38.04 -15.21
N ASP B 133 16.21 -38.80 -16.30
CA ASP B 133 17.42 -39.11 -17.11
C ASP B 133 18.18 -37.82 -17.48
N SER B 134 17.44 -36.73 -17.69
CA SER B 134 18.03 -35.45 -18.08
CA SER B 134 18.06 -35.46 -18.10
C SER B 134 18.74 -34.77 -16.94
N GLU B 135 18.10 -34.81 -15.77
CA GLU B 135 18.72 -34.28 -14.57
C GLU B 135 19.96 -35.07 -14.19
N ILE B 136 19.90 -36.39 -14.32
CA ILE B 136 21.05 -37.27 -14.00
C ILE B 136 22.22 -36.90 -14.91
N LYS B 137 21.94 -36.59 -16.16
CA LYS B 137 22.96 -36.20 -17.09
C LYS B 137 23.63 -34.92 -16.64
N ILE B 138 22.83 -33.95 -16.25
CA ILE B 138 23.40 -32.70 -15.81
C ILE B 138 24.19 -32.94 -14.52
N LEU B 139 23.66 -33.75 -13.60
CA LEU B 139 24.37 -34.03 -12.34
C LEU B 139 25.69 -34.71 -12.63
N LYS B 140 25.72 -35.63 -13.58
CA LYS B 140 26.98 -36.19 -14.02
C LYS B 140 28.00 -35.16 -14.52
N GLU B 141 27.57 -34.15 -15.26
CA GLU B 141 28.46 -33.11 -15.81
C GLU B 141 28.97 -32.18 -14.73
N ALA B 142 28.11 -31.90 -13.76
CA ALA B 142 28.50 -31.13 -12.58
C ALA B 142 29.57 -31.88 -11.75
N ALA B 143 29.43 -33.20 -11.61
CA ALA B 143 30.41 -34.06 -10.92
C ALA B 143 31.73 -34.06 -11.62
N GLN B 144 31.70 -34.16 -12.95
CA GLN B 144 32.92 -34.20 -13.74
C GLN B 144 33.67 -32.90 -13.65
N ILE B 145 32.97 -31.78 -13.65
CA ILE B 145 33.60 -30.49 -13.45
C ILE B 145 34.32 -30.39 -12.08
N ALA B 146 33.72 -30.93 -11.03
CA ALA B 146 34.36 -30.94 -9.71
C ALA B 146 35.59 -31.87 -9.70
N ASP B 147 35.45 -33.04 -10.30
CA ASP B 147 36.54 -33.97 -10.48
C ASP B 147 37.66 -33.24 -11.19
N ALA B 148 37.35 -32.55 -12.28
CA ALA B 148 38.38 -31.84 -13.01
C ALA B 148 39.13 -30.85 -12.11
N ALA B 149 38.37 -30.11 -11.28
CA ALA B 149 38.98 -29.14 -10.37
C ALA B 149 39.79 -29.84 -9.31
N PHE B 150 39.37 -31.00 -8.87
CA PHE B 150 40.24 -31.79 -7.94
C PHE B 150 41.60 -32.10 -8.54
N GLU B 151 41.59 -32.55 -9.80
CA GLU B 151 42.81 -33.00 -10.40
C GLU B 151 43.75 -31.81 -10.53
N HIS B 152 43.19 -30.69 -10.93
CA HIS B 152 43.91 -29.43 -11.07
C HIS B 152 44.52 -29.01 -9.72
N ILE B 153 43.72 -29.08 -8.65
CA ILE B 153 44.16 -28.59 -7.31
C ILE B 153 45.28 -29.37 -6.73
N LEU B 154 45.43 -30.63 -7.16
CA LEU B 154 46.57 -31.43 -6.71
C LEU B 154 47.91 -30.76 -7.04
N SER B 155 47.95 -29.98 -8.11
CA SER B 155 49.20 -29.31 -8.48
C SER B 155 49.36 -27.94 -7.84
N PHE B 156 48.34 -27.48 -7.13
CA PHE B 156 48.30 -26.14 -6.65
C PHE B 156 48.71 -26.15 -5.19
N ILE B 157 48.26 -27.16 -4.45
CA ILE B 157 48.39 -27.16 -3.00
C ILE B 157 49.84 -27.39 -2.58
N ARG B 158 50.38 -26.50 -1.76
CA ARG B 158 51.74 -26.65 -1.28
C ARG B 158 51.93 -25.84 -0.02
N PRO B 159 53.01 -26.10 0.70
CA PRO B 159 53.21 -25.34 1.93
C PRO B 159 53.28 -23.86 1.63
N GLY B 160 52.61 -23.07 2.46
CA GLY B 160 52.60 -21.65 2.31
C GLY B 160 51.47 -21.02 1.54
N VAL B 161 50.61 -21.79 0.86
CA VAL B 161 49.40 -21.26 0.28
CA VAL B 161 49.40 -21.23 0.29
C VAL B 161 48.30 -21.20 1.33
N SER B 162 47.42 -20.24 1.23
CA SER B 162 46.34 -20.15 2.19
C SER B 162 45.19 -21.01 1.72
N GLU B 163 44.36 -21.37 2.69
CA GLU B 163 43.16 -22.10 2.45
C GLU B 163 42.26 -21.30 1.48
N ILE B 164 42.08 -19.98 1.72
CA ILE B 164 41.32 -19.15 0.82
C ILE B 164 41.93 -19.16 -0.61
N GLU B 165 43.25 -19.19 -0.74
CA GLU B 165 43.91 -19.27 -2.06
C GLU B 165 43.52 -20.54 -2.85
N VAL B 166 43.40 -21.64 -2.13
CA VAL B 166 42.97 -22.91 -2.67
C VAL B 166 41.51 -22.84 -3.11
N SER B 167 40.68 -22.25 -2.25
CA SER B 167 39.28 -22.03 -2.51
C SER B 167 39.06 -21.21 -3.78
N ASN B 168 39.81 -20.14 -3.87
CA ASN B 168 39.77 -19.31 -5.03
C ASN B 168 40.21 -19.99 -6.32
N GLU B 169 41.28 -20.80 -6.28
CA GLU B 169 41.68 -21.52 -7.48
C GLU B 169 40.65 -22.57 -7.92
N LEU B 170 40.06 -23.29 -6.95
CA LEU B 170 38.98 -24.21 -7.24
C LEU B 170 37.81 -23.45 -7.90
N GLU B 171 37.46 -22.28 -7.36
CA GLU B 171 36.35 -21.48 -7.93
C GLU B 171 36.63 -21.14 -9.42
N PHE B 172 37.86 -20.70 -9.67
CA PHE B 172 38.29 -20.29 -10.97
C PHE B 172 38.29 -21.46 -11.95
N PHE B 173 38.85 -22.58 -11.53
CA PHE B 173 38.95 -23.70 -12.45
C PHE B 173 37.57 -24.23 -12.84
N MET B 174 36.68 -24.39 -11.88
CA MET B 174 35.34 -24.86 -12.15
C MET B 174 34.62 -23.88 -13.08
N ARG B 175 34.65 -22.57 -12.82
CA ARG B 175 34.05 -21.62 -13.79
C ARG B 175 34.67 -21.77 -15.20
N LYS B 176 35.98 -21.90 -15.28
CA LYS B 176 36.62 -22.12 -16.57
C LYS B 176 36.09 -23.41 -17.24
N GLN B 177 35.68 -24.42 -16.49
CA GLN B 177 35.11 -25.63 -17.12
C GLN B 177 33.62 -25.51 -17.41
N GLY B 178 33.01 -24.33 -17.27
CA GLY B 178 31.57 -24.17 -17.54
C GLY B 178 30.63 -24.09 -16.34
N ALA B 179 31.10 -24.27 -15.13
CA ALA B 179 30.23 -23.98 -13.95
C ALA B 179 29.86 -22.52 -13.90
N THR B 180 28.66 -22.21 -13.40
CA THR B 180 28.27 -20.86 -13.09
C THR B 180 29.05 -20.37 -11.88
N SER B 181 29.28 -21.26 -10.92
CA SER B 181 29.98 -20.90 -9.70
C SER B 181 30.21 -22.20 -8.91
N SER B 182 30.84 -22.12 -7.75
CA SER B 182 30.81 -23.27 -6.84
C SER B 182 29.33 -23.43 -6.37
N SER B 183 29.01 -24.58 -5.81
CA SER B 183 27.64 -24.87 -5.39
C SER B 183 27.37 -24.49 -3.97
N PHE B 184 28.41 -24.05 -3.27
CA PHE B 184 28.27 -23.60 -1.88
C PHE B 184 29.62 -23.06 -1.42
N ASP B 185 29.67 -22.45 -0.22
CA ASP B 185 30.89 -21.83 0.26
C ASP B 185 31.94 -22.95 0.53
N ILE B 186 33.06 -22.91 -0.19
CA ILE B 186 34.04 -23.99 -0.21
C ILE B 186 34.69 -24.12 1.12
N ILE B 187 34.83 -25.38 1.53
CA ILE B 187 35.62 -25.75 2.73
C ILE B 187 37.04 -26.17 2.31
N VAL B 188 38.05 -25.49 2.86
CA VAL B 188 39.40 -25.97 2.72
C VAL B 188 39.87 -25.92 4.14
N ALA B 189 39.96 -27.08 4.73
CA ALA B 189 40.27 -27.16 6.16
C ALA B 189 41.53 -27.98 6.41
N SER B 190 42.58 -27.30 6.85
CA SER B 190 43.93 -27.83 6.91
C SER B 190 44.47 -27.94 8.32
N GLY B 191 45.29 -28.97 8.56
CA GLY B 191 46.01 -29.08 9.86
C GLY B 191 45.00 -29.29 10.94
N LEU B 192 45.11 -28.54 12.04
CA LEU B 192 44.10 -28.61 13.10
C LEU B 192 42.71 -28.29 12.53
N ARG B 193 42.60 -27.39 11.55
CA ARG B 193 41.25 -27.07 11.11
C ARG B 193 40.60 -28.30 10.42
N SER B 194 41.36 -29.34 10.04
CA SER B 194 40.72 -30.55 9.46
C SER B 194 39.79 -31.27 10.44
N ALA B 195 39.77 -30.81 11.68
CA ALA B 195 38.89 -31.32 12.70
C ALA B 195 37.57 -30.55 12.72
N LEU B 196 37.43 -29.53 11.88
CA LEU B 196 36.16 -28.80 11.71
C LEU B 196 35.37 -29.25 10.47
N PRO B 197 34.24 -29.97 10.69
CA PRO B 197 33.45 -30.52 9.57
C PRO B 197 32.90 -29.45 8.65
N HIS B 198 32.68 -28.27 9.24
CA HIS B 198 32.13 -27.13 8.53
CA HIS B 198 32.13 -27.11 8.58
C HIS B 198 33.20 -26.03 8.38
N GLY B 199 34.49 -26.42 8.38
CA GLY B 199 35.58 -25.47 8.31
C GLY B 199 35.78 -24.76 7.00
N VAL B 200 34.95 -23.75 6.73
CA VAL B 200 35.09 -22.91 5.54
C VAL B 200 36.52 -22.35 5.42
N ALA B 201 37.06 -22.33 4.19
CA ALA B 201 38.40 -21.82 3.91
C ALA B 201 38.66 -20.52 4.61
N SER B 202 39.76 -20.49 5.34
CA SER B 202 40.17 -19.31 6.04
C SER B 202 41.52 -18.79 5.57
N GLU B 203 42.02 -17.80 6.31
CA GLU B 203 43.29 -17.23 5.99
CA GLU B 203 43.30 -17.21 6.02
C GLU B 203 44.45 -18.09 6.49
N LYS B 204 44.14 -19.19 7.18
CA LYS B 204 45.23 -20.08 7.60
C LYS B 204 46.15 -20.53 6.46
N VAL B 205 47.45 -20.56 6.72
CA VAL B 205 48.42 -21.06 5.78
C VAL B 205 48.60 -22.57 5.92
N ILE B 206 48.59 -23.29 4.79
CA ILE B 206 48.82 -24.72 4.76
C ILE B 206 50.31 -25.03 5.10
N GLU B 207 50.54 -26.11 5.84
CA GLU B 207 51.89 -26.51 6.26
C GLU B 207 52.11 -27.97 6.01
N THR B 208 53.40 -28.30 5.98
CA THR B 208 53.88 -29.64 5.85
C THR B 208 53.34 -30.37 7.06
N GLY B 209 52.88 -31.60 6.85
CA GLY B 209 52.24 -32.38 7.89
C GLY B 209 50.71 -32.25 7.96
N ASP B 210 50.12 -31.38 7.14
CA ASP B 210 48.67 -31.16 7.19
C ASP B 210 47.90 -32.18 6.40
N PHE B 211 46.79 -32.61 6.99
CA PHE B 211 45.67 -33.05 6.18
C PHE B 211 44.94 -31.82 5.71
N VAL B 212 44.46 -31.88 4.50
CA VAL B 212 43.67 -30.82 3.99
C VAL B 212 42.35 -31.38 3.44
N THR B 213 41.24 -31.02 4.04
CA THR B 213 39.98 -31.49 3.56
C THR B 213 39.43 -30.50 2.55
N LEU B 214 39.10 -31.00 1.36
CA LEU B 214 38.62 -30.18 0.26
C LEU B 214 37.18 -30.57 -0.05
N ASP B 215 36.24 -29.71 0.26
CA ASP B 215 34.83 -30.06 0.11
C ASP B 215 34.24 -28.97 -0.76
N PHE B 216 33.82 -29.32 -1.99
CA PHE B 216 33.41 -28.27 -2.91
C PHE B 216 32.55 -28.91 -3.99
N GLY B 217 31.88 -28.11 -4.78
CA GLY B 217 31.14 -28.70 -5.92
C GLY B 217 30.81 -27.65 -6.93
N ALA B 218 30.24 -28.08 -8.05
CA ALA B 218 29.92 -27.22 -9.15
C ALA B 218 28.42 -26.96 -9.18
N TYR B 219 28.07 -25.71 -9.49
CA TYR B 219 26.71 -25.31 -9.81
C TYR B 219 26.67 -25.19 -11.32
N TYR B 220 26.07 -26.19 -11.96
CA TYR B 220 26.08 -26.34 -13.42
C TYR B 220 24.67 -26.51 -13.96
N LYS B 221 24.26 -25.60 -14.83
CA LYS B 221 22.89 -25.62 -15.43
C LYS B 221 21.80 -25.92 -14.39
N GLY B 222 21.84 -25.20 -13.28
CA GLY B 222 20.88 -25.29 -12.24
C GLY B 222 21.05 -26.37 -11.18
N TYR B 223 22.04 -27.24 -11.35
CA TYR B 223 22.17 -28.42 -10.49
C TYR B 223 23.53 -28.44 -9.77
N CYS B 224 23.61 -29.20 -8.68
CA CYS B 224 24.73 -29.12 -7.75
C CYS B 224 25.43 -30.44 -7.60
N SER B 225 26.75 -30.44 -7.81
CA SER B 225 27.57 -31.55 -7.35
C SER B 225 28.19 -31.22 -5.99
N ASP B 226 28.77 -32.24 -5.36
CA ASP B 226 29.36 -32.06 -4.04
C ASP B 226 30.36 -33.17 -3.78
N ILE B 227 31.62 -32.80 -3.78
CA ILE B 227 32.68 -33.75 -3.53
C ILE B 227 33.53 -33.35 -2.34
N THR B 228 34.02 -34.34 -1.61
CA THR B 228 35.02 -34.10 -0.59
C THR B 228 36.12 -35.12 -0.72
N ARG B 229 37.35 -34.62 -0.77
CA ARG B 229 38.55 -35.44 -0.65
C ARG B 229 39.49 -34.84 0.40
N THR B 230 40.32 -35.68 1.01
CA THR B 230 41.25 -35.23 2.02
C THR B 230 42.64 -35.72 1.58
N ILE B 231 43.54 -34.76 1.38
CA ILE B 231 44.88 -35.04 0.91
C ILE B 231 45.84 -34.74 2.03
N ALA B 232 47.09 -35.15 1.90
CA ALA B 232 48.13 -34.86 2.89
C ALA B 232 49.17 -33.96 2.24
N VAL B 233 49.65 -32.96 2.96
CA VAL B 233 50.77 -32.16 2.46
C VAL B 233 52.03 -32.60 3.18
N GLY B 234 52.90 -33.30 2.48
CA GLY B 234 54.05 -33.97 3.11
C GLY B 234 53.56 -35.14 3.95
N GLU B 235 54.49 -35.91 4.50
CA GLU B 235 54.13 -37.14 5.24
C GLU B 235 53.29 -36.89 6.50
N PRO B 236 52.09 -37.45 6.57
CA PRO B 236 51.28 -37.20 7.72
C PRO B 236 51.63 -38.20 8.84
N SER B 237 51.19 -37.91 10.05
CA SER B 237 51.33 -38.86 11.16
C SER B 237 50.56 -40.17 11.02
N ASP B 238 51.01 -41.20 11.75
CA ASP B 238 50.32 -42.50 11.78
C ASP B 238 48.88 -42.40 12.22
N LYS B 239 48.61 -41.50 13.13
CA LYS B 239 47.32 -41.37 13.71
C LYS B 239 46.39 -40.81 12.65
N LEU B 240 46.86 -39.80 11.92
CA LEU B 240 46.06 -39.31 10.80
C LEU B 240 45.91 -40.36 9.72
N LYS B 241 46.95 -41.17 9.46
CA LYS B 241 46.79 -42.21 8.45
C LYS B 241 45.78 -43.26 8.89
N GLU B 242 45.70 -43.43 10.20
CA GLU B 242 44.85 -44.46 10.75
C GLU B 242 43.39 -44.12 10.56
N ILE B 243 43.02 -42.91 10.94
CA ILE B 243 41.63 -42.46 10.72
C ILE B 243 41.31 -42.35 9.25
N TYR B 244 42.29 -41.99 8.42
CA TYR B 244 42.04 -42.00 6.98
C TYR B 244 41.55 -43.35 6.45
N ASN B 245 42.28 -44.43 6.77
CA ASN B 245 41.93 -45.77 6.29
C ASN B 245 40.55 -46.19 6.82
N ILE B 246 40.20 -45.77 8.04
CA ILE B 246 38.90 -46.08 8.64
C ILE B 246 37.78 -45.33 7.87
N VAL B 247 38.01 -44.07 7.51
CA VAL B 247 36.99 -43.30 6.79
C VAL B 247 36.86 -43.87 5.40
N LEU B 248 38.00 -44.14 4.76
CA LEU B 248 37.97 -44.76 3.42
C LEU B 248 37.14 -46.05 3.41
N GLU B 249 37.47 -46.97 4.33
CA GLU B 249 36.74 -48.24 4.41
C GLU B 249 35.23 -48.04 4.71
N ALA B 250 34.90 -47.13 5.62
CA ALA B 250 33.50 -46.85 5.94
C ALA B 250 32.81 -46.31 4.71
N GLN B 251 33.51 -45.44 3.97
CA GLN B 251 32.94 -44.79 2.81
C GLN B 251 32.67 -45.83 1.75
N LEU B 252 33.63 -46.76 1.59
CA LEU B 252 33.51 -47.89 0.68
C LEU B 252 32.34 -48.79 1.05
N ARG B 253 32.15 -49.02 2.35
CA ARG B 253 31.00 -49.84 2.79
C ARG B 253 29.69 -49.15 2.44
N GLY B 254 29.68 -47.82 2.51
CA GLY B 254 28.50 -47.05 2.10
C GLY B 254 28.18 -47.24 0.63
N VAL B 255 29.13 -46.89 -0.21
CA VAL B 255 28.93 -46.96 -1.66
C VAL B 255 28.59 -48.39 -2.13
N ASN B 256 29.26 -49.38 -1.55
CA ASN B 256 28.99 -50.77 -1.95
C ASN B 256 27.71 -51.36 -1.45
N GLY B 257 27.14 -50.81 -0.38
CA GLY B 257 25.91 -51.33 0.24
C GLY B 257 24.63 -50.56 -0.03
N ILE B 258 24.72 -49.35 -0.60
CA ILE B 258 23.53 -48.57 -0.87
C ILE B 258 22.82 -49.04 -2.12
N LYS B 259 21.54 -49.37 -1.95
CA LYS B 259 20.62 -49.72 -3.04
C LYS B 259 19.17 -49.33 -2.74
N ALA B 260 18.34 -49.32 -3.77
CA ALA B 260 16.93 -49.01 -3.56
C ALA B 260 16.40 -49.94 -2.48
N GLY B 261 15.51 -49.46 -1.62
CA GLY B 261 14.85 -50.34 -0.65
C GLY B 261 15.39 -50.13 0.74
N LEU B 262 16.68 -49.86 0.85
CA LEU B 262 17.25 -49.45 2.14
C LEU B 262 16.62 -48.19 2.64
N THR B 263 16.49 -48.08 3.95
CA THR B 263 16.07 -46.83 4.52
C THR B 263 17.29 -45.95 4.73
N GLY B 264 17.05 -44.64 4.85
CA GLY B 264 18.11 -43.70 5.25
C GLY B 264 18.94 -44.15 6.46
N ARG B 265 18.27 -44.71 7.48
CA ARG B 265 18.95 -45.17 8.68
C ARG B 265 19.89 -46.32 8.35
N GLU B 266 19.41 -47.23 7.50
CA GLU B 266 20.25 -48.37 7.07
C GLU B 266 21.47 -47.92 6.24
N ALA B 267 21.28 -46.96 5.35
CA ALA B 267 22.40 -46.40 4.58
C ALA B 267 23.44 -45.76 5.50
N ASP B 268 22.96 -44.99 6.46
CA ASP B 268 23.83 -44.32 7.40
C ASP B 268 24.56 -45.39 8.22
N ALA B 269 23.88 -46.50 8.49
CA ALA B 269 24.45 -47.54 9.34
C ALA B 269 25.65 -48.22 8.67
N LEU B 270 25.59 -48.39 7.35
CA LEU B 270 26.70 -48.97 6.58
C LEU B 270 28.05 -48.30 6.91
N THR B 271 28.06 -46.99 7.11
CA THR B 271 29.31 -46.26 7.44
C THR B 271 29.55 -46.16 8.92
N ARG B 272 28.51 -45.84 9.68
CA ARG B 272 28.65 -45.56 11.12
C ARG B 272 28.96 -46.82 11.97
N ASP B 273 28.38 -47.97 11.60
CA ASP B 273 28.66 -49.23 12.30
C ASP B 273 30.15 -49.50 12.29
N TYR B 274 30.78 -49.24 11.14
CA TYR B 274 32.16 -49.55 10.93
C TYR B 274 33.06 -48.58 11.69
N ILE B 275 32.72 -47.31 11.63
CA ILE B 275 33.47 -46.26 12.35
C ILE B 275 33.31 -46.46 13.87
N THR B 276 32.13 -46.90 14.29
CA THR B 276 31.91 -47.17 15.71
C THR B 276 32.66 -48.44 16.18
N GLU B 277 32.62 -49.52 15.40
CA GLU B 277 33.42 -50.74 15.66
C GLU B 277 34.92 -50.43 15.85
N LYS B 278 35.43 -49.53 15.00
CA LYS B 278 36.84 -49.13 15.05
C LYS B 278 37.18 -48.15 16.16
N GLY B 279 36.21 -47.75 16.97
CA GLY B 279 36.48 -46.94 18.14
C GLY B 279 36.25 -45.44 18.02
N TYR B 280 35.74 -44.97 16.89
CA TYR B 280 35.62 -43.53 16.66
C TYR B 280 34.15 -42.99 16.50
N GLY B 281 33.16 -43.77 16.97
CA GLY B 281 31.75 -43.38 16.89
C GLY B 281 31.50 -42.00 17.47
N GLU B 282 32.26 -41.67 18.52
CA GLU B 282 32.23 -40.39 19.23
CA GLU B 282 32.06 -40.39 19.18
C GLU B 282 32.60 -39.19 18.35
N TYR B 283 33.32 -39.45 17.27
CA TYR B 283 33.88 -38.35 16.47
C TYR B 283 33.30 -38.21 15.05
N PHE B 284 32.12 -38.77 14.83
CA PHE B 284 31.44 -38.74 13.53
C PHE B 284 30.09 -38.08 13.72
N GLY B 285 30.13 -36.75 13.85
CA GLY B 285 29.00 -35.99 14.38
C GLY B 285 28.13 -35.27 13.36
N HIS B 286 27.95 -35.88 12.20
CA HIS B 286 26.98 -35.47 11.22
C HIS B 286 26.52 -36.75 10.53
N SER B 287 25.56 -36.61 9.64
CA SER B 287 24.97 -37.74 8.97
C SER B 287 25.87 -38.26 7.84
N THR B 288 25.56 -39.45 7.35
CA THR B 288 26.22 -40.03 6.22
C THR B 288 26.02 -39.33 4.89
N GLY B 289 24.86 -38.69 4.68
CA GLY B 289 24.67 -37.86 3.53
C GLY B 289 23.24 -37.37 3.29
N HIS B 290 23.02 -36.76 2.14
CA HIS B 290 21.73 -36.09 1.84
C HIS B 290 21.53 -35.96 0.34
N GLY B 291 20.31 -35.66 -0.06
CA GLY B 291 20.03 -35.40 -1.46
C GLY B 291 20.74 -34.19 -1.99
N ILE B 292 20.91 -34.19 -3.28
CA ILE B 292 21.41 -33.04 -3.96
C ILE B 292 20.54 -32.89 -5.20
N GLY B 293 20.46 -31.69 -5.75
CA GLY B 293 19.84 -31.52 -7.07
C GLY B 293 19.91 -30.07 -7.45
N LEU B 294 18.75 -29.43 -7.54
CA LEU B 294 18.67 -28.00 -7.70
C LEU B 294 19.24 -27.31 -6.47
N GLU B 295 19.21 -27.96 -5.32
CA GLU B 295 19.90 -27.38 -4.16
C GLU B 295 21.01 -28.26 -3.69
N ILE B 296 21.85 -27.71 -2.77
CA ILE B 296 22.97 -28.48 -2.29
C ILE B 296 22.48 -29.45 -1.26
N HIS B 297 21.43 -29.08 -0.56
CA HIS B 297 20.85 -29.95 0.44
C HIS B 297 19.34 -30.14 0.19
N GLU B 298 18.97 -31.37 -0.09
CA GLU B 298 17.59 -31.68 -0.32
C GLU B 298 17.32 -33.11 0.05
N ALA B 299 16.07 -33.55 -0.03
CA ALA B 299 15.71 -34.87 0.44
C ALA B 299 16.34 -35.93 -0.46
N PRO B 300 16.61 -37.11 0.09
CA PRO B 300 16.38 -37.56 1.47
C PRO B 300 17.58 -37.36 2.40
N GLY B 301 17.42 -37.82 3.64
CA GLY B 301 18.51 -37.84 4.60
C GLY B 301 19.01 -39.28 4.74
N LEU B 302 20.34 -39.43 4.71
CA LEU B 302 20.96 -40.68 5.09
C LEU B 302 21.43 -40.45 6.51
N ALA B 303 20.57 -40.78 7.48
CA ALA B 303 20.75 -40.33 8.87
C ALA B 303 20.09 -41.27 9.86
N PHE B 304 20.43 -41.16 11.13
CA PHE B 304 19.95 -42.16 12.11
C PHE B 304 18.44 -42.14 12.30
N ARG B 305 17.79 -41.03 11.99
CA ARG B 305 16.36 -40.84 12.19
C ARG B 305 15.51 -40.96 10.89
N SER B 306 16.15 -41.14 9.74
CA SER B 306 15.43 -41.20 8.48
C SER B 306 14.77 -42.55 8.18
N ASP B 307 13.47 -42.48 7.92
CA ASP B 307 12.64 -43.64 7.62
C ASP B 307 12.48 -43.74 6.10
N THR B 308 12.97 -42.75 5.37
CA THR B 308 12.76 -42.67 3.94
C THR B 308 13.34 -43.89 3.25
N VAL B 309 12.56 -44.53 2.38
CA VAL B 309 13.02 -45.68 1.65
C VAL B 309 13.71 -45.13 0.43
N LEU B 310 14.95 -45.54 0.19
CA LEU B 310 15.66 -45.12 -1.01
C LEU B 310 15.03 -45.75 -2.25
N GLU B 311 14.94 -44.96 -3.32
CA GLU B 311 14.28 -45.41 -4.55
C GLU B 311 15.13 -45.02 -5.75
N PRO B 312 15.03 -45.78 -6.86
CA PRO B 312 15.86 -45.51 -8.01
C PRO B 312 15.69 -44.05 -8.45
N GLY B 313 16.80 -43.40 -8.82
CA GLY B 313 16.76 -42.00 -9.26
C GLY B 313 16.98 -40.95 -8.20
N MET B 314 17.02 -41.33 -6.92
CA MET B 314 17.46 -40.40 -5.95
C MET B 314 18.96 -40.12 -6.16
N ALA B 315 19.34 -38.86 -6.00
CA ALA B 315 20.73 -38.42 -6.03
C ALA B 315 21.19 -38.05 -4.62
N VAL B 316 22.17 -38.76 -4.09
CA VAL B 316 22.51 -38.50 -2.72
C VAL B 316 24.00 -38.52 -2.52
N THR B 317 24.44 -38.01 -1.39
CA THR B 317 25.87 -37.97 -1.08
C THR B 317 26.16 -39.06 -0.05
N VAL B 318 27.38 -39.54 -0.04
CA VAL B 318 27.85 -40.52 0.91
C VAL B 318 29.17 -40.00 1.41
N GLU B 319 29.18 -39.52 2.65
CA GLU B 319 30.25 -38.68 3.15
C GLU B 319 30.57 -38.87 4.60
N PRO B 320 31.02 -40.08 4.99
CA PRO B 320 31.39 -40.25 6.40
C PRO B 320 32.63 -39.49 6.71
N GLY B 321 32.85 -39.22 7.99
CA GLY B 321 34.09 -38.58 8.40
C GLY B 321 34.37 -38.75 9.87
N ILE B 322 35.64 -38.55 10.26
CA ILE B 322 36.10 -38.63 11.67
C ILE B 322 36.85 -37.37 11.98
N TYR B 323 36.51 -36.72 13.07
CA TYR B 323 37.04 -35.38 13.35
C TYR B 323 37.50 -35.41 14.77
N ILE B 324 38.74 -35.05 15.07
CA ILE B 324 39.28 -35.21 16.44
C ILE B 324 39.97 -33.90 16.81
N PRO B 325 39.33 -33.11 17.68
CA PRO B 325 40.00 -31.88 18.12
C PRO B 325 41.35 -32.15 18.65
N GLY B 326 42.26 -31.21 18.41
CA GLY B 326 43.62 -31.41 18.72
C GLY B 326 44.39 -32.27 17.71
N ILE B 327 43.75 -32.95 16.75
CA ILE B 327 44.47 -33.88 15.90
C ILE B 327 44.27 -33.61 14.43
N GLY B 328 43.02 -33.50 14.00
CA GLY B 328 42.72 -33.39 12.62
C GLY B 328 41.47 -34.18 12.34
N GLY B 329 41.19 -34.30 11.06
CA GLY B 329 40.00 -34.96 10.59
C GLY B 329 40.11 -35.35 9.14
N VAL B 330 39.21 -36.23 8.75
CA VAL B 330 39.09 -36.71 7.35
C VAL B 330 37.63 -36.85 7.01
N ARG B 331 37.25 -36.40 5.80
CA ARG B 331 36.01 -36.77 5.16
C ARG B 331 36.31 -37.13 3.70
N ILE B 332 35.61 -38.15 3.22
CA ILE B 332 35.58 -38.54 1.83
C ILE B 332 34.12 -38.63 1.35
N GLU B 333 33.78 -37.92 0.28
CA GLU B 333 32.39 -37.81 -0.15
C GLU B 333 32.23 -38.07 -1.63
N ASP B 334 31.34 -39.01 -1.99
CA ASP B 334 30.95 -39.17 -3.38
C ASP B 334 29.52 -38.71 -3.54
N ASP B 335 29.14 -38.53 -4.79
CA ASP B 335 27.76 -38.30 -5.21
C ASP B 335 27.36 -39.57 -5.88
N ILE B 336 26.15 -40.09 -5.56
CA ILE B 336 25.65 -41.30 -6.18
C ILE B 336 24.21 -41.15 -6.69
N ILE B 337 23.88 -41.92 -7.72
CA ILE B 337 22.51 -42.08 -8.20
C ILE B 337 22.04 -43.48 -7.82
N VAL B 338 20.98 -43.56 -7.00
CA VAL B 338 20.42 -44.85 -6.57
C VAL B 338 19.86 -45.59 -7.77
N THR B 339 20.13 -46.88 -7.83
CA THR B 339 19.49 -47.80 -8.78
C THR B 339 18.80 -48.94 -8.05
N SER B 340 17.97 -49.69 -8.78
CA SER B 340 17.20 -50.78 -8.16
C SER B 340 18.12 -51.82 -7.47
N GLU B 341 19.29 -52.08 -8.04
CA GLU B 341 20.27 -53.05 -7.49
C GLU B 341 21.42 -52.45 -6.66
N GLY B 342 21.64 -51.15 -6.78
CA GLY B 342 22.84 -50.58 -6.17
C GLY B 342 22.84 -49.08 -6.38
N ASN B 343 23.94 -48.57 -6.93
CA ASN B 343 24.00 -47.16 -7.24
C ASN B 343 25.09 -46.91 -8.26
N GLU B 344 25.09 -45.73 -8.86
CA GLU B 344 26.06 -45.33 -9.86
C GLU B 344 26.78 -44.15 -9.21
N VAL B 345 28.06 -44.34 -8.86
CA VAL B 345 28.91 -43.29 -8.31
C VAL B 345 29.20 -42.34 -9.47
N ILE B 346 29.01 -41.04 -9.28
CA ILE B 346 29.28 -40.08 -10.36
C ILE B 346 30.47 -39.13 -10.13
N THR B 347 31.05 -39.20 -8.95
CA THR B 347 32.30 -38.49 -8.62
C THR B 347 33.43 -39.52 -8.68
N LYS B 348 34.32 -39.36 -9.64
CA LYS B 348 35.25 -40.38 -9.97
C LYS B 348 36.67 -40.12 -9.47
N SER B 349 36.90 -39.01 -8.80
CA SER B 349 38.23 -38.76 -8.25
C SER B 349 38.69 -39.86 -7.34
N PRO B 350 39.99 -40.13 -7.37
CA PRO B 350 40.60 -41.22 -6.61
C PRO B 350 40.40 -40.95 -5.15
N LYS B 351 40.22 -42.00 -4.34
CA LYS B 351 40.01 -41.87 -2.89
C LYS B 351 41.14 -42.40 -1.97
N GLU B 352 42.20 -42.95 -2.57
CA GLU B 352 43.39 -43.37 -1.83
CA GLU B 352 43.33 -43.38 -1.74
C GLU B 352 44.02 -42.11 -1.25
N LEU B 353 44.75 -42.25 -0.14
CA LEU B 353 45.43 -41.11 0.44
C LEU B 353 46.54 -40.65 -0.47
N ILE B 354 46.36 -39.43 -0.97
CA ILE B 354 47.35 -38.77 -1.82
C ILE B 354 48.25 -37.87 -0.99
N ILE B 355 49.56 -38.13 -1.01
CA ILE B 355 50.53 -37.33 -0.30
C ILE B 355 51.17 -36.36 -1.29
N LEU B 356 50.89 -35.07 -1.14
CA LEU B 356 51.58 -34.04 -1.89
C LEU B 356 52.86 -33.69 -1.12
N ALA C 3 -45.01 17.92 -14.91
CA ALA C 3 -43.97 18.99 -15.16
C ALA C 3 -44.52 20.44 -15.05
N MET C 4 -45.38 20.83 -16.00
CA MET C 4 -46.20 22.03 -15.85
C MET C 4 -47.21 21.80 -14.71
N GLU C 5 -47.46 20.52 -14.35
CA GLU C 5 -48.36 20.24 -13.25
C GLU C 5 -47.77 20.87 -11.98
N LYS C 6 -46.50 20.56 -11.74
CA LYS C 6 -45.81 21.05 -10.57
C LYS C 6 -45.80 22.56 -10.54
N ILE C 7 -45.45 23.15 -11.67
CA ILE C 7 -45.40 24.60 -11.81
C ILE C 7 -46.74 25.26 -11.50
N GLU C 8 -47.84 24.71 -12.03
CA GLU C 8 -49.16 25.22 -11.69
C GLU C 8 -49.48 25.15 -10.19
N ARG C 9 -49.19 24.02 -9.55
CA ARG C 9 -49.38 23.90 -8.07
C ARG C 9 -48.56 24.92 -7.29
N LEU C 10 -47.29 25.11 -7.67
CA LEU C 10 -46.41 26.05 -7.01
C LEU C 10 -46.91 27.47 -7.24
N ARG C 11 -47.36 27.75 -8.45
CA ARG C 11 -47.97 29.04 -8.73
CA ARG C 11 -47.97 29.03 -8.74
C ARG C 11 -49.18 29.28 -7.83
N SER C 12 -49.92 28.22 -7.48
CA SER C 12 -51.09 28.39 -6.57
C SER C 12 -50.71 29.09 -5.26
N ALA C 13 -49.51 28.82 -4.76
CA ALA C 13 -49.07 29.30 -3.44
C ALA C 13 -48.52 30.74 -3.47
N PHE C 14 -48.50 31.37 -4.65
CA PHE C 14 -47.82 32.66 -4.82
C PHE C 14 -48.53 33.73 -4.06
N ASP C 15 -49.85 33.79 -4.22
CA ASP C 15 -50.61 34.85 -3.57
C ASP C 15 -50.44 34.73 -2.05
N GLU C 16 -50.47 33.52 -1.54
CA GLU C 16 -50.32 33.30 -0.11
C GLU C 16 -48.91 33.68 0.38
N ALA C 17 -47.86 33.34 -0.39
CA ALA C 17 -46.52 33.80 -0.03
C ALA C 17 -46.29 35.29 -0.26
N GLY C 18 -47.18 35.95 -1.01
CA GLY C 18 -46.99 37.37 -1.29
C GLY C 18 -45.98 37.61 -2.39
N ILE C 19 -46.03 36.77 -3.42
CA ILE C 19 -45.09 36.83 -4.55
C ILE C 19 -45.82 36.76 -5.86
N ASP C 20 -45.17 37.32 -6.89
CA ASP C 20 -45.58 37.15 -8.27
C ASP C 20 -44.55 36.39 -9.07
N GLY C 21 -43.61 35.73 -8.37
CA GLY C 21 -42.63 34.80 -8.95
C GLY C 21 -41.63 34.23 -7.92
N ILE C 22 -40.94 33.16 -8.29
CA ILE C 22 -39.99 32.48 -7.35
C ILE C 22 -38.70 31.99 -8.07
N LEU C 23 -37.57 32.18 -7.40
CA LEU C 23 -36.29 31.68 -7.86
C LEU C 23 -35.98 30.49 -6.96
N LEU C 24 -35.87 29.30 -7.52
CA LEU C 24 -35.46 28.16 -6.74
C LEU C 24 -33.95 27.95 -6.88
N THR C 25 -33.22 28.07 -5.78
CA THR C 25 -31.81 27.77 -5.81
C THR C 25 -31.41 26.51 -5.01
N ASN C 26 -32.30 25.94 -4.22
CA ASN C 26 -32.02 24.76 -3.39
C ASN C 26 -31.83 23.53 -4.28
N GLU C 27 -30.80 22.72 -4.03
CA GLU C 27 -30.47 21.61 -4.98
C GLU C 27 -31.58 20.58 -5.09
N HIS C 28 -32.28 20.34 -3.99
CA HIS C 28 -33.35 19.35 -3.93
C HIS C 28 -34.57 19.93 -4.62
N SER C 29 -34.84 21.21 -4.39
CA SER C 29 -35.95 21.90 -5.12
C SER C 29 -35.70 21.83 -6.62
N ARG C 30 -34.44 22.08 -7.04
CA ARG C 30 -34.00 21.97 -8.47
C ARG C 30 -34.22 20.60 -9.06
N ARG C 31 -33.73 19.59 -8.38
CA ARG C 31 -33.92 18.25 -8.80
C ARG C 31 -35.41 17.83 -8.92
N TYR C 32 -36.27 18.37 -8.06
CA TYR C 32 -37.64 17.94 -7.99
C TYR C 32 -38.55 18.62 -9.00
N MET C 33 -38.34 19.92 -9.23
CA MET C 33 -39.19 20.73 -10.07
C MET C 33 -38.86 20.62 -11.56
N ALA C 34 -37.58 20.47 -11.85
CA ALA C 34 -37.07 20.33 -13.21
C ALA C 34 -36.47 18.96 -13.52
N ASN C 35 -36.60 18.02 -12.60
CA ASN C 35 -36.08 16.65 -12.80
C ASN C 35 -34.59 16.56 -13.12
N PHE C 36 -33.84 17.59 -12.73
CA PHE C 36 -32.47 17.80 -13.19
C PHE C 36 -31.43 17.25 -12.23
N THR C 37 -30.49 16.43 -12.73
CA THR C 37 -29.56 15.66 -11.90
C THR C 37 -28.11 16.21 -11.78
N GLY C 38 -27.79 17.26 -12.52
CA GLY C 38 -26.46 17.88 -12.39
C GLY C 38 -26.32 18.79 -11.18
N THR C 39 -25.25 19.58 -11.18
CA THR C 39 -24.82 20.28 -10.01
C THR C 39 -24.93 21.80 -10.10
N ALA C 40 -25.48 22.34 -11.18
CA ALA C 40 -25.51 23.80 -11.35
C ALA C 40 -26.78 24.21 -12.06
N GLY C 41 -27.27 25.42 -11.85
CA GLY C 41 -28.47 25.92 -12.56
C GLY C 41 -29.53 26.34 -11.54
N VAL C 42 -30.45 27.20 -11.96
CA VAL C 42 -31.53 27.63 -11.09
C VAL C 42 -32.81 27.59 -11.90
N VAL C 43 -33.94 27.52 -11.19
CA VAL C 43 -35.29 27.54 -11.79
C VAL C 43 -36.00 28.89 -11.52
N LEU C 44 -36.61 29.47 -12.54
CA LEU C 44 -37.26 30.77 -12.35
C LEU C 44 -38.63 30.75 -12.96
N ILE C 45 -39.61 30.96 -12.08
CA ILE C 45 -41.00 30.82 -12.41
C ILE C 45 -41.79 32.08 -12.08
N SER C 46 -42.45 32.61 -13.12
CA SER C 46 -43.40 33.69 -12.99
CA SER C 46 -43.41 33.68 -12.96
C SER C 46 -44.83 33.10 -13.03
N LYS C 47 -45.83 33.99 -13.00
CA LYS C 47 -47.21 33.55 -13.13
C LYS C 47 -47.54 33.11 -14.57
N LYS C 48 -46.70 33.50 -15.54
CA LYS C 48 -46.97 33.26 -16.96
C LYS C 48 -45.94 32.33 -17.63
N ARG C 49 -44.69 32.37 -17.17
CA ARG C 49 -43.58 31.63 -17.77
C ARG C 49 -42.72 30.86 -16.74
N ALA C 50 -41.80 30.04 -17.25
CA ALA C 50 -41.04 29.08 -16.47
C ALA C 50 -39.69 28.87 -17.18
N GLN C 51 -38.57 29.09 -16.48
CA GLN C 51 -37.22 28.96 -17.06
C GLN C 51 -36.31 28.09 -16.20
N PHE C 52 -35.52 27.22 -16.84
CA PHE C 52 -34.37 26.58 -16.18
C PHE C 52 -33.09 27.27 -16.69
N ILE C 53 -32.41 28.07 -15.84
CA ILE C 53 -31.25 28.87 -16.29
C ILE C 53 -29.94 28.17 -15.93
N THR C 54 -29.16 27.71 -16.93
CA THR C 54 -27.90 26.96 -16.61
C THR C 54 -26.63 27.25 -17.43
N ASP C 55 -25.51 26.59 -17.10
CA ASP C 55 -24.21 26.75 -17.83
CA ASP C 55 -24.24 26.80 -17.86
C ASP C 55 -24.21 25.95 -19.13
N PHE C 56 -23.42 26.41 -20.10
CA PHE C 56 -23.31 25.76 -21.43
CA PHE C 56 -23.34 25.77 -21.42
C PHE C 56 -23.15 24.25 -21.32
N ARG C 57 -22.33 23.79 -20.38
CA ARG C 57 -22.01 22.36 -20.30
C ARG C 57 -23.20 21.46 -19.95
N TYR C 58 -24.28 22.06 -19.47
CA TYR C 58 -25.45 21.31 -19.07
C TYR C 58 -26.65 21.46 -20.02
N VAL C 59 -26.61 22.35 -21.02
CA VAL C 59 -27.79 22.56 -21.88
C VAL C 59 -28.29 21.27 -22.50
N GLU C 60 -27.39 20.33 -22.78
CA GLU C 60 -27.83 19.04 -23.30
CA GLU C 60 -27.72 18.97 -23.24
C GLU C 60 -28.66 18.30 -22.25
N GLN C 61 -28.13 18.09 -21.04
CA GLN C 61 -28.89 17.47 -19.95
C GLN C 61 -30.22 18.20 -19.75
N ALA C 62 -30.16 19.52 -19.63
CA ALA C 62 -31.30 20.34 -19.21
C ALA C 62 -32.46 20.37 -20.19
N SER C 63 -32.12 20.46 -21.48
CA SER C 63 -33.12 20.46 -22.55
C SER C 63 -33.96 19.16 -22.47
N LYS C 64 -33.27 18.07 -22.19
CA LYS C 64 -33.88 16.78 -22.00
C LYS C 64 -34.75 16.81 -20.73
N GLN C 65 -34.10 16.82 -19.56
CA GLN C 65 -34.75 16.57 -18.25
C GLN C 65 -35.83 17.62 -17.93
N ALA C 66 -35.42 18.87 -17.90
CA ALA C 66 -36.33 19.94 -17.53
C ALA C 66 -37.34 20.33 -18.61
N VAL C 67 -37.89 19.36 -19.32
CA VAL C 67 -38.81 19.72 -20.44
C VAL C 67 -40.14 20.33 -19.96
N GLY C 68 -40.58 21.38 -20.66
CA GLY C 68 -41.63 22.26 -20.15
C GLY C 68 -41.08 23.57 -19.58
N TYR C 69 -39.76 23.59 -19.29
CA TYR C 69 -39.08 24.85 -18.97
C TYR C 69 -38.42 25.43 -20.19
N GLU C 70 -38.43 26.77 -20.25
CA GLU C 70 -37.55 27.55 -21.13
C GLU C 70 -36.09 27.40 -20.62
N ILE C 71 -35.20 26.99 -21.53
CA ILE C 71 -33.85 26.60 -21.15
C ILE C 71 -33.02 27.79 -21.53
N VAL C 72 -32.75 28.62 -20.55
CA VAL C 72 -31.99 29.84 -20.77
C VAL C 72 -30.53 29.55 -20.42
N GLN C 73 -29.64 29.84 -21.39
CA GLN C 73 -28.21 29.76 -21.16
C GLN C 73 -27.79 31.11 -20.61
N HIS C 74 -26.80 31.14 -19.74
CA HIS C 74 -26.24 32.43 -19.39
C HIS C 74 -24.89 32.58 -20.08
N ALA C 75 -24.66 33.76 -20.63
CA ALA C 75 -23.36 34.11 -21.17
C ALA C 75 -22.43 34.64 -20.06
N GLY C 76 -22.12 33.83 -19.05
CA GLY C 76 -21.12 34.23 -18.04
C GLY C 76 -21.50 34.02 -16.58
N LEU C 77 -22.04 35.06 -15.93
CA LEU C 77 -22.51 34.92 -14.52
C LEU C 77 -24.05 34.79 -14.45
N ILE C 78 -24.50 33.77 -13.69
CA ILE C 78 -25.92 33.39 -13.63
C ILE C 78 -26.78 34.49 -12.99
N ILE C 79 -26.19 35.18 -12.01
CA ILE C 79 -26.87 36.26 -11.30
C ILE C 79 -27.23 37.41 -12.25
N ASP C 80 -26.27 37.84 -13.08
CA ASP C 80 -26.52 38.82 -14.17
C ASP C 80 -27.68 38.35 -15.11
N GLU C 81 -27.73 37.07 -15.44
CA GLU C 81 -28.83 36.50 -16.25
C GLU C 81 -30.16 36.39 -15.52
N VAL C 82 -30.12 36.09 -14.22
CA VAL C 82 -31.38 35.99 -13.52
C VAL C 82 -31.99 37.39 -13.54
N ALA C 83 -31.18 38.40 -13.18
CA ALA C 83 -31.64 39.81 -13.09
C ALA C 83 -32.18 40.23 -14.42
N LYS C 84 -31.58 39.72 -15.48
CA LYS C 84 -32.04 39.98 -16.84
C LYS C 84 -33.45 39.39 -17.03
N GLN C 85 -33.62 38.12 -16.64
CA GLN C 85 -34.91 37.42 -16.84
C GLN C 85 -36.08 37.84 -15.89
N VAL C 86 -35.76 38.19 -14.66
CA VAL C 86 -36.80 38.76 -13.79
C VAL C 86 -37.36 40.07 -14.37
N LYS C 87 -36.51 40.91 -14.94
CA LYS C 87 -37.03 42.08 -15.68
C LYS C 87 -37.94 41.62 -16.83
N GLU C 88 -37.47 40.69 -17.67
CA GLU C 88 -38.27 40.19 -18.81
C GLU C 88 -39.58 39.60 -18.37
N LEU C 89 -39.52 38.71 -17.41
CA LEU C 89 -40.72 38.08 -16.91
C LEU C 89 -41.69 39.09 -16.25
N GLY C 90 -41.20 40.31 -16.01
CA GLY C 90 -41.97 41.37 -15.35
C GLY C 90 -42.39 41.05 -13.92
N ILE C 91 -41.52 40.37 -13.17
CA ILE C 91 -41.78 40.04 -11.78
C ILE C 91 -41.50 41.28 -10.89
N GLN C 92 -42.51 41.73 -10.14
CA GLN C 92 -42.36 42.89 -9.21
C GLN C 92 -41.91 42.49 -7.81
N LYS C 93 -42.22 41.26 -7.43
CA LYS C 93 -42.00 40.75 -6.07
C LYS C 93 -41.49 39.32 -6.18
N LEU C 94 -40.16 39.16 -6.14
CA LEU C 94 -39.58 37.86 -6.48
C LEU C 94 -39.28 37.09 -5.23
N GLY C 95 -39.85 35.88 -5.16
CA GLY C 95 -39.67 34.97 -4.03
C GLY C 95 -38.37 34.17 -4.09
N PHE C 96 -37.77 33.90 -2.95
CA PHE C 96 -36.61 33.03 -2.95
C PHE C 96 -36.61 32.06 -1.72
N GLU C 97 -35.74 31.05 -1.80
CA GLU C 97 -35.71 30.01 -0.84
C GLU C 97 -34.79 30.44 0.31
N GLN C 98 -35.39 31.11 1.28
CA GLN C 98 -34.76 31.74 2.46
CA GLN C 98 -34.63 31.76 2.35
C GLN C 98 -33.86 30.80 3.27
N ASP C 99 -34.23 29.51 3.25
CA ASP C 99 -33.61 28.57 4.17
C ASP C 99 -32.35 27.96 3.58
N THR C 100 -32.11 28.30 2.31
CA THR C 100 -30.97 27.90 1.52
C THR C 100 -30.12 29.03 0.99
N LEU C 101 -30.72 30.06 0.42
CA LEU C 101 -29.95 31.18 -0.10
C LEU C 101 -29.05 31.85 0.99
N THR C 102 -27.78 32.06 0.67
CA THR C 102 -26.85 32.62 1.65
C THR C 102 -27.04 34.16 1.69
N TYR C 103 -26.63 34.81 2.76
CA TYR C 103 -26.77 36.27 2.87
C TYR C 103 -26.01 36.96 1.76
N SER C 104 -24.73 36.58 1.62
CA SER C 104 -23.92 37.02 0.47
C SER C 104 -24.71 36.95 -0.82
N SER C 105 -25.32 35.81 -1.10
CA SER C 105 -26.00 35.66 -2.39
C SER C 105 -27.34 36.42 -2.40
N TYR C 106 -27.93 36.56 -1.20
CA TYR C 106 -29.12 37.41 -1.04
C TYR C 106 -28.73 38.83 -1.40
N SER C 107 -27.75 39.37 -0.69
CA SER C 107 -27.44 40.78 -0.83
C SER C 107 -26.94 41.09 -2.23
N ALA C 108 -26.28 40.12 -2.86
CA ALA C 108 -25.86 40.24 -4.28
C ALA C 108 -27.04 40.11 -5.23
N HIS C 109 -28.01 39.26 -4.93
CA HIS C 109 -29.27 39.24 -5.73
C HIS C 109 -30.15 40.49 -5.50
N LYS C 110 -30.13 41.04 -4.27
CA LYS C 110 -30.94 42.23 -3.97
C LYS C 110 -30.37 43.50 -4.65
N GLU C 111 -29.04 43.61 -4.73
CA GLU C 111 -28.39 44.75 -5.42
CA GLU C 111 -28.41 44.75 -5.41
C GLU C 111 -28.43 44.62 -6.94
N ALA C 112 -28.79 43.47 -7.46
CA ALA C 112 -28.83 43.30 -8.90
C ALA C 112 -30.23 43.50 -9.44
N ILE C 113 -31.22 43.03 -8.70
CA ILE C 113 -32.60 42.95 -9.19
C ILE C 113 -33.42 44.17 -8.70
N ASP C 114 -34.28 44.67 -9.58
CA ASP C 114 -35.16 45.82 -9.29
C ASP C 114 -36.41 45.41 -8.51
N ALA C 115 -37.02 44.29 -8.90
CA ALA C 115 -38.05 43.62 -8.09
C ALA C 115 -37.71 43.57 -6.59
N GLU C 116 -38.75 43.61 -5.75
CA GLU C 116 -38.58 43.27 -4.34
C GLU C 116 -38.12 41.83 -4.18
N PHE C 117 -37.28 41.64 -3.20
CA PHE C 117 -36.69 40.33 -2.96
C PHE C 117 -37.29 39.86 -1.65
N ILE C 118 -38.14 38.83 -1.77
CA ILE C 118 -39.08 38.39 -0.73
CA ILE C 118 -39.02 38.42 -0.67
C ILE C 118 -38.78 36.97 -0.21
N PRO C 119 -38.38 36.82 1.06
CA PRO C 119 -38.11 35.50 1.63
C PRO C 119 -39.32 34.56 1.60
N THR C 120 -39.15 33.30 1.19
CA THR C 120 -40.20 32.29 1.29
C THR C 120 -39.60 30.98 1.89
N SER C 121 -40.45 30.15 2.47
CA SER C 121 -40.08 28.82 2.94
CA SER C 121 -40.09 28.83 2.94
C SER C 121 -41.23 27.85 2.70
N GLY C 122 -40.91 26.58 2.50
CA GLY C 122 -41.89 25.49 2.39
C GLY C 122 -42.64 25.31 1.05
N LEU C 123 -42.45 26.22 0.09
CA LEU C 123 -43.27 26.16 -1.15
C LEU C 123 -43.07 24.85 -1.90
N VAL C 124 -41.82 24.49 -2.23
CA VAL C 124 -41.57 23.23 -2.92
C VAL C 124 -41.66 22.05 -1.94
N GLU C 125 -41.35 22.27 -0.69
CA GLU C 125 -41.47 21.19 0.31
C GLU C 125 -42.92 20.65 0.47
N LYS C 126 -43.93 21.49 0.26
CA LYS C 126 -45.32 21.06 0.40
C LYS C 126 -45.70 20.08 -0.75
N LEU C 127 -45.09 20.28 -1.92
CA LEU C 127 -45.21 19.34 -3.04
C LEU C 127 -44.52 18.02 -2.69
N ARG C 128 -43.31 18.07 -2.13
CA ARG C 128 -42.48 16.86 -1.90
C ARG C 128 -43.03 16.04 -0.75
N LEU C 129 -43.87 16.66 0.04
CA LEU C 129 -44.43 16.02 1.19
C LEU C 129 -45.23 14.75 0.81
N ILE C 130 -46.00 14.84 -0.28
CA ILE C 130 -46.83 13.75 -0.74
C ILE C 130 -46.10 13.10 -1.94
N LYS C 131 -45.61 11.89 -1.72
CA LYS C 131 -44.88 11.14 -2.73
C LYS C 131 -45.76 10.63 -3.86
N THR C 132 -45.33 10.82 -5.10
CA THR C 132 -46.05 10.24 -6.22
C THR C 132 -45.86 8.73 -6.24
N ASP C 133 -46.69 8.05 -7.02
CA ASP C 133 -46.49 6.61 -7.24
C ASP C 133 -45.07 6.25 -7.74
N SER C 134 -44.55 7.01 -8.69
CA SER C 134 -43.17 6.90 -9.13
CA SER C 134 -43.16 6.87 -9.13
C SER C 134 -42.18 6.94 -7.96
N GLU C 135 -42.31 7.95 -7.11
CA GLU C 135 -41.41 8.10 -5.96
C GLU C 135 -41.42 6.92 -5.02
N ILE C 136 -42.62 6.41 -4.80
CA ILE C 136 -42.81 5.37 -3.81
C ILE C 136 -42.12 4.13 -4.30
N LYS C 137 -42.18 3.92 -5.60
CA LYS C 137 -41.55 2.76 -6.24
C LYS C 137 -40.05 2.81 -6.03
N ILE C 138 -39.46 4.00 -6.18
CA ILE C 138 -38.02 4.15 -5.97
C ILE C 138 -37.63 3.95 -4.48
N LEU C 139 -38.40 4.58 -3.60
CA LEU C 139 -38.26 4.41 -2.17
C LEU C 139 -38.34 2.94 -1.81
N LYS C 140 -39.23 2.20 -2.46
CA LYS C 140 -39.36 0.73 -2.20
C LYS C 140 -38.07 0.01 -2.59
N GLU C 141 -37.50 0.35 -3.73
CA GLU C 141 -36.23 -0.21 -4.15
CA GLU C 141 -36.22 -0.21 -4.17
C GLU C 141 -35.07 0.26 -3.26
N ALA C 142 -35.07 1.54 -2.85
CA ALA C 142 -34.06 1.99 -1.86
C ALA C 142 -34.13 1.13 -0.59
N ALA C 143 -35.36 0.84 -0.13
CA ALA C 143 -35.56 -0.01 1.05
C ALA C 143 -35.07 -1.42 0.75
N GLN C 144 -35.42 -1.95 -0.42
CA GLN C 144 -34.92 -3.27 -0.86
C GLN C 144 -33.39 -3.47 -0.68
N ILE C 145 -32.62 -2.49 -1.14
CA ILE C 145 -31.16 -2.50 -1.08
C ILE C 145 -30.67 -2.50 0.36
N ALA C 146 -31.29 -1.69 1.20
CA ALA C 146 -30.92 -1.67 2.59
C ALA C 146 -31.24 -3.04 3.20
N ASP C 147 -32.44 -3.57 2.96
CA ASP C 147 -32.78 -4.91 3.45
C ASP C 147 -31.72 -5.95 3.04
N ALA C 148 -31.30 -5.90 1.77
CA ALA C 148 -30.35 -6.89 1.28
C ALA C 148 -28.99 -6.74 2.00
N ALA C 149 -28.63 -5.49 2.35
CA ALA C 149 -27.38 -5.19 3.08
C ALA C 149 -27.40 -5.74 4.48
N PHE C 150 -28.54 -5.55 5.15
CA PHE C 150 -28.80 -6.21 6.43
C PHE C 150 -28.60 -7.73 6.37
N GLU C 151 -29.23 -8.41 5.42
CA GLU C 151 -29.11 -9.86 5.30
CA GLU C 151 -29.12 -9.86 5.29
C GLU C 151 -27.65 -10.25 5.14
N HIS C 152 -26.92 -9.53 4.29
CA HIS C 152 -25.48 -9.79 4.10
C HIS C 152 -24.69 -9.57 5.38
N ILE C 153 -25.02 -8.54 6.13
CA ILE C 153 -24.16 -8.12 7.24
C ILE C 153 -24.20 -9.10 8.43
N LEU C 154 -25.25 -9.91 8.48
CA LEU C 154 -25.36 -10.97 9.48
C LEU C 154 -24.34 -12.13 9.28
N SER C 155 -23.71 -12.21 8.11
CA SER C 155 -22.63 -13.18 7.90
C SER C 155 -21.32 -12.61 8.43
N PHE C 156 -21.27 -11.29 8.48
CA PHE C 156 -20.02 -10.55 8.59
C PHE C 156 -19.68 -10.11 10.02
N ILE C 157 -20.68 -9.94 10.87
CA ILE C 157 -20.45 -9.45 12.22
C ILE C 157 -19.98 -10.60 13.12
N ARG C 158 -18.93 -10.34 13.91
CA ARG C 158 -18.40 -11.33 14.88
C ARG C 158 -17.36 -10.72 15.85
N PRO C 159 -17.14 -11.37 17.01
CA PRO C 159 -16.12 -10.79 17.89
C PRO C 159 -14.81 -10.51 17.13
N GLY C 160 -14.20 -9.36 17.38
CA GLY C 160 -12.92 -9.00 16.75
C GLY C 160 -12.98 -7.90 15.70
N VAL C 161 -14.09 -7.81 14.95
CA VAL C 161 -14.22 -6.83 13.87
C VAL C 161 -14.72 -5.48 14.38
N SER C 162 -14.29 -4.38 13.74
CA SER C 162 -14.57 -3.04 14.24
C SER C 162 -15.89 -2.47 13.71
N GLU C 163 -16.45 -1.52 14.45
CA GLU C 163 -17.65 -0.80 14.03
C GLU C 163 -17.48 -0.22 12.59
N ILE C 164 -16.33 0.36 12.30
CA ILE C 164 -16.03 0.92 10.96
C ILE C 164 -15.96 -0.17 9.88
N GLU C 165 -15.29 -1.27 10.17
CA GLU C 165 -15.31 -2.43 9.30
C GLU C 165 -16.74 -2.75 8.83
N VAL C 166 -17.69 -2.78 9.77
CA VAL C 166 -19.05 -3.15 9.44
C VAL C 166 -19.67 -2.07 8.54
N SER C 167 -19.44 -0.82 8.89
CA SER C 167 -19.93 0.30 8.11
C SER C 167 -19.40 0.32 6.67
N ASN C 168 -18.14 0.05 6.50
CA ASN C 168 -17.56 0.06 5.15
C ASN C 168 -18.13 -1.06 4.30
N GLU C 169 -18.38 -2.22 4.93
CA GLU C 169 -18.97 -3.39 4.24
C GLU C 169 -20.45 -3.16 3.85
N LEU C 170 -21.21 -2.57 4.77
CA LEU C 170 -22.56 -2.13 4.47
C LEU C 170 -22.51 -1.16 3.29
N GLU C 171 -21.58 -0.23 3.32
CA GLU C 171 -21.47 0.76 2.25
C GLU C 171 -21.15 0.03 0.93
N PHE C 172 -20.10 -0.78 0.95
CA PHE C 172 -19.68 -1.55 -0.23
C PHE C 172 -20.82 -2.44 -0.78
N PHE C 173 -21.52 -3.17 0.10
CA PHE C 173 -22.56 -4.12 -0.37
C PHE C 173 -23.79 -3.41 -0.97
N MET C 174 -24.18 -2.30 -0.35
CA MET C 174 -25.25 -1.47 -0.87
C MET C 174 -24.89 -0.95 -2.26
N ARG C 175 -23.66 -0.51 -2.44
CA ARG C 175 -23.22 0.03 -3.71
C ARG C 175 -23.25 -1.11 -4.75
N LYS C 176 -22.74 -2.28 -4.38
CA LYS C 176 -22.78 -3.47 -5.24
C LYS C 176 -24.22 -3.75 -5.72
N GLN C 177 -25.18 -3.49 -4.84
CA GLN C 177 -26.61 -3.67 -5.16
C GLN C 177 -27.23 -2.53 -6.01
N GLY C 178 -26.49 -1.47 -6.28
CA GLY C 178 -26.95 -0.38 -7.18
C GLY C 178 -27.09 0.99 -6.53
N ALA C 179 -26.85 1.06 -5.23
CA ALA C 179 -26.90 2.32 -4.53
C ALA C 179 -25.74 3.19 -4.99
N THR C 180 -26.03 4.48 -5.14
CA THR C 180 -24.98 5.50 -5.34
C THR C 180 -24.05 5.51 -4.14
N SER C 181 -24.64 5.35 -2.97
CA SER C 181 -23.90 5.38 -1.71
C SER C 181 -24.86 5.10 -0.59
N SER C 182 -24.36 5.14 0.66
CA SER C 182 -25.23 5.22 1.84
C SER C 182 -25.91 6.58 1.79
N SER C 183 -27.09 6.65 2.38
CA SER C 183 -27.79 7.92 2.40
C SER C 183 -27.40 8.81 3.59
N PHE C 184 -26.54 8.34 4.51
CA PHE C 184 -25.96 9.17 5.56
C PHE C 184 -24.82 8.46 6.25
N ASP C 185 -24.17 9.19 7.15
CA ASP C 185 -23.01 8.64 7.85
CA ASP C 185 -23.02 8.69 7.89
C ASP C 185 -23.47 7.51 8.75
N ILE C 186 -23.07 6.31 8.38
CA ILE C 186 -23.59 5.11 9.02
C ILE C 186 -23.26 5.01 10.50
N ILE C 187 -24.24 4.51 11.25
CA ILE C 187 -24.13 4.24 12.68
C ILE C 187 -24.00 2.72 12.84
N VAL C 188 -22.87 2.33 13.42
CA VAL C 188 -22.68 1.03 13.98
C VAL C 188 -22.30 1.28 15.45
N ALA C 189 -23.24 1.06 16.37
CA ALA C 189 -23.04 1.39 17.79
C ALA C 189 -23.18 0.14 18.64
N SER C 190 -22.04 -0.31 19.18
CA SER C 190 -21.91 -1.62 19.83
C SER C 190 -21.45 -1.53 21.30
N GLY C 191 -21.94 -2.47 22.11
CA GLY C 191 -21.63 -2.51 23.52
C GLY C 191 -22.25 -1.29 24.14
N LEU C 192 -21.43 -0.61 24.96
CA LEU C 192 -21.84 0.57 25.69
C LEU C 192 -22.18 1.70 24.71
N ARG C 193 -21.57 1.68 23.53
CA ARG C 193 -21.92 2.67 22.50
C ARG C 193 -23.38 2.53 21.99
N SER C 194 -24.00 1.36 22.14
CA SER C 194 -25.42 1.21 21.77
C SER C 194 -26.33 2.09 22.66
N ALA C 195 -25.75 2.68 23.70
CA ALA C 195 -26.42 3.74 24.46
C ALA C 195 -26.32 5.13 23.81
N LEU C 196 -25.74 5.23 22.60
CA LEU C 196 -25.58 6.54 21.92
C LEU C 196 -26.44 6.61 20.67
N PRO C 197 -27.56 7.37 20.72
CA PRO C 197 -28.42 7.32 19.53
C PRO C 197 -27.75 7.79 18.22
N HIS C 198 -26.70 8.60 18.34
CA HIS C 198 -25.89 9.13 17.21
C HIS C 198 -24.47 8.54 17.12
N GLY C 199 -24.35 7.28 17.53
CA GLY C 199 -23.06 6.60 17.61
C GLY C 199 -22.59 6.17 16.23
N VAL C 200 -22.01 7.14 15.53
CA VAL C 200 -21.47 6.89 14.20
C VAL C 200 -20.37 5.85 14.35
N ALA C 201 -20.35 4.88 13.45
CA ALA C 201 -19.38 3.78 13.48
C ALA C 201 -17.98 4.28 13.86
N SER C 202 -17.36 3.62 14.84
CA SER C 202 -16.07 4.05 15.36
C SER C 202 -15.04 2.95 15.18
N GLU C 203 -13.88 3.17 15.80
CA GLU C 203 -12.80 2.18 15.79
CA GLU C 203 -12.78 2.19 15.79
C GLU C 203 -13.05 1.02 16.75
N LYS C 204 -13.89 1.24 17.77
CA LYS C 204 -14.13 0.23 18.81
C LYS C 204 -14.34 -1.20 18.31
N VAL C 205 -13.75 -2.16 19.01
CA VAL C 205 -13.88 -3.56 18.62
C VAL C 205 -15.13 -4.21 19.19
N ILE C 206 -15.84 -4.96 18.35
CA ILE C 206 -17.05 -5.69 18.73
C ILE C 206 -16.67 -6.99 19.48
N GLU C 207 -17.35 -7.20 20.62
CA GLU C 207 -17.09 -8.31 21.57
C GLU C 207 -18.36 -9.09 21.86
N THR C 208 -18.16 -10.33 22.32
CA THR C 208 -19.27 -11.20 22.77
C THR C 208 -20.10 -10.48 23.82
N GLY C 209 -21.39 -10.76 23.82
CA GLY C 209 -22.34 -10.03 24.67
C GLY C 209 -22.79 -8.68 24.12
N ASP C 210 -22.28 -8.27 22.96
CA ASP C 210 -22.59 -6.95 22.46
C ASP C 210 -24.00 -6.88 21.88
N PHE C 211 -24.66 -5.79 22.18
CA PHE C 211 -25.77 -5.35 21.40
C PHE C 211 -25.14 -4.50 20.30
N VAL C 212 -25.59 -4.69 19.05
CA VAL C 212 -25.11 -3.83 17.95
C VAL C 212 -26.25 -3.14 17.18
N THR C 213 -26.27 -1.82 17.20
CA THR C 213 -27.29 -1.06 16.47
C THR C 213 -26.72 -0.64 15.11
N LEU C 214 -27.39 -1.10 14.07
CA LEU C 214 -27.00 -0.80 12.70
C LEU C 214 -28.05 0.13 12.12
N ASP C 215 -27.64 1.34 11.79
CA ASP C 215 -28.51 2.39 11.29
C ASP C 215 -27.86 2.92 10.02
N PHE C 216 -28.49 2.63 8.88
CA PHE C 216 -27.96 2.92 7.57
C PHE C 216 -29.11 2.99 6.59
N GLY C 217 -28.82 3.45 5.41
CA GLY C 217 -29.75 3.25 4.31
C GLY C 217 -29.07 3.59 3.03
N ALA C 218 -29.83 3.47 1.96
CA ALA C 218 -29.32 3.57 0.62
C ALA C 218 -29.81 4.86 -0.01
N TYR C 219 -28.92 5.50 -0.74
CA TYR C 219 -29.25 6.61 -1.58
C TYR C 219 -29.34 6.08 -2.96
N TYR C 220 -30.53 6.04 -3.53
CA TYR C 220 -30.73 5.28 -4.76
C TYR C 220 -31.59 6.08 -5.68
N LYS C 221 -31.07 6.37 -6.87
CA LYS C 221 -31.81 7.14 -7.86
C LYS C 221 -32.34 8.43 -7.22
N GLY C 222 -31.52 9.03 -6.38
CA GLY C 222 -31.82 10.30 -5.75
C GLY C 222 -32.71 10.28 -4.53
N TYR C 223 -33.16 9.10 -4.09
CA TYR C 223 -33.97 8.99 -2.88
C TYR C 223 -33.30 8.13 -1.85
N CYS C 224 -33.77 8.31 -0.62
CA CYS C 224 -33.15 7.76 0.57
C CYS C 224 -34.09 6.78 1.29
N SER C 225 -33.53 5.64 1.66
CA SER C 225 -34.07 4.78 2.70
C SER C 225 -33.29 4.94 4.00
N ASP C 226 -33.76 4.32 5.08
CA ASP C 226 -33.17 4.50 6.42
C ASP C 226 -33.75 3.40 7.31
N ILE C 227 -32.96 2.38 7.61
CA ILE C 227 -33.40 1.29 8.45
C ILE C 227 -32.53 1.31 9.68
N THR C 228 -33.07 0.84 10.80
CA THR C 228 -32.25 0.45 11.92
C THR C 228 -32.72 -0.91 12.45
N ARG C 229 -31.74 -1.71 12.84
CA ARG C 229 -31.96 -2.98 13.50
C ARG C 229 -30.87 -3.14 14.52
N THR C 230 -31.20 -3.72 15.67
CA THR C 230 -30.25 -3.99 16.76
C THR C 230 -30.18 -5.51 16.90
N ILE C 231 -28.98 -6.04 16.78
CA ILE C 231 -28.72 -7.46 16.87
C ILE C 231 -27.86 -7.67 18.11
N ALA C 232 -27.81 -8.92 18.55
CA ALA C 232 -26.98 -9.35 19.68
C ALA C 232 -25.84 -10.17 19.10
N VAL C 233 -24.62 -9.97 19.60
CA VAL C 233 -23.48 -10.78 19.20
C VAL C 233 -23.15 -11.70 20.36
N GLY C 234 -23.67 -12.93 20.33
CA GLY C 234 -23.59 -13.86 21.46
C GLY C 234 -24.70 -13.56 22.44
N GLU C 235 -24.91 -14.43 23.43
CA GLU C 235 -26.04 -14.21 24.33
C GLU C 235 -25.85 -12.86 25.10
N PRO C 236 -26.88 -11.97 25.05
CA PRO C 236 -26.87 -10.65 25.70
C PRO C 236 -27.53 -10.70 27.08
N SER C 237 -27.39 -9.64 27.88
CA SER C 237 -27.88 -9.65 29.25
C SER C 237 -29.41 -9.71 29.32
N ASP C 238 -29.91 -10.04 30.50
CA ASP C 238 -31.36 -10.04 30.76
C ASP C 238 -31.92 -8.64 30.56
N LYS C 239 -31.26 -7.63 31.14
CA LYS C 239 -31.69 -6.23 31.00
C LYS C 239 -31.76 -5.79 29.53
N LEU C 240 -30.78 -6.23 28.76
CA LEU C 240 -30.73 -5.88 27.35
C LEU C 240 -31.89 -6.52 26.61
N LYS C 241 -32.20 -7.78 26.93
CA LYS C 241 -33.32 -8.46 26.28
C LYS C 241 -34.63 -7.78 26.63
N GLU C 242 -34.74 -7.33 27.88
CA GLU C 242 -35.93 -6.66 28.32
C GLU C 242 -36.14 -5.38 27.51
N ILE C 243 -35.09 -4.58 27.42
CA ILE C 243 -35.15 -3.35 26.65
C ILE C 243 -35.62 -3.61 25.21
N TYR C 244 -35.01 -4.60 24.57
CA TYR C 244 -35.30 -4.92 23.18
C TYR C 244 -36.78 -5.20 23.00
N ASN C 245 -37.33 -6.07 23.85
CA ASN C 245 -38.72 -6.43 23.70
C ASN C 245 -39.67 -5.24 23.79
N ILE C 246 -39.42 -4.33 24.71
CA ILE C 246 -40.24 -3.10 24.81
C ILE C 246 -40.14 -2.26 23.54
N VAL C 247 -38.93 -2.13 23.00
CA VAL C 247 -38.75 -1.30 21.82
C VAL C 247 -39.48 -1.91 20.65
N LEU C 248 -39.38 -3.23 20.53
CA LEU C 248 -40.08 -4.03 19.52
C LEU C 248 -41.58 -3.85 19.63
N GLU C 249 -42.07 -4.06 20.84
CA GLU C 249 -43.46 -3.89 21.11
C GLU C 249 -43.95 -2.47 20.81
N ALA C 250 -43.19 -1.47 21.20
CA ALA C 250 -43.56 -0.08 20.90
C ALA C 250 -43.59 0.20 19.42
N GLN C 251 -42.56 -0.29 18.73
CA GLN C 251 -42.42 -0.08 17.28
C GLN C 251 -43.59 -0.66 16.49
N LEU C 252 -43.96 -1.90 16.81
CA LEU C 252 -45.16 -2.48 16.26
C LEU C 252 -46.42 -1.72 16.66
N ARG C 253 -46.50 -1.29 17.90
CA ARG C 253 -47.57 -0.35 18.30
C ARG C 253 -47.62 0.81 17.29
N GLY C 254 -46.46 1.37 16.98
CA GLY C 254 -46.34 2.48 16.01
C GLY C 254 -46.78 2.08 14.62
N VAL C 255 -46.20 1.02 14.09
CA VAL C 255 -46.44 0.65 12.71
C VAL C 255 -47.85 0.12 12.43
N ASN C 256 -48.47 -0.46 13.48
CA ASN C 256 -49.82 -1.00 13.41
C ASN C 256 -50.87 0.07 13.60
N GLY C 257 -50.52 1.14 14.31
CA GLY C 257 -51.45 2.22 14.61
C GLY C 257 -51.38 3.43 13.69
N ILE C 258 -50.32 3.56 12.89
CA ILE C 258 -50.15 4.79 12.10
C ILE C 258 -51.02 4.75 10.85
N LYS C 259 -51.73 5.83 10.63
CA LYS C 259 -52.68 5.90 9.52
C LYS C 259 -52.88 7.35 9.18
N ALA C 260 -53.40 7.59 7.98
CA ALA C 260 -53.84 8.93 7.59
C ALA C 260 -54.75 9.50 8.67
N GLY C 261 -54.61 10.80 8.96
CA GLY C 261 -55.50 11.48 9.91
C GLY C 261 -54.92 11.74 11.30
N LEU C 262 -53.97 10.92 11.74
CA LEU C 262 -53.23 11.17 13.00
C LEU C 262 -52.28 12.36 12.92
N THR C 263 -52.07 13.01 14.06
CA THR C 263 -51.04 14.06 14.13
C THR C 263 -49.71 13.40 14.47
N GLY C 264 -48.62 14.16 14.33
CA GLY C 264 -47.28 13.67 14.61
C GLY C 264 -47.12 13.34 16.08
N ARG C 265 -47.76 14.15 16.91
CA ARG C 265 -47.80 13.91 18.35
CA ARG C 265 -47.80 13.90 18.35
C ARG C 265 -48.54 12.60 18.66
N GLU C 266 -49.64 12.37 17.93
CA GLU C 266 -50.43 11.14 18.06
C GLU C 266 -49.62 9.92 17.60
N ALA C 267 -48.87 10.07 16.49
CA ALA C 267 -48.00 8.99 15.98
C ALA C 267 -46.88 8.66 16.96
N ASP C 268 -46.28 9.71 17.51
CA ASP C 268 -45.19 9.56 18.48
C ASP C 268 -45.65 8.95 19.82
N ALA C 269 -46.90 9.23 20.20
CA ALA C 269 -47.44 8.77 21.46
C ALA C 269 -47.73 7.28 21.43
N LEU C 270 -48.00 6.77 20.25
CA LEU C 270 -48.19 5.34 20.08
C LEU C 270 -46.97 4.60 20.62
N THR C 271 -45.77 5.05 20.24
CA THR C 271 -44.56 4.44 20.81
C THR C 271 -44.23 4.97 22.19
N ARG C 272 -44.26 6.27 22.39
CA ARG C 272 -43.78 6.84 23.66
C ARG C 272 -44.69 6.48 24.85
N ASP C 273 -46.01 6.36 24.63
CA ASP C 273 -46.94 6.03 25.73
C ASP C 273 -46.54 4.70 26.34
N TYR C 274 -46.24 3.74 25.48
CA TYR C 274 -45.93 2.38 25.89
C TYR C 274 -44.57 2.31 26.57
N ILE C 275 -43.55 2.97 26.01
CA ILE C 275 -42.21 3.02 26.62
C ILE C 275 -42.21 3.71 27.98
N THR C 276 -43.03 4.76 28.13
CA THR C 276 -43.16 5.48 29.40
C THR C 276 -43.84 4.61 30.45
N GLU C 277 -45.00 4.07 30.07
CA GLU C 277 -45.75 3.07 30.85
C GLU C 277 -44.89 1.90 31.30
N LYS C 278 -43.90 1.47 30.51
CA LYS C 278 -42.96 0.43 30.98
C LYS C 278 -41.87 0.95 31.91
N GLY C 279 -41.78 2.26 32.05
CA GLY C 279 -40.90 2.90 33.01
C GLY C 279 -39.58 3.35 32.41
N TYR C 280 -39.49 3.42 31.08
CA TYR C 280 -38.26 3.83 30.40
C TYR C 280 -38.45 5.13 29.61
N GLY C 281 -39.44 5.93 30.01
CA GLY C 281 -39.71 7.22 29.38
C GLY C 281 -38.48 8.11 29.29
N GLU C 282 -37.67 8.10 30.36
CA GLU C 282 -36.49 8.97 30.50
C GLU C 282 -35.37 8.61 29.53
N TYR C 283 -35.38 7.38 29.01
CA TYR C 283 -34.31 6.88 28.12
C TYR C 283 -34.64 6.91 26.60
N PHE C 284 -35.75 7.55 26.24
CA PHE C 284 -36.23 7.70 24.87
C PHE C 284 -36.17 9.17 24.49
N GLY C 285 -34.96 9.65 24.21
CA GLY C 285 -34.71 11.07 23.92
C GLY C 285 -35.38 11.60 22.66
N HIS C 286 -35.16 10.96 21.53
CA HIS C 286 -35.54 11.56 20.26
C HIS C 286 -37.00 11.29 19.86
N SER C 287 -37.40 11.81 18.71
CA SER C 287 -38.76 11.65 18.30
C SER C 287 -38.92 10.27 17.63
N THR C 288 -40.16 9.93 17.32
CA THR C 288 -40.49 8.63 16.76
C THR C 288 -40.14 8.52 15.29
N GLY C 289 -40.01 9.66 14.60
CA GLY C 289 -39.71 9.57 13.15
C GLY C 289 -39.72 10.91 12.43
N HIS C 290 -39.46 10.84 11.13
CA HIS C 290 -39.32 12.01 10.31
C HIS C 290 -39.53 11.55 8.90
N GLY C 291 -39.88 12.47 8.02
CA GLY C 291 -39.99 12.14 6.63
C GLY C 291 -38.66 11.83 5.96
N ILE C 292 -38.75 11.14 4.83
CA ILE C 292 -37.61 10.81 3.96
C ILE C 292 -38.08 11.00 2.52
N GLY C 293 -37.14 11.14 1.60
CA GLY C 293 -37.48 11.45 0.23
C GLY C 293 -36.18 11.75 -0.51
N LEU C 294 -36.13 12.90 -1.16
CA LEU C 294 -34.85 13.32 -1.75
C LEU C 294 -33.76 13.46 -0.67
N GLU C 295 -34.17 13.72 0.57
CA GLU C 295 -33.24 13.93 1.66
C GLU C 295 -33.49 12.92 2.79
N ILE C 296 -32.52 12.77 3.66
CA ILE C 296 -32.61 11.82 4.76
C ILE C 296 -33.50 12.35 5.87
N HIS C 297 -33.65 13.66 6.00
CA HIS C 297 -34.52 14.22 7.00
C HIS C 297 -35.37 15.33 6.39
N GLU C 298 -36.67 15.10 6.25
CA GLU C 298 -37.59 16.07 5.66
C GLU C 298 -38.95 15.91 6.35
N ALA C 299 -39.92 16.75 5.98
CA ALA C 299 -41.21 16.71 6.69
C ALA C 299 -42.04 15.43 6.33
N PRO C 300 -42.95 15.00 7.23
CA PRO C 300 -43.37 15.66 8.44
C PRO C 300 -42.50 15.22 9.61
N GLY C 301 -42.75 15.72 10.81
CA GLY C 301 -42.12 15.15 12.02
C GLY C 301 -43.10 14.26 12.83
N LEU C 302 -42.62 13.12 13.33
CA LEU C 302 -43.40 12.31 14.28
C LEU C 302 -42.83 12.58 15.66
N ALA C 303 -43.39 13.58 16.32
CA ALA C 303 -42.75 14.21 17.49
C ALA C 303 -43.80 14.77 18.44
N PHE C 304 -43.49 14.78 19.74
CA PHE C 304 -44.34 15.41 20.75
C PHE C 304 -44.84 16.81 20.38
N ARG C 305 -43.92 17.65 19.90
CA ARG C 305 -44.24 19.02 19.47
C ARG C 305 -44.92 19.14 18.11
N SER C 306 -45.07 18.06 17.32
CA SER C 306 -45.67 18.17 15.97
CA SER C 306 -45.66 18.19 15.98
C SER C 306 -47.17 18.18 16.02
N ASP C 307 -47.78 19.05 15.22
CA ASP C 307 -49.23 19.02 15.03
C ASP C 307 -49.59 18.71 13.57
N THR C 308 -48.61 18.34 12.75
CA THR C 308 -48.88 18.01 11.36
C THR C 308 -49.76 16.75 11.28
N VAL C 309 -50.77 16.79 10.42
CA VAL C 309 -51.65 15.64 10.25
C VAL C 309 -51.10 14.78 9.11
N LEU C 310 -50.92 13.50 9.38
CA LEU C 310 -50.42 12.60 8.34
C LEU C 310 -51.45 12.41 7.21
N GLU C 311 -50.95 12.39 5.99
CA GLU C 311 -51.76 12.18 4.81
C GLU C 311 -51.24 10.98 4.02
N PRO C 312 -52.10 10.40 3.17
CA PRO C 312 -51.69 9.38 2.20
C PRO C 312 -50.59 9.89 1.31
N GLY C 313 -49.53 9.09 1.15
CA GLY C 313 -48.38 9.45 0.34
C GLY C 313 -47.18 9.95 1.14
N MET C 314 -47.38 10.35 2.39
CA MET C 314 -46.20 10.72 3.20
C MET C 314 -45.33 9.49 3.43
N ALA C 315 -44.02 9.71 3.40
CA ALA C 315 -43.02 8.65 3.54
C ALA C 315 -42.30 8.97 4.79
N VAL C 316 -42.41 8.13 5.82
CA VAL C 316 -41.86 8.51 7.15
C VAL C 316 -41.20 7.34 7.87
N THR C 317 -40.34 7.65 8.83
CA THR C 317 -39.68 6.63 9.61
C THR C 317 -40.46 6.41 10.93
N VAL C 318 -40.38 5.20 11.48
CA VAL C 318 -40.95 4.88 12.78
C VAL C 318 -39.85 4.18 13.56
N GLU C 319 -39.29 4.86 14.58
CA GLU C 319 -37.98 4.48 15.14
C GLU C 319 -37.82 4.75 16.64
N PRO C 320 -38.64 4.07 17.44
CA PRO C 320 -38.43 4.19 18.86
C PRO C 320 -37.10 3.56 19.29
N GLY C 321 -36.56 4.05 20.39
CA GLY C 321 -35.40 3.46 21.01
C GLY C 321 -35.38 3.73 22.51
N ILE C 322 -34.48 3.03 23.22
CA ILE C 322 -34.23 3.18 24.65
C ILE C 322 -32.71 3.09 24.90
N TYR C 323 -32.12 4.10 25.53
CA TYR C 323 -30.67 4.19 25.71
C TYR C 323 -30.34 4.46 27.18
N ILE C 324 -29.65 3.52 27.81
CA ILE C 324 -29.24 3.58 29.21
C ILE C 324 -27.73 3.63 29.22
N PRO C 325 -27.14 4.81 29.52
CA PRO C 325 -25.67 4.82 29.59
C PRO C 325 -25.24 3.85 30.64
N GLY C 326 -24.17 3.13 30.35
CA GLY C 326 -23.68 2.15 31.27
C GLY C 326 -24.25 0.76 31.05
N ILE C 327 -25.29 0.63 30.22
CA ILE C 327 -25.81 -0.71 29.86
C ILE C 327 -25.86 -0.91 28.35
N GLY C 328 -26.56 0.00 27.66
CA GLY C 328 -26.58 -0.01 26.19
C GLY C 328 -27.89 0.51 25.65
N GLY C 329 -28.22 0.17 24.39
CA GLY C 329 -29.44 0.65 23.77
C GLY C 329 -30.02 -0.19 22.66
N VAL C 330 -31.22 0.18 22.26
CA VAL C 330 -31.92 -0.48 21.16
C VAL C 330 -32.72 0.55 20.41
N ARG C 331 -32.56 0.57 19.10
CA ARG C 331 -33.48 1.26 18.23
C ARG C 331 -33.89 0.28 17.12
N ILE C 332 -35.11 0.44 16.63
CA ILE C 332 -35.62 -0.39 15.55
C ILE C 332 -36.44 0.54 14.68
N GLU C 333 -36.07 0.66 13.41
CA GLU C 333 -36.65 1.68 12.55
C GLU C 333 -37.06 1.08 11.24
N ASP C 334 -38.28 1.41 10.82
CA ASP C 334 -38.79 1.07 9.52
C ASP C 334 -39.06 2.33 8.76
N ASP C 335 -39.19 2.19 7.46
CA ASP C 335 -39.73 3.23 6.67
C ASP C 335 -41.13 2.81 6.31
N ILE C 336 -42.04 3.76 6.31
CA ILE C 336 -43.43 3.48 5.94
C ILE C 336 -43.92 4.53 4.97
N ILE C 337 -44.86 4.12 4.13
CA ILE C 337 -45.67 5.00 3.33
C ILE C 337 -47.07 5.04 3.93
N VAL C 338 -47.53 6.24 4.28
CA VAL C 338 -48.88 6.38 4.85
C VAL C 338 -49.93 6.17 3.76
N THR C 339 -51.04 5.56 4.16
CA THR C 339 -52.22 5.36 3.32
C THR C 339 -53.45 5.70 4.14
N SER C 340 -54.59 5.81 3.48
CA SER C 340 -55.82 6.32 4.10
C SER C 340 -56.27 5.45 5.25
N GLU C 341 -56.16 4.12 5.07
CA GLU C 341 -56.50 3.20 6.17
C GLU C 341 -55.36 2.85 7.16
N GLY C 342 -54.12 2.81 6.70
CA GLY C 342 -52.99 2.50 7.60
C GLY C 342 -51.70 2.97 6.98
N ASN C 343 -50.86 2.01 6.63
CA ASN C 343 -49.56 2.34 5.98
C ASN C 343 -48.96 1.07 5.37
N GLU C 344 -47.95 1.24 4.54
CA GLU C 344 -47.19 0.14 3.94
C GLU C 344 -45.81 0.19 4.55
N VAL C 345 -45.42 -0.87 5.23
CA VAL C 345 -44.07 -0.97 5.69
C VAL C 345 -43.20 -1.40 4.51
N ILE C 346 -42.18 -0.61 4.20
CA ILE C 346 -41.31 -0.94 3.05
C ILE C 346 -39.95 -1.53 3.41
N THR C 347 -39.53 -1.43 4.66
CA THR C 347 -38.39 -2.17 5.11
C THR C 347 -38.88 -3.49 5.65
N LYS C 348 -38.38 -4.60 5.12
CA LYS C 348 -38.92 -5.94 5.41
C LYS C 348 -38.03 -6.77 6.32
N SER C 349 -36.87 -6.26 6.71
CA SER C 349 -35.92 -7.09 7.49
C SER C 349 -36.56 -7.46 8.80
N PRO C 350 -36.23 -8.65 9.35
CA PRO C 350 -36.89 -9.09 10.53
C PRO C 350 -36.41 -8.28 11.72
N LYS C 351 -37.31 -8.19 12.69
CA LYS C 351 -37.13 -7.32 13.85
C LYS C 351 -37.09 -8.08 15.18
N GLU C 352 -37.16 -9.42 15.15
CA GLU C 352 -37.04 -10.22 16.36
C GLU C 352 -35.58 -10.14 16.75
N LEU C 353 -35.25 -10.48 17.99
CA LEU C 353 -33.85 -10.47 18.42
C LEU C 353 -33.02 -11.54 17.68
N ILE C 354 -32.04 -11.09 16.92
CA ILE C 354 -31.12 -12.02 16.31
C ILE C 354 -29.85 -12.03 17.16
N ILE C 355 -29.39 -13.23 17.57
CA ILE C 355 -28.20 -13.36 18.40
C ILE C 355 -27.00 -13.80 17.55
N MET D 4 -4.52 28.64 20.56
CA MET D 4 -4.38 30.09 20.93
C MET D 4 -3.76 30.87 19.79
N GLU D 5 -2.76 30.28 19.15
CA GLU D 5 -2.09 30.91 18.01
C GLU D 5 -3.10 31.27 16.97
N LYS D 6 -3.86 30.25 16.54
CA LYS D 6 -5.02 30.40 15.68
C LYS D 6 -5.88 31.56 16.16
N ILE D 7 -6.37 31.46 17.40
CA ILE D 7 -7.39 32.40 17.95
C ILE D 7 -6.83 33.84 17.91
N GLU D 8 -5.53 33.95 18.16
CA GLU D 8 -4.82 35.23 18.17
C GLU D 8 -4.72 35.84 16.80
N ARG D 9 -4.21 35.03 15.87
CA ARG D 9 -4.17 35.43 14.49
C ARG D 9 -5.59 35.76 13.98
N LEU D 10 -6.59 34.97 14.37
CA LEU D 10 -7.99 35.37 14.07
C LEU D 10 -8.36 36.76 14.70
N ARG D 11 -7.90 37.05 15.92
CA ARG D 11 -8.29 38.34 16.56
C ARG D 11 -7.67 39.58 15.86
N SER D 12 -6.46 39.43 15.28
CA SER D 12 -5.78 40.51 14.54
C SER D 12 -6.48 40.97 13.25
N ALA D 13 -7.44 40.17 12.83
CA ALA D 13 -8.29 40.41 11.68
C ALA D 13 -9.49 41.30 12.02
N PHE D 14 -9.95 41.24 13.29
CA PHE D 14 -11.23 41.85 13.65
C PHE D 14 -11.20 43.30 13.26
N ASP D 15 -10.19 43.99 13.74
CA ASP D 15 -10.04 45.43 13.45
C ASP D 15 -10.36 45.78 11.98
N GLU D 16 -9.68 45.17 11.02
CA GLU D 16 -9.90 45.53 9.62
C GLU D 16 -11.30 45.05 9.15
N ALA D 17 -11.84 44.04 9.79
CA ALA D 17 -13.18 43.52 9.41
C ALA D 17 -14.29 44.35 10.07
N GLY D 18 -13.90 45.29 10.92
CA GLY D 18 -14.84 46.22 11.57
C GLY D 18 -15.73 45.56 12.60
N ILE D 19 -15.13 44.76 13.49
CA ILE D 19 -15.85 43.97 14.51
C ILE D 19 -14.99 43.86 15.79
N ASP D 20 -15.54 43.42 16.89
CA ASP D 20 -14.72 42.99 18.01
C ASP D 20 -15.12 41.57 18.49
N GLY D 21 -15.74 40.83 17.57
CA GLY D 21 -15.97 39.41 17.75
C GLY D 21 -16.55 38.79 16.49
N ILE D 22 -16.75 37.48 16.56
CA ILE D 22 -17.14 36.77 15.38
C ILE D 22 -17.90 35.52 15.78
N LEU D 23 -18.98 35.31 15.03
CA LEU D 23 -19.75 34.12 15.13
C LEU D 23 -19.33 33.27 13.89
N LEU D 24 -18.93 32.04 14.20
CA LEU D 24 -18.44 31.11 13.23
C LEU D 24 -19.49 30.05 13.15
N THR D 25 -20.13 30.03 11.99
CA THR D 25 -21.17 29.05 11.73
C THR D 25 -20.82 28.05 10.61
N ASN D 26 -19.95 28.42 9.70
CA ASN D 26 -19.47 27.47 8.67
C ASN D 26 -18.78 26.26 9.33
N GLU D 27 -19.16 25.05 8.95
CA GLU D 27 -18.58 23.88 9.54
C GLU D 27 -17.02 23.79 9.41
N HIS D 28 -16.44 24.38 8.36
CA HIS D 28 -14.99 24.23 8.21
C HIS D 28 -14.24 25.18 9.14
N SER D 29 -14.79 26.36 9.36
CA SER D 29 -14.32 27.20 10.47
C SER D 29 -14.41 26.52 11.85
N ARG D 30 -15.52 25.88 12.13
CA ARG D 30 -15.69 25.18 13.38
C ARG D 30 -14.66 24.07 13.61
N ARG D 31 -14.47 23.16 12.66
CA ARG D 31 -13.40 22.17 12.75
C ARG D 31 -12.04 22.83 12.88
N TYR D 32 -11.85 23.95 12.19
CA TYR D 32 -10.52 24.48 12.03
C TYR D 32 -10.09 25.10 13.33
N MET D 33 -10.98 25.88 13.91
CA MET D 33 -10.64 26.72 15.07
C MET D 33 -10.64 25.97 16.39
N ALA D 34 -11.57 25.07 16.58
CA ALA D 34 -11.71 24.42 17.86
C ALA D 34 -11.44 22.94 17.76
N ASN D 35 -10.94 22.44 16.61
CA ASN D 35 -10.57 21.04 16.53
C ASN D 35 -11.77 20.08 16.55
N PHE D 36 -12.98 20.57 16.28
CA PHE D 36 -14.18 19.79 16.60
C PHE D 36 -14.72 18.99 15.44
N THR D 37 -14.78 17.66 15.57
CA THR D 37 -15.20 16.81 14.46
C THR D 37 -16.70 16.57 14.38
N GLY D 38 -17.46 17.16 15.29
CA GLY D 38 -18.91 16.92 15.35
C GLY D 38 -19.73 17.73 14.36
N THR D 39 -21.02 17.46 14.38
CA THR D 39 -21.95 17.96 13.41
C THR D 39 -22.70 19.23 13.91
N ALA D 40 -22.56 19.63 15.17
CA ALA D 40 -23.37 20.74 15.66
C ALA D 40 -22.57 21.63 16.54
N GLY D 41 -22.98 22.87 16.67
CA GLY D 41 -22.34 23.78 17.59
C GLY D 41 -21.86 25.05 16.91
N VAL D 42 -21.56 26.08 17.69
CA VAL D 42 -20.98 27.31 17.15
CA VAL D 42 -20.98 27.31 17.15
C VAL D 42 -19.84 27.83 18.03
N VAL D 43 -18.89 28.55 17.41
CA VAL D 43 -17.79 29.18 18.09
C VAL D 43 -18.01 30.71 18.05
N LEU D 44 -17.84 31.26 19.25
CA LEU D 44 -17.90 32.66 19.51
C LEU D 44 -16.65 33.08 20.27
N ILE D 45 -16.06 34.16 19.76
CA ILE D 45 -14.75 34.57 20.13
C ILE D 45 -14.79 36.08 20.09
N SER D 46 -14.56 36.62 21.29
CA SER D 46 -14.40 38.03 21.57
C SER D 46 -12.93 38.22 21.61
N LYS D 47 -12.50 39.46 21.91
CA LYS D 47 -11.09 39.79 21.88
C LYS D 47 -10.38 39.18 23.08
N LYS D 48 -11.15 38.82 24.09
CA LYS D 48 -10.61 38.37 25.38
C LYS D 48 -11.04 36.90 25.76
N ARG D 49 -12.20 36.45 25.26
CA ARG D 49 -12.75 35.12 25.54
C ARG D 49 -13.10 34.39 24.21
N ALA D 50 -13.25 33.07 24.32
CA ALA D 50 -13.42 32.14 23.22
C ALA D 50 -14.25 31.03 23.78
N GLN D 51 -15.38 30.76 23.11
CA GLN D 51 -16.37 29.79 23.58
C GLN D 51 -16.82 28.89 22.45
N PHE D 52 -17.18 27.67 22.87
CA PHE D 52 -17.79 26.72 21.99
C PHE D 52 -19.16 26.43 22.60
N ILE D 53 -20.21 26.76 21.85
CA ILE D 53 -21.59 26.63 22.32
C ILE D 53 -22.09 25.33 21.70
N THR D 54 -22.44 24.39 22.55
CA THR D 54 -22.59 22.98 22.15
CA THR D 54 -22.57 22.99 22.14
C THR D 54 -23.96 22.44 22.47
N ASP D 55 -24.39 21.46 21.68
CA ASP D 55 -25.57 20.68 22.04
C ASP D 55 -25.17 19.71 23.19
N PHE D 56 -26.16 19.35 23.99
CA PHE D 56 -25.94 18.48 25.13
C PHE D 56 -25.12 17.23 24.83
N ARG D 57 -25.42 16.57 23.72
CA ARG D 57 -24.82 15.27 23.41
C ARG D 57 -23.32 15.34 23.08
N TYR D 58 -22.84 16.53 22.71
CA TYR D 58 -21.45 16.69 22.34
C TYR D 58 -20.65 17.22 23.51
N VAL D 59 -21.33 17.57 24.60
CA VAL D 59 -20.64 18.22 25.73
C VAL D 59 -19.33 17.54 26.07
N GLU D 60 -19.32 16.19 26.17
CA GLU D 60 -18.12 15.41 26.55
CA GLU D 60 -18.12 15.45 26.54
C GLU D 60 -17.03 15.52 25.46
N GLN D 61 -17.43 15.30 24.19
CA GLN D 61 -16.52 15.42 23.02
C GLN D 61 -15.93 16.85 22.82
N ALA D 62 -16.82 17.84 22.77
CA ALA D 62 -16.45 19.27 22.78
C ALA D 62 -15.37 19.53 23.76
N SER D 63 -15.60 19.08 25.01
CA SER D 63 -14.72 19.28 26.15
C SER D 63 -13.33 18.64 25.98
N LYS D 64 -13.26 17.53 25.25
CA LYS D 64 -11.97 16.87 24.89
C LYS D 64 -11.31 17.54 23.66
N GLN D 65 -12.10 17.88 22.63
CA GLN D 65 -11.55 18.42 21.34
C GLN D 65 -11.31 19.94 21.36
N ALA D 66 -12.19 20.64 22.05
CA ALA D 66 -12.30 22.08 21.90
C ALA D 66 -11.40 22.73 22.91
N VAL D 67 -10.13 22.35 22.94
CA VAL D 67 -9.17 22.97 23.87
C VAL D 67 -8.93 24.49 23.59
N GLY D 68 -8.73 25.29 24.64
CA GLY D 68 -8.67 26.76 24.50
C GLY D 68 -10.03 27.48 24.57
N TYR D 69 -11.11 26.72 24.76
CA TYR D 69 -12.49 27.24 24.65
C TYR D 69 -13.29 26.83 25.84
N GLU D 70 -14.10 27.75 26.38
CA GLU D 70 -15.11 27.42 27.35
C GLU D 70 -16.24 26.75 26.63
N ILE D 71 -16.60 25.58 27.14
CA ILE D 71 -17.73 24.78 26.68
C ILE D 71 -19.04 25.34 27.27
N VAL D 72 -19.89 25.89 26.41
CA VAL D 72 -21.10 26.53 26.85
C VAL D 72 -22.30 25.72 26.38
N GLN D 73 -23.14 25.32 27.33
CA GLN D 73 -24.37 24.58 27.08
C GLN D 73 -25.50 25.60 26.80
N HIS D 74 -26.58 25.17 26.17
CA HIS D 74 -27.72 26.05 25.93
C HIS D 74 -28.98 25.36 26.38
N ALA D 75 -29.60 25.93 27.39
CA ALA D 75 -30.89 25.43 27.85
C ALA D 75 -31.99 25.75 26.83
N GLY D 76 -31.86 26.87 26.17
CA GLY D 76 -32.87 27.27 25.21
C GLY D 76 -32.39 27.05 23.78
N LEU D 77 -32.72 28.02 22.92
CA LEU D 77 -32.32 27.95 21.53
C LEU D 77 -30.87 28.35 21.46
N ILE D 78 -30.12 27.66 20.60
CA ILE D 78 -28.73 28.01 20.37
C ILE D 78 -28.55 29.48 19.98
N ILE D 79 -29.41 30.05 19.14
CA ILE D 79 -29.30 31.47 18.69
C ILE D 79 -29.58 32.45 19.82
N ASP D 80 -30.50 32.07 20.74
CA ASP D 80 -30.73 32.87 21.94
C ASP D 80 -29.48 32.76 22.84
N GLU D 81 -28.86 31.58 22.96
CA GLU D 81 -27.66 31.42 23.83
C GLU D 81 -26.50 32.21 23.26
N VAL D 82 -26.39 32.23 21.94
CA VAL D 82 -25.45 33.16 21.27
C VAL D 82 -25.77 34.57 21.68
N ALA D 83 -27.04 34.96 21.55
CA ALA D 83 -27.48 36.36 21.91
C ALA D 83 -27.07 36.73 23.34
N LYS D 84 -27.28 35.76 24.23
CA LYS D 84 -26.90 35.88 25.64
C LYS D 84 -25.39 35.99 25.89
N GLN D 85 -24.61 35.12 25.25
CA GLN D 85 -23.17 35.14 25.42
C GLN D 85 -22.51 36.40 24.82
N VAL D 86 -23.11 36.94 23.77
CA VAL D 86 -22.64 38.15 23.12
C VAL D 86 -22.61 39.28 24.12
N LYS D 87 -23.63 39.34 25.02
CA LYS D 87 -23.76 40.32 26.13
C LYS D 87 -22.72 40.12 27.24
N GLU D 88 -22.68 38.91 27.77
CA GLU D 88 -21.69 38.43 28.75
CA GLU D 88 -21.74 38.57 28.81
C GLU D 88 -20.26 38.83 28.36
N LEU D 89 -19.93 38.55 27.09
CA LEU D 89 -18.58 38.80 26.51
C LEU D 89 -18.36 40.28 26.11
N GLY D 90 -19.45 41.05 26.06
CA GLY D 90 -19.36 42.49 25.90
C GLY D 90 -19.11 42.81 24.46
N ILE D 91 -19.40 41.85 23.61
CA ILE D 91 -19.15 42.07 22.20
C ILE D 91 -20.14 43.13 21.73
N GLN D 92 -19.60 44.15 21.05
CA GLN D 92 -20.40 45.28 20.59
C GLN D 92 -20.71 45.22 19.13
N LYS D 93 -19.78 44.68 18.35
CA LYS D 93 -20.00 44.42 16.91
C LYS D 93 -19.61 42.99 16.53
N LEU D 94 -20.61 42.15 16.32
CA LEU D 94 -20.40 40.71 16.11
C LEU D 94 -20.44 40.35 14.63
N GLY D 95 -19.30 39.91 14.12
CA GLY D 95 -19.16 39.47 12.73
C GLY D 95 -19.73 38.11 12.48
N PHE D 96 -20.16 37.85 11.25
CA PHE D 96 -20.66 36.49 10.84
C PHE D 96 -20.26 36.09 9.39
N GLU D 97 -20.31 34.79 9.12
CA GLU D 97 -19.80 34.23 7.87
C GLU D 97 -20.87 34.27 6.82
N GLN D 98 -20.90 35.37 6.08
CA GLN D 98 -21.96 35.64 5.13
C GLN D 98 -22.10 34.73 3.90
N ASP D 99 -21.00 34.06 3.58
CA ASP D 99 -20.97 33.22 2.38
C ASP D 99 -21.57 31.82 2.62
N THR D 100 -21.81 31.51 3.87
CA THR D 100 -22.44 30.29 4.37
C THR D 100 -23.78 30.58 5.04
N LEU D 101 -23.88 31.69 5.80
CA LEU D 101 -25.07 31.95 6.59
C LEU D 101 -26.32 32.14 5.71
N THR D 102 -27.34 31.39 6.02
CA THR D 102 -28.53 31.47 5.21
C THR D 102 -29.27 32.71 5.63
N TYR D 103 -30.13 33.20 4.73
CA TYR D 103 -30.87 34.39 4.98
C TYR D 103 -31.80 34.21 6.16
N SER D 104 -32.56 33.12 6.11
CA SER D 104 -33.36 32.69 7.23
C SER D 104 -32.58 32.91 8.57
N SER D 105 -31.42 32.29 8.68
CA SER D 105 -30.62 32.26 9.91
C SER D 105 -30.04 33.63 10.21
N TYR D 106 -29.68 34.35 9.17
CA TYR D 106 -29.33 35.73 9.35
C TYR D 106 -30.40 36.56 10.11
N SER D 107 -31.64 36.56 9.63
CA SER D 107 -32.71 37.36 10.24
C SER D 107 -32.98 36.89 11.66
N ALA D 108 -32.90 35.59 11.90
CA ALA D 108 -33.10 35.04 13.25
C ALA D 108 -32.00 35.56 14.23
N HIS D 109 -30.72 35.45 13.84
CA HIS D 109 -29.59 35.93 14.69
C HIS D 109 -29.69 37.43 14.95
N LYS D 110 -29.92 38.16 13.87
CA LYS D 110 -30.03 39.59 13.95
C LYS D 110 -31.04 40.09 14.97
N GLU D 111 -32.27 39.59 14.84
CA GLU D 111 -33.34 39.92 15.73
C GLU D 111 -33.01 39.52 17.18
N ALA D 112 -32.34 38.39 17.40
CA ALA D 112 -32.08 37.92 18.77
C ALA D 112 -30.95 38.67 19.43
N ILE D 113 -30.02 39.20 18.65
CA ILE D 113 -28.78 39.78 19.16
C ILE D 113 -28.80 41.31 19.07
N ASP D 114 -28.46 41.96 20.18
CA ASP D 114 -28.59 43.41 20.28
CA ASP D 114 -28.58 43.41 20.30
C ASP D 114 -27.39 44.15 19.65
N ALA D 115 -26.24 43.50 19.63
CA ALA D 115 -25.04 44.04 19.03
C ALA D 115 -25.24 44.28 17.52
N GLU D 116 -24.32 44.98 16.87
CA GLU D 116 -24.43 45.04 15.42
C GLU D 116 -24.00 43.69 14.79
N PHE D 117 -24.55 43.39 13.63
CA PHE D 117 -24.35 42.07 13.00
C PHE D 117 -23.70 42.32 11.67
N ILE D 118 -22.39 42.06 11.60
CA ILE D 118 -21.59 42.56 10.51
C ILE D 118 -21.16 41.39 9.59
N PRO D 119 -21.55 41.48 8.28
CA PRO D 119 -21.12 40.44 7.39
C PRO D 119 -19.60 40.46 7.35
N THR D 120 -18.98 39.29 7.31
CA THR D 120 -17.55 39.17 7.04
C THR D 120 -17.32 37.99 6.14
N SER D 121 -16.14 37.93 5.53
CA SER D 121 -15.65 36.70 4.99
C SER D 121 -14.15 36.65 4.77
N GLY D 122 -13.65 35.45 4.50
CA GLY D 122 -12.23 35.29 4.25
C GLY D 122 -11.41 35.22 5.51
N LEU D 123 -12.02 35.33 6.68
CA LEU D 123 -11.21 35.50 7.90
C LEU D 123 -10.59 34.19 8.36
N VAL D 124 -11.44 33.20 8.51
CA VAL D 124 -10.94 31.90 8.85
C VAL D 124 -10.12 31.45 7.66
N GLU D 125 -10.56 31.85 6.46
CA GLU D 125 -9.99 31.33 5.20
C GLU D 125 -8.53 31.78 5.07
N LYS D 126 -8.25 33.01 5.49
CA LYS D 126 -6.86 33.51 5.49
C LYS D 126 -5.98 32.61 6.31
N LEU D 127 -6.47 32.12 7.43
CA LEU D 127 -5.62 31.32 8.31
C LEU D 127 -5.45 29.95 7.62
N ARG D 128 -6.52 29.44 7.03
CA ARG D 128 -6.46 28.13 6.38
C ARG D 128 -5.62 28.06 5.11
N LEU D 129 -5.37 29.20 4.49
CA LEU D 129 -4.59 29.30 3.26
C LEU D 129 -3.15 28.72 3.39
N ILE D 130 -2.54 28.95 4.55
CA ILE D 130 -1.15 28.54 4.81
C ILE D 130 -1.25 27.39 5.77
N LYS D 131 -0.85 26.21 5.33
CA LYS D 131 -0.95 25.00 6.16
C LYS D 131 0.16 24.91 7.19
N THR D 132 -0.14 24.28 8.31
CA THR D 132 0.84 24.09 9.38
C THR D 132 1.61 22.81 9.16
N ASP D 133 2.65 22.59 9.94
CA ASP D 133 3.43 21.37 9.79
C ASP D 133 2.57 20.08 10.01
N SER D 134 1.69 20.11 11.00
CA SER D 134 0.82 18.95 11.31
C SER D 134 -0.21 18.77 10.22
N GLU D 135 -0.62 19.88 9.60
CA GLU D 135 -1.61 19.82 8.50
C GLU D 135 -0.96 19.21 7.27
N ILE D 136 0.26 19.66 6.96
CA ILE D 136 1.01 19.10 5.85
C ILE D 136 1.21 17.60 6.04
N LYS D 137 1.58 17.17 7.23
CA LYS D 137 1.65 15.75 7.52
C LYS D 137 0.36 14.98 7.17
N ILE D 138 -0.79 15.60 7.43
CA ILE D 138 -2.08 14.94 7.22
C ILE D 138 -2.34 14.88 5.74
N LEU D 139 -2.18 16.01 5.04
CA LEU D 139 -2.31 16.02 3.59
C LEU D 139 -1.45 14.94 2.94
N LYS D 140 -0.23 14.83 3.43
CA LYS D 140 0.70 13.83 2.94
C LYS D 140 0.19 12.39 3.12
N GLU D 141 -0.44 12.08 4.25
CA GLU D 141 -0.98 10.73 4.43
CA GLU D 141 -1.03 10.77 4.52
C GLU D 141 -2.23 10.57 3.56
N ALA D 142 -2.97 11.65 3.36
CA ALA D 142 -4.17 11.59 2.52
C ALA D 142 -3.73 11.30 1.08
N ALA D 143 -2.65 11.94 0.64
CA ALA D 143 -2.09 11.76 -0.72
C ALA D 143 -1.56 10.35 -0.93
N GLN D 144 -0.94 9.82 0.13
CA GLN D 144 -0.40 8.46 0.17
C GLN D 144 -1.47 7.42 0.01
N ILE D 145 -2.56 7.61 0.73
CA ILE D 145 -3.73 6.75 0.60
C ILE D 145 -4.21 6.75 -0.85
N ALA D 146 -4.32 7.92 -1.45
CA ALA D 146 -4.68 8.03 -2.91
C ALA D 146 -3.68 7.35 -3.85
N ASP D 147 -2.38 7.52 -3.65
CA ASP D 147 -1.36 6.77 -4.39
C ASP D 147 -1.53 5.22 -4.24
N ALA D 148 -1.76 4.75 -3.03
CA ALA D 148 -2.05 3.33 -2.84
C ALA D 148 -3.29 2.87 -3.63
N ALA D 149 -4.34 3.67 -3.66
CA ALA D 149 -5.54 3.27 -4.39
C ALA D 149 -5.22 3.23 -5.88
N PHE D 150 -4.42 4.19 -6.34
CA PHE D 150 -4.03 4.21 -7.72
C PHE D 150 -3.32 2.90 -8.07
N GLU D 151 -2.31 2.56 -7.27
CA GLU D 151 -1.60 1.34 -7.52
C GLU D 151 -2.46 0.10 -7.45
N HIS D 152 -3.37 0.04 -6.49
CA HIS D 152 -4.34 -1.03 -6.43
C HIS D 152 -5.20 -1.08 -7.67
N ILE D 153 -5.61 0.09 -8.18
CA ILE D 153 -6.67 0.11 -9.18
C ILE D 153 -6.07 -0.36 -10.51
N LEU D 154 -4.73 -0.26 -10.71
CA LEU D 154 -4.11 -0.83 -11.89
C LEU D 154 -4.41 -2.33 -12.14
N SER D 155 -4.65 -3.09 -11.08
CA SER D 155 -5.01 -4.54 -11.20
C SER D 155 -6.51 -4.79 -11.43
N PHE D 156 -7.31 -3.77 -11.22
CA PHE D 156 -8.74 -3.91 -11.33
C PHE D 156 -9.25 -3.54 -12.72
N ILE D 157 -8.62 -2.58 -13.38
CA ILE D 157 -9.24 -2.04 -14.59
C ILE D 157 -8.99 -3.02 -15.74
N ARG D 158 -10.05 -3.41 -16.42
CA ARG D 158 -9.95 -4.26 -17.63
C ARG D 158 -11.20 -4.07 -18.49
N PRO D 159 -11.13 -4.43 -19.78
CA PRO D 159 -12.37 -4.33 -20.61
C PRO D 159 -13.55 -5.01 -19.92
N GLY D 160 -14.74 -4.41 -19.97
CA GLY D 160 -15.92 -5.06 -19.38
C GLY D 160 -16.33 -4.54 -18.02
N VAL D 161 -15.40 -3.92 -17.29
CA VAL D 161 -15.76 -3.29 -16.00
C VAL D 161 -16.39 -1.91 -16.24
N SER D 162 -17.38 -1.57 -15.43
CA SER D 162 -18.06 -0.23 -15.52
C SER D 162 -17.27 0.86 -14.81
N GLU D 163 -17.52 2.11 -15.19
CA GLU D 163 -16.84 3.20 -14.55
C GLU D 163 -17.23 3.24 -13.07
N ILE D 164 -18.49 3.02 -12.77
CA ILE D 164 -18.95 2.99 -11.40
C ILE D 164 -18.29 1.82 -10.65
N GLU D 165 -18.08 0.67 -11.29
CA GLU D 165 -17.42 -0.41 -10.59
C GLU D 165 -15.98 0.00 -10.20
N VAL D 166 -15.29 0.79 -11.02
CA VAL D 166 -13.95 1.29 -10.69
C VAL D 166 -14.01 2.29 -9.53
N SER D 167 -14.98 3.19 -9.60
CA SER D 167 -15.21 4.21 -8.57
C SER D 167 -15.46 3.54 -7.23
N ASN D 168 -16.35 2.54 -7.21
CA ASN D 168 -16.61 1.79 -5.96
C ASN D 168 -15.37 1.08 -5.38
N GLU D 169 -14.57 0.48 -6.24
CA GLU D 169 -13.34 -0.20 -5.80
C GLU D 169 -12.36 0.79 -5.16
N LEU D 170 -12.22 1.93 -5.80
CA LEU D 170 -11.35 2.97 -5.30
C LEU D 170 -11.82 3.44 -3.93
N GLU D 171 -13.12 3.66 -3.79
CA GLU D 171 -13.71 4.13 -2.56
C GLU D 171 -13.44 3.10 -1.47
N PHE D 172 -13.80 1.85 -1.76
CA PHE D 172 -13.56 0.73 -0.79
C PHE D 172 -12.12 0.59 -0.36
N PHE D 173 -11.19 0.62 -1.33
CA PHE D 173 -9.76 0.53 -1.00
C PHE D 173 -9.25 1.69 -0.10
N MET D 174 -9.64 2.93 -0.39
CA MET D 174 -9.19 4.07 0.38
C MET D 174 -9.71 3.98 1.79
N ARG D 175 -10.94 3.53 1.92
CA ARG D 175 -11.43 3.30 3.30
C ARG D 175 -10.67 2.19 4.03
N LYS D 176 -10.29 1.11 3.36
CA LYS D 176 -9.52 0.04 4.03
CA LYS D 176 -9.51 0.03 4.00
C LYS D 176 -8.16 0.58 4.46
N GLN D 177 -7.69 1.66 3.84
CA GLN D 177 -6.41 2.26 4.17
C GLN D 177 -6.51 3.35 5.24
N GLY D 178 -7.72 3.59 5.75
CA GLY D 178 -7.96 4.56 6.81
C GLY D 178 -8.72 5.80 6.41
N ALA D 179 -8.99 6.01 5.12
CA ALA D 179 -9.76 7.20 4.72
C ALA D 179 -11.21 7.07 5.26
N THR D 180 -11.81 8.18 5.66
CA THR D 180 -13.22 8.23 5.99
C THR D 180 -14.05 7.94 4.79
N SER D 181 -13.59 8.45 3.65
CA SER D 181 -14.28 8.31 2.40
C SER D 181 -13.42 8.94 1.32
N SER D 182 -13.94 8.95 0.11
CA SER D 182 -13.34 9.72 -0.95
C SER D 182 -13.59 11.19 -0.66
N SER D 183 -12.79 12.03 -1.28
CA SER D 183 -12.75 13.49 -1.12
CA SER D 183 -12.84 13.46 -0.99
C SER D 183 -13.84 14.25 -1.83
N PHE D 184 -14.47 13.58 -2.80
CA PHE D 184 -15.48 14.17 -3.74
C PHE D 184 -16.04 13.05 -4.61
N ASP D 185 -17.02 13.36 -5.44
CA ASP D 185 -17.64 12.36 -6.27
C ASP D 185 -16.66 11.93 -7.37
N ILE D 186 -16.19 10.70 -7.27
CA ILE D 186 -15.11 10.22 -8.09
C ILE D 186 -15.36 10.23 -9.59
N ILE D 187 -14.35 10.72 -10.29
CA ILE D 187 -14.35 10.74 -11.74
C ILE D 187 -13.63 9.52 -12.32
N VAL D 188 -14.40 8.69 -13.01
CA VAL D 188 -13.85 7.69 -13.90
C VAL D 188 -14.47 7.91 -15.26
N ALA D 189 -13.66 8.50 -16.13
CA ALA D 189 -14.10 8.95 -17.43
C ALA D 189 -13.31 8.26 -18.51
N SER D 190 -13.98 7.36 -19.24
CA SER D 190 -13.37 6.40 -20.14
C SER D 190 -13.82 6.65 -21.59
N GLY D 191 -12.88 6.42 -22.53
CA GLY D 191 -13.19 6.57 -23.95
C GLY D 191 -13.61 7.97 -24.30
N LEU D 192 -14.72 8.09 -25.00
CA LEU D 192 -15.21 9.42 -25.36
C LEU D 192 -15.53 10.22 -24.12
N ARG D 193 -15.82 9.55 -23.01
CA ARG D 193 -16.11 10.31 -21.76
C ARG D 193 -14.89 11.00 -21.17
N SER D 194 -13.69 10.56 -21.56
CA SER D 194 -12.47 11.24 -21.12
C SER D 194 -12.33 12.66 -21.68
N ALA D 195 -13.17 13.04 -22.62
CA ALA D 195 -13.19 14.44 -23.07
C ALA D 195 -14.04 15.27 -22.09
N LEU D 196 -14.52 14.67 -21.00
CA LEU D 196 -15.37 15.38 -20.03
C LEU D 196 -14.60 15.70 -18.75
N PRO D 197 -14.17 16.96 -18.61
CA PRO D 197 -13.40 17.36 -17.43
C PRO D 197 -14.05 16.93 -16.10
N HIS D 198 -15.38 16.98 -16.06
CA HIS D 198 -16.15 16.64 -14.85
C HIS D 198 -16.96 15.35 -14.99
N GLY D 199 -16.43 14.36 -15.69
CA GLY D 199 -17.16 13.15 -15.98
C GLY D 199 -17.25 12.14 -14.87
N VAL D 200 -18.15 12.38 -13.92
CA VAL D 200 -18.30 11.49 -12.79
C VAL D 200 -18.61 10.09 -13.31
N ALA D 201 -18.12 9.07 -12.59
CA ALA D 201 -18.20 7.68 -13.05
C ALA D 201 -19.61 7.36 -13.40
N SER D 202 -19.81 6.73 -14.56
CA SER D 202 -21.14 6.38 -15.00
C SER D 202 -21.25 4.87 -15.14
N GLU D 203 -22.36 4.43 -15.72
CA GLU D 203 -22.59 3.02 -15.98
C GLU D 203 -21.84 2.55 -17.22
N LYS D 204 -21.21 3.45 -17.99
CA LYS D 204 -20.47 3.06 -19.22
C LYS D 204 -19.41 2.00 -18.93
N VAL D 205 -19.34 1.02 -19.82
CA VAL D 205 -18.40 -0.06 -19.70
C VAL D 205 -17.10 0.33 -20.43
N ILE D 206 -16.00 0.04 -19.76
CA ILE D 206 -14.65 0.38 -20.24
C ILE D 206 -14.31 -0.58 -21.41
N GLU D 207 -13.68 -0.05 -22.45
CA GLU D 207 -13.29 -0.86 -23.62
C GLU D 207 -11.81 -0.74 -23.97
N THR D 208 -11.28 -1.78 -24.60
CA THR D 208 -9.96 -1.69 -25.23
C THR D 208 -9.94 -0.48 -26.14
N GLY D 209 -8.78 0.13 -26.28
CA GLY D 209 -8.71 1.43 -26.93
C GLY D 209 -8.92 2.63 -26.00
N ASP D 210 -9.54 2.47 -24.84
CA ASP D 210 -9.98 3.63 -24.05
C ASP D 210 -8.79 4.26 -23.33
N PHE D 211 -8.71 5.58 -23.40
CA PHE D 211 -8.14 6.36 -22.27
C PHE D 211 -9.11 6.34 -21.11
N VAL D 212 -8.60 6.24 -19.88
CA VAL D 212 -9.48 6.31 -18.75
C VAL D 212 -8.83 7.29 -17.77
N THR D 213 -9.47 8.41 -17.55
CA THR D 213 -9.05 9.39 -16.57
C THR D 213 -9.70 9.07 -15.21
N LEU D 214 -8.83 8.94 -14.20
CA LEU D 214 -9.22 8.62 -12.87
C LEU D 214 -8.89 9.83 -12.02
N ASP D 215 -9.92 10.52 -11.52
CA ASP D 215 -9.71 11.66 -10.68
C ASP D 215 -10.45 11.33 -9.38
N PHE D 216 -9.66 11.23 -8.31
CA PHE D 216 -10.23 10.80 -7.03
C PHE D 216 -9.27 11.25 -5.92
N GLY D 217 -9.71 11.25 -4.65
CA GLY D 217 -8.80 11.42 -3.54
C GLY D 217 -9.35 10.99 -2.18
N ALA D 218 -8.58 11.17 -1.12
CA ALA D 218 -9.01 10.64 0.14
C ALA D 218 -9.44 11.79 1.03
N TYR D 219 -10.40 11.49 1.86
CA TYR D 219 -10.78 12.38 2.96
C TYR D 219 -10.31 11.67 4.20
N TYR D 220 -9.28 12.24 4.80
CA TYR D 220 -8.55 11.51 5.85
C TYR D 220 -8.27 12.48 6.95
N LYS D 221 -8.75 12.15 8.15
CA LYS D 221 -8.58 13.03 9.33
C LYS D 221 -8.94 14.46 8.98
N GLY D 222 -10.00 14.61 8.20
CA GLY D 222 -10.57 15.94 7.93
C GLY D 222 -9.97 16.71 6.79
N TYR D 223 -8.97 16.14 6.17
CA TYR D 223 -8.26 16.78 5.05
C TYR D 223 -8.37 15.98 3.74
N CYS D 224 -8.23 16.70 2.63
CA CYS D 224 -8.50 16.18 1.30
C CYS D 224 -7.24 16.09 0.45
N SER D 225 -7.09 14.97 -0.23
CA SER D 225 -6.21 14.80 -1.38
C SER D 225 -7.00 14.77 -2.71
N ASP D 226 -6.31 14.98 -3.81
CA ASP D 226 -6.89 15.01 -5.15
C ASP D 226 -5.79 14.61 -6.16
N ILE D 227 -5.92 13.44 -6.74
CA ILE D 227 -5.01 12.98 -7.71
C ILE D 227 -5.78 12.70 -9.01
N THR D 228 -5.13 12.91 -10.13
CA THR D 228 -5.71 12.48 -11.42
C THR D 228 -4.58 11.87 -12.24
N ARG D 229 -4.80 10.66 -12.68
CA ARG D 229 -3.92 10.00 -13.60
C ARG D 229 -4.80 9.51 -14.71
N THR D 230 -4.25 9.46 -15.93
CA THR D 230 -4.92 8.89 -17.11
C THR D 230 -4.16 7.70 -17.70
N ILE D 231 -4.84 6.56 -17.78
CA ILE D 231 -4.26 5.34 -18.22
C ILE D 231 -4.96 4.94 -19.54
N ALA D 232 -4.40 3.91 -20.15
CA ALA D 232 -4.88 3.28 -21.35
C ALA D 232 -5.17 1.82 -21.04
N VAL D 233 -6.29 1.36 -21.63
CA VAL D 233 -6.77 -0.01 -21.57
C VAL D 233 -6.50 -0.54 -22.95
N GLY D 234 -5.42 -1.28 -23.10
CA GLY D 234 -4.91 -1.69 -24.42
C GLY D 234 -4.38 -0.47 -25.19
N GLU D 235 -3.81 -0.69 -26.39
CA GLU D 235 -3.05 0.36 -27.06
C GLU D 235 -3.97 1.45 -27.55
N PRO D 236 -3.65 2.71 -27.22
CA PRO D 236 -4.50 3.79 -27.64
C PRO D 236 -4.07 4.34 -29.01
N SER D 237 -4.89 5.26 -29.50
CA SER D 237 -4.68 5.92 -30.77
C SER D 237 -3.45 6.86 -30.75
N ASP D 238 -2.85 7.08 -31.91
CA ASP D 238 -1.72 8.00 -32.00
C ASP D 238 -2.13 9.42 -31.55
N LYS D 239 -3.33 9.87 -31.85
CA LYS D 239 -3.74 11.17 -31.41
C LYS D 239 -3.82 11.22 -29.87
N LEU D 240 -4.32 10.18 -29.21
CA LEU D 240 -4.43 10.24 -27.73
C LEU D 240 -3.01 10.22 -27.15
N LYS D 241 -2.10 9.46 -27.77
CA LYS D 241 -0.70 9.44 -27.32
C LYS D 241 -0.09 10.82 -27.42
N GLU D 242 -0.38 11.51 -28.52
CA GLU D 242 0.14 12.87 -28.73
C GLU D 242 -0.35 13.82 -27.64
N ILE D 243 -1.67 13.84 -27.44
CA ILE D 243 -2.26 14.66 -26.38
CA ILE D 243 -2.28 14.67 -26.39
C ILE D 243 -1.70 14.31 -25.00
N TYR D 244 -1.53 13.03 -24.75
CA TYR D 244 -0.95 12.62 -23.48
C TYR D 244 0.43 13.27 -23.26
N ASN D 245 1.30 13.21 -24.27
CA ASN D 245 2.68 13.68 -24.12
C ASN D 245 2.74 15.19 -23.83
N ILE D 246 1.86 15.93 -24.47
CA ILE D 246 1.78 17.37 -24.25
C ILE D 246 1.27 17.72 -22.84
N VAL D 247 0.21 17.04 -22.39
CA VAL D 247 -0.30 17.31 -21.04
C VAL D 247 0.80 16.98 -20.01
N LEU D 248 1.58 15.92 -20.27
CA LEU D 248 2.62 15.50 -19.30
C LEU D 248 3.73 16.53 -19.23
N GLU D 249 4.20 16.96 -20.40
CA GLU D 249 5.21 18.01 -20.42
C GLU D 249 4.71 19.30 -19.75
N ALA D 250 3.47 19.69 -20.02
CA ALA D 250 2.94 20.91 -19.46
C ALA D 250 2.92 20.82 -17.95
N GLN D 251 2.44 19.70 -17.47
CA GLN D 251 2.32 19.48 -16.04
C GLN D 251 3.67 19.51 -15.33
N LEU D 252 4.68 18.93 -15.98
CA LEU D 252 6.03 18.95 -15.41
C LEU D 252 6.56 20.37 -15.41
N ARG D 253 6.19 21.15 -16.44
CA ARG D 253 6.55 22.55 -16.46
C ARG D 253 5.92 23.30 -15.29
N GLY D 254 4.67 22.99 -14.98
CA GLY D 254 4.06 23.48 -13.78
C GLY D 254 4.83 23.16 -12.51
N VAL D 255 4.98 21.88 -12.25
CA VAL D 255 5.58 21.41 -11.07
C VAL D 255 7.02 21.93 -10.97
N ASN D 256 7.73 22.09 -12.07
CA ASN D 256 9.15 22.51 -11.98
C ASN D 256 9.28 24.03 -11.75
N GLY D 257 8.21 24.78 -12.07
CA GLY D 257 8.27 26.24 -12.15
C GLY D 257 7.62 26.92 -10.98
N ILE D 258 6.64 26.27 -10.36
CA ILE D 258 5.92 26.84 -9.23
C ILE D 258 6.77 26.92 -8.00
N LYS D 259 6.78 28.12 -7.40
CA LYS D 259 7.44 28.35 -6.14
C LYS D 259 6.82 29.59 -5.54
N ALA D 260 7.18 29.91 -4.30
CA ALA D 260 6.68 31.10 -3.64
C ALA D 260 6.97 32.33 -4.46
N GLY D 261 6.05 33.30 -4.46
CA GLY D 261 6.29 34.53 -5.17
C GLY D 261 5.68 34.57 -6.55
N LEU D 262 5.43 33.42 -7.13
CA LEU D 262 4.67 33.37 -8.37
C LEU D 262 3.24 33.85 -8.12
N THR D 263 2.62 34.46 -9.14
CA THR D 263 1.20 34.81 -9.06
C THR D 263 0.42 33.59 -9.53
N GLY D 264 -0.87 33.57 -9.29
CA GLY D 264 -1.68 32.45 -9.75
C GLY D 264 -1.69 32.38 -11.26
N ARG D 265 -1.65 33.54 -11.90
CA ARG D 265 -1.56 33.67 -13.36
C ARG D 265 -0.28 33.12 -13.91
N GLU D 266 0.84 33.48 -13.28
CA GLU D 266 2.14 33.01 -13.70
C GLU D 266 2.14 31.50 -13.61
N ALA D 267 1.56 30.96 -12.54
CA ALA D 267 1.57 29.51 -12.33
C ALA D 267 0.73 28.80 -13.40
N ASP D 268 -0.42 29.37 -13.77
CA ASP D 268 -1.28 28.82 -14.85
C ASP D 268 -0.60 28.90 -16.20
N ALA D 269 0.05 30.02 -16.48
CA ALA D 269 0.76 30.19 -17.75
C ALA D 269 1.86 29.13 -17.96
N LEU D 270 2.52 28.68 -16.89
CA LEU D 270 3.55 27.61 -17.00
C LEU D 270 2.99 26.37 -17.75
N THR D 271 1.74 25.99 -17.48
CA THR D 271 1.15 24.89 -18.19
C THR D 271 0.55 25.38 -19.48
N ARG D 272 -0.20 26.48 -19.38
CA ARG D 272 -1.04 26.96 -20.50
C ARG D 272 -0.23 27.40 -21.71
N ASP D 273 0.85 28.12 -21.48
CA ASP D 273 1.77 28.49 -22.55
C ASP D 273 2.19 27.32 -23.42
N TYR D 274 2.58 26.20 -22.79
CA TYR D 274 3.02 25.02 -23.49
C TYR D 274 1.89 24.33 -24.28
N ILE D 275 0.76 24.09 -23.63
CA ILE D 275 -0.45 23.57 -24.30
C ILE D 275 -0.78 24.45 -25.52
N THR D 276 -0.81 25.77 -25.33
CA THR D 276 -1.17 26.74 -26.39
C THR D 276 -0.17 26.69 -27.54
N GLU D 277 1.12 26.74 -27.21
CA GLU D 277 2.19 26.63 -28.20
C GLU D 277 2.01 25.38 -29.10
N LYS D 278 1.56 24.28 -28.52
CA LYS D 278 1.45 23.03 -29.27
C LYS D 278 0.14 22.92 -30.03
N GLY D 279 -0.69 23.94 -29.96
CA GLY D 279 -1.91 24.02 -30.76
C GLY D 279 -3.18 23.54 -30.10
N TYR D 280 -3.18 23.38 -28.78
CA TYR D 280 -4.30 22.77 -28.06
C TYR D 280 -4.90 23.71 -27.02
N GLY D 281 -4.57 25.01 -27.12
CA GLY D 281 -5.09 26.01 -26.16
C GLY D 281 -6.62 26.05 -26.04
N GLU D 282 -7.29 25.76 -27.15
CA GLU D 282 -8.77 25.75 -27.27
CA GLU D 282 -8.76 25.77 -27.25
C GLU D 282 -9.40 24.64 -26.44
N TYR D 283 -8.59 23.61 -26.09
CA TYR D 283 -9.08 22.39 -25.41
C TYR D 283 -8.70 22.27 -23.92
N PHE D 284 -8.24 23.37 -23.34
CA PHE D 284 -7.86 23.43 -21.93
C PHE D 284 -8.75 24.47 -21.24
N GLY D 285 -10.03 24.11 -21.10
CA GLY D 285 -11.07 25.02 -20.62
C GLY D 285 -11.26 25.12 -19.12
N HIS D 286 -10.28 24.62 -18.36
CA HIS D 286 -10.25 24.89 -16.94
C HIS D 286 -8.88 25.48 -16.55
N SER D 287 -8.79 25.94 -15.31
CA SER D 287 -7.56 26.47 -14.68
C SER D 287 -6.55 25.39 -14.31
N THR D 288 -5.32 25.80 -14.01
CA THR D 288 -4.21 24.87 -13.74
C THR D 288 -4.41 24.21 -12.37
N GLY D 289 -5.10 24.89 -11.46
CA GLY D 289 -5.54 24.22 -10.23
C GLY D 289 -6.00 25.12 -9.10
N HIS D 290 -6.13 24.55 -7.91
CA HIS D 290 -6.77 25.26 -6.82
C HIS D 290 -6.20 24.76 -5.49
N GLY D 291 -6.39 25.55 -4.44
CA GLY D 291 -6.05 25.09 -3.14
C GLY D 291 -6.89 23.88 -2.72
N ILE D 292 -6.31 23.11 -1.82
CA ILE D 292 -6.95 22.03 -1.14
C ILE D 292 -6.63 22.10 0.38
N GLY D 293 -7.46 21.46 1.18
CA GLY D 293 -7.37 21.50 2.63
C GLY D 293 -8.48 20.72 3.31
N LEU D 294 -9.10 21.38 4.28
CA LEU D 294 -10.33 20.89 4.86
C LEU D 294 -11.39 20.69 3.77
N GLU D 295 -11.26 21.42 2.68
CA GLU D 295 -12.18 21.30 1.54
C GLU D 295 -11.45 20.87 0.28
N ILE D 296 -12.20 20.25 -0.66
CA ILE D 296 -11.62 19.80 -1.93
C ILE D 296 -11.24 20.99 -2.79
N HIS D 297 -11.97 22.10 -2.66
CA HIS D 297 -11.67 23.32 -3.43
C HIS D 297 -11.67 24.56 -2.57
N GLU D 298 -10.51 25.20 -2.47
CA GLU D 298 -10.32 26.31 -1.58
C GLU D 298 -9.11 27.14 -2.08
N ALA D 299 -8.73 28.19 -1.35
CA ALA D 299 -7.76 29.16 -1.84
C ALA D 299 -6.37 28.55 -1.94
N PRO D 300 -5.55 29.01 -2.91
CA PRO D 300 -5.82 30.00 -3.93
C PRO D 300 -6.24 29.34 -5.22
N GLY D 301 -6.43 30.14 -6.25
CA GLY D 301 -6.63 29.61 -7.61
C GLY D 301 -5.43 29.88 -8.50
N LEU D 302 -5.04 28.88 -9.29
CA LEU D 302 -3.99 29.02 -10.29
C LEU D 302 -4.68 29.18 -11.64
N ALA D 303 -4.91 30.43 -12.03
CA ALA D 303 -5.76 30.78 -13.19
C ALA D 303 -5.37 32.16 -13.75
N PHE D 304 -5.75 32.44 -14.99
CA PHE D 304 -5.36 33.71 -15.65
C PHE D 304 -5.86 34.92 -14.86
N ARG D 305 -7.02 34.78 -14.22
CA ARG D 305 -7.67 35.84 -13.44
CA ARG D 305 -7.62 35.89 -13.46
C ARG D 305 -7.15 35.97 -11.98
N SER D 306 -6.19 35.14 -11.59
CA SER D 306 -5.70 35.19 -10.20
C SER D 306 -4.49 36.09 -10.08
N ASP D 307 -4.51 37.02 -9.13
CA ASP D 307 -3.29 37.75 -8.80
C ASP D 307 -2.79 37.45 -7.38
N THR D 308 -3.31 36.39 -6.78
CA THR D 308 -2.80 35.94 -5.49
C THR D 308 -1.35 35.52 -5.63
N VAL D 309 -0.50 35.99 -4.73
CA VAL D 309 0.89 35.60 -4.74
C VAL D 309 0.99 34.32 -3.95
N LEU D 310 1.60 33.29 -4.53
CA LEU D 310 1.79 32.05 -3.82
C LEU D 310 2.79 32.26 -2.68
N GLU D 311 2.57 31.58 -1.56
CA GLU D 311 3.41 31.67 -0.34
CA GLU D 311 3.49 31.65 -0.42
C GLU D 311 3.75 30.28 0.21
N PRO D 312 4.82 30.15 1.01
CA PRO D 312 5.07 28.80 1.58
C PRO D 312 3.97 28.25 2.46
N GLY D 313 3.70 26.96 2.30
CA GLY D 313 2.71 26.25 3.07
C GLY D 313 1.32 26.17 2.42
N MET D 314 1.11 26.90 1.32
CA MET D 314 -0.08 26.75 0.48
C MET D 314 -0.06 25.38 -0.18
N ALA D 315 -1.16 24.66 -0.04
CA ALA D 315 -1.32 23.39 -0.69
C ALA D 315 -2.22 23.62 -1.90
N VAL D 316 -1.74 23.24 -3.09
CA VAL D 316 -2.47 23.48 -4.34
C VAL D 316 -2.35 22.32 -5.37
N THR D 317 -3.27 22.25 -6.31
CA THR D 317 -3.24 21.20 -7.35
C THR D 317 -2.60 21.76 -8.58
N VAL D 318 -1.99 20.93 -9.38
CA VAL D 318 -1.44 21.35 -10.69
C VAL D 318 -1.96 20.29 -11.65
N GLU D 319 -2.94 20.65 -12.50
CA GLU D 319 -3.77 19.69 -13.18
C GLU D 319 -4.17 20.09 -14.60
N PRO D 320 -3.19 20.37 -15.45
CA PRO D 320 -3.64 20.75 -16.82
C PRO D 320 -4.27 19.58 -17.50
N GLY D 321 -5.10 19.85 -18.49
CA GLY D 321 -5.75 18.83 -19.27
C GLY D 321 -6.01 19.28 -20.69
N ILE D 322 -6.25 18.30 -21.57
CA ILE D 322 -6.71 18.56 -22.93
C ILE D 322 -7.88 17.66 -23.26
N TYR D 323 -8.96 18.22 -23.77
CA TYR D 323 -10.23 17.53 -23.93
C TYR D 323 -10.82 17.81 -25.33
N ILE D 324 -10.89 16.78 -26.18
CA ILE D 324 -11.33 16.91 -27.58
C ILE D 324 -12.60 16.08 -27.83
N PRO D 325 -13.79 16.73 -27.81
CA PRO D 325 -14.99 15.89 -27.88
C PRO D 325 -14.90 15.17 -29.18
N GLY D 326 -15.34 13.93 -29.22
CA GLY D 326 -15.20 13.10 -30.39
C GLY D 326 -13.96 12.23 -30.42
N ILE D 327 -13.01 12.46 -29.51
CA ILE D 327 -11.74 11.75 -29.50
C ILE D 327 -11.37 11.24 -28.10
N GLY D 328 -11.46 12.15 -27.13
CA GLY D 328 -11.08 11.85 -25.78
C GLY D 328 -10.36 12.99 -25.09
N GLY D 329 -9.78 12.66 -23.95
CA GLY D 329 -9.05 13.64 -23.15
C GLY D 329 -8.04 13.03 -22.23
N VAL D 330 -7.24 13.89 -21.62
CA VAL D 330 -6.15 13.52 -20.75
C VAL D 330 -6.02 14.61 -19.67
N ARG D 331 -6.05 14.28 -18.38
CA ARG D 331 -5.63 15.20 -17.31
C ARG D 331 -4.65 14.44 -16.46
N ILE D 332 -3.64 15.15 -15.98
CA ILE D 332 -2.65 14.65 -15.00
C ILE D 332 -2.48 15.68 -13.85
N GLU D 333 -2.75 15.25 -12.63
CA GLU D 333 -2.90 16.17 -11.49
C GLU D 333 -2.08 15.70 -10.35
N ASP D 334 -1.25 16.60 -9.82
CA ASP D 334 -0.54 16.36 -8.56
C ASP D 334 -1.04 17.32 -7.49
N ASP D 335 -0.90 16.92 -6.23
CA ASP D 335 -0.96 17.84 -5.10
C ASP D 335 0.46 18.25 -4.70
N ILE D 336 0.63 19.53 -4.41
CA ILE D 336 1.90 20.05 -4.01
C ILE D 336 1.76 20.96 -2.77
N ILE D 337 2.87 21.07 -2.03
CA ILE D 337 3.02 22.01 -0.96
C ILE D 337 4.06 23.00 -1.46
N VAL D 338 3.66 24.27 -1.63
CA VAL D 338 4.53 25.31 -2.11
C VAL D 338 5.60 25.59 -1.02
N THR D 339 6.87 25.72 -1.40
CA THR D 339 7.92 26.24 -0.50
C THR D 339 8.58 27.51 -1.02
N SER D 340 9.54 28.01 -0.24
CA SER D 340 10.37 29.16 -0.59
CA SER D 340 10.33 29.19 -0.63
C SER D 340 11.15 28.99 -1.91
N GLU D 341 11.64 27.80 -2.17
CA GLU D 341 12.45 27.61 -3.40
C GLU D 341 11.78 26.80 -4.53
N GLY D 342 10.66 26.13 -4.23
CA GLY D 342 9.87 25.44 -5.26
C GLY D 342 8.63 24.83 -4.64
N ASN D 343 8.59 23.50 -4.64
CA ASN D 343 7.53 22.80 -3.97
C ASN D 343 7.88 21.35 -3.60
N GLU D 344 7.03 20.71 -2.81
CA GLU D 344 7.08 19.28 -2.60
C GLU D 344 5.83 18.70 -3.25
N VAL D 345 5.99 17.77 -4.19
CA VAL D 345 4.90 16.95 -4.67
C VAL D 345 4.58 15.92 -3.63
N ILE D 346 3.30 15.77 -3.25
CA ILE D 346 2.91 14.78 -2.24
C ILE D 346 2.10 13.62 -2.87
N THR D 347 1.78 13.73 -4.15
CA THR D 347 1.12 12.64 -4.91
C THR D 347 2.17 11.98 -5.83
N LYS D 348 2.76 10.87 -5.34
CA LYS D 348 4.00 10.32 -5.90
C LYS D 348 3.81 9.28 -7.00
N SER D 349 2.59 8.89 -7.27
CA SER D 349 2.31 7.96 -8.37
C SER D 349 2.96 8.36 -9.71
N PRO D 350 3.43 7.37 -10.50
CA PRO D 350 4.06 7.78 -11.76
C PRO D 350 3.08 8.50 -12.69
N LYS D 351 3.66 9.30 -13.56
CA LYS D 351 2.92 10.08 -14.52
C LYS D 351 3.19 9.65 -15.97
N GLU D 352 4.04 8.66 -16.20
CA GLU D 352 4.18 8.10 -17.60
C GLU D 352 2.91 7.39 -17.95
N LEU D 353 2.62 7.30 -19.25
CA LEU D 353 1.44 6.55 -19.71
C LEU D 353 1.58 5.04 -19.43
N ILE D 354 0.65 4.51 -18.65
CA ILE D 354 0.58 3.08 -18.37
C ILE D 354 -0.50 2.53 -19.28
N ILE D 355 -0.19 1.43 -19.98
CA ILE D 355 -1.08 0.76 -20.92
C ILE D 355 -1.41 -0.55 -20.23
N LEU D 356 -2.68 -0.73 -19.86
CA LEU D 356 -3.15 -1.90 -19.12
C LEU D 356 -3.60 -3.01 -20.05
#